data_1KGK
# 
_entry.id   1KGK 
# 
_audit_conform.dict_name       mmcif_pdbx.dic 
_audit_conform.dict_version    5.386 
_audit_conform.dict_location   http://mmcif.pdb.org/dictionaries/ascii/mmcif_pdbx.dic 
# 
loop_
_database_2.database_id 
_database_2.database_code 
_database_2.pdbx_database_accession 
_database_2.pdbx_DOI 
PDB   1KGK         pdb_00001kgk 10.2210/pdb1kgk/pdb 
NDB   AD0025       ?            ?                   
RCSB  RCSB014933   ?            ?                   
WWPDB D_1000014933 ?            ?                   
# 
loop_
_pdbx_audit_revision_history.ordinal 
_pdbx_audit_revision_history.data_content_type 
_pdbx_audit_revision_history.major_revision 
_pdbx_audit_revision_history.minor_revision 
_pdbx_audit_revision_history.revision_date 
1 'Structure model' 1 0 2001-12-21 
2 'Structure model' 1 1 2008-04-27 
3 'Structure model' 1 2 2011-07-13 
4 'Structure model' 1 3 2024-02-14 
# 
_pdbx_audit_revision_details.ordinal             1 
_pdbx_audit_revision_details.revision_ordinal    1 
_pdbx_audit_revision_details.data_content_type   'Structure model' 
_pdbx_audit_revision_details.provider            repository 
_pdbx_audit_revision_details.type                'Initial release' 
_pdbx_audit_revision_details.description         ? 
_pdbx_audit_revision_details.details             ? 
# 
loop_
_pdbx_audit_revision_group.ordinal 
_pdbx_audit_revision_group.revision_ordinal 
_pdbx_audit_revision_group.data_content_type 
_pdbx_audit_revision_group.group 
1 2 'Structure model' 'Version format compliance' 
2 3 'Structure model' 'Version format compliance' 
3 4 'Structure model' 'Data collection'           
4 4 'Structure model' 'Database references'       
5 4 'Structure model' 'Derived calculations'      
# 
loop_
_pdbx_audit_revision_category.ordinal 
_pdbx_audit_revision_category.revision_ordinal 
_pdbx_audit_revision_category.data_content_type 
_pdbx_audit_revision_category.category 
1 4 'Structure model' chem_comp_atom 
2 4 'Structure model' chem_comp_bond 
3 4 'Structure model' database_2     
4 4 'Structure model' struct_conn    
5 4 'Structure model' struct_site    
# 
loop_
_pdbx_audit_revision_item.ordinal 
_pdbx_audit_revision_item.revision_ordinal 
_pdbx_audit_revision_item.data_content_type 
_pdbx_audit_revision_item.item 
1  4 'Structure model' '_database_2.pdbx_DOI'                
2  4 'Structure model' '_database_2.pdbx_database_accession' 
3  4 'Structure model' '_struct_conn.pdbx_dist_value'        
4  4 'Structure model' '_struct_conn.pdbx_leaving_atom_flag' 
5  4 'Structure model' '_struct_conn.ptnr1_auth_asym_id'     
6  4 'Structure model' '_struct_conn.ptnr1_auth_comp_id'     
7  4 'Structure model' '_struct_conn.ptnr1_auth_seq_id'      
8  4 'Structure model' '_struct_conn.ptnr1_label_asym_id'    
9  4 'Structure model' '_struct_conn.ptnr1_label_atom_id'    
10 4 'Structure model' '_struct_conn.ptnr1_label_comp_id'    
11 4 'Structure model' '_struct_conn.ptnr1_label_seq_id'     
12 4 'Structure model' '_struct_conn.ptnr2_auth_asym_id'     
13 4 'Structure model' '_struct_conn.ptnr2_auth_comp_id'     
14 4 'Structure model' '_struct_conn.ptnr2_auth_seq_id'      
15 4 'Structure model' '_struct_conn.ptnr2_label_asym_id'    
16 4 'Structure model' '_struct_conn.ptnr2_label_atom_id'    
17 4 'Structure model' '_struct_conn.ptnr2_label_comp_id'    
18 4 'Structure model' '_struct_conn.ptnr2_label_seq_id'     
19 4 'Structure model' '_struct_site.pdbx_auth_asym_id'      
20 4 'Structure model' '_struct_site.pdbx_auth_comp_id'      
21 4 'Structure model' '_struct_site.pdbx_auth_seq_id'       
# 
_pdbx_database_status.status_code                     REL 
_pdbx_database_status.entry_id                        1KGK 
_pdbx_database_status.recvd_initial_deposition_date   2001-11-27 
_pdbx_database_status.deposit_site                    RCSB 
_pdbx_database_status.process_site                    RCSB 
_pdbx_database_status.status_code_sf                  REL 
_pdbx_database_status.SG_entry                        . 
_pdbx_database_status.pdb_format_compatible           Y 
_pdbx_database_status.status_code_mr                  ? 
_pdbx_database_status.status_code_cs                  ? 
_pdbx_database_status.status_code_nmr_data            ? 
_pdbx_database_status.methods_development_category    ? 
# 
loop_
_audit_author.name 
_audit_author.pdbx_ordinal 
'Wilds, C.J.'   1 
'Maier, M.A.'   2 
'Tereshko, V.'  3 
'Manoharan, M.' 4 
'Egli, M.'      5 
# 
_citation.id                        primary 
_citation.title                     
'Direct Observation of a Cytosine Analogue that Forms Five Hydrogen Bonds to Guanosine:  Guanidino  G-Clamp' 
_citation.journal_abbrev            Angew.Chem.Int.Ed.Engl. 
_citation.journal_volume            41 
_citation.page_first                115 
_citation.page_last                 117 
_citation.year                      2002 
_citation.journal_id_ASTM           ACIEAY 
_citation.country                   GE 
_citation.journal_id_ISSN           0570-0833 
_citation.journal_id_CSD            0179 
_citation.book_publisher            ? 
_citation.pdbx_database_id_PubMed   12491456 
_citation.pdbx_database_id_DOI      '10.1002/1521-3773(20020104)41:1<115::AID-ANIE115>3.0.CO;2-R' 
# 
loop_
_citation_author.citation_id 
_citation_author.name 
_citation_author.ordinal 
_citation_author.identifier_ORCID 
primary 'Wilds, C.J.'   1 ? 
primary 'Maier, M.A.'   2 ? 
primary 'Tereshko, V.'  3 ? 
primary 'Manoharan, M.' 4 ? 
primary 'Egli, M.'      5 ? 
# 
loop_
_entity.id 
_entity.type 
_entity.src_method 
_entity.pdbx_description 
_entity.formula_weight 
_entity.pdbx_number_of_molecules 
_entity.pdbx_ec 
_entity.pdbx_mutation 
_entity.pdbx_fragment 
_entity.details 
1 polymer     syn "5'-D(*GP*(GCK)P*GP*TP*AP*TP*AP*CP*GP*C)-3'" 3237.199 2   ? ? ? ? 
2 non-polymer syn METHOXY-ETHOXYL                              75.086   2   ? ? ? ? 
3 non-polymer syn 'SPERMINE (FULLY PROTONATED FORM)'           206.372  1   ? ? ? ? 
4 water       nat water                                        18.015   155 ? ? ? ? 
# 
_entity_poly.entity_id                      1 
_entity_poly.type                           polydeoxyribonucleotide 
_entity_poly.nstd_linkage                   no 
_entity_poly.nstd_monomer                   yes 
_entity_poly.pdbx_seq_one_letter_code       '(DG)(GCK)(DG)(DT)(DA)(DT)(DA)(DC)(DG)(DC)' 
_entity_poly.pdbx_seq_one_letter_code_can   GCGTATACGC 
_entity_poly.pdbx_strand_id                 A,B 
_entity_poly.pdbx_target_identifier         ? 
# 
loop_
_pdbx_entity_nonpoly.entity_id 
_pdbx_entity_nonpoly.name 
_pdbx_entity_nonpoly.comp_id 
2 METHOXY-ETHOXYL                    MOE 
3 'SPERMINE (FULLY PROTONATED FORM)' SPK 
4 water                              HOH 
# 
loop_
_entity_poly_seq.entity_id 
_entity_poly_seq.num 
_entity_poly_seq.mon_id 
_entity_poly_seq.hetero 
1 1  DG  n 
1 2  GCK n 
1 3  DG  n 
1 4  DT  n 
1 5  DA  n 
1 6  DT  n 
1 7  DA  n 
1 8  DC  n 
1 9  DG  n 
1 10 DC  n 
# 
_pdbx_entity_src_syn.entity_id              1 
_pdbx_entity_src_syn.pdbx_src_id            1 
_pdbx_entity_src_syn.pdbx_alt_source_flag   sample 
_pdbx_entity_src_syn.pdbx_beg_seq_num       ? 
_pdbx_entity_src_syn.pdbx_end_seq_num       ? 
_pdbx_entity_src_syn.organism_scientific    ? 
_pdbx_entity_src_syn.organism_common_name   ? 
_pdbx_entity_src_syn.ncbi_taxonomy_id       ? 
_pdbx_entity_src_syn.details                'Solid phase chemical synthesis.' 
# 
loop_
_chem_comp.id 
_chem_comp.type 
_chem_comp.mon_nstd_flag 
_chem_comp.name 
_chem_comp.pdbx_synonyms 
_chem_comp.formula 
_chem_comp.formula_weight 
DA  'DNA linking' y "2'-DEOXYADENOSINE-5'-MONOPHOSPHATE" ? 'C10 H14 N5 O6 P'   331.222 
DC  'DNA linking' y "2'-DEOXYCYTIDINE-5'-MONOPHOSPHATE" ? 'C9 H14 N3 O7 P'    307.197 
DG  'DNA linking' y "2'-DEOXYGUANOSINE-5'-MONOPHOSPHATE" ? 'C10 H14 N5 O7 P'   347.221 
DT  'DNA linking' y "THYMIDINE-5'-MONOPHOSPHATE" ? 'C10 H15 N2 O8 P'   322.208 
GCK 'DNA linking' n 
;PHOSPHORIC ACID 9-(2-GUANIDINOETHOXY-3-(2-DEOXY-BETA-D-ERYTHROPENTOFURANOSYL))-3H-PYRIMIDO-[5,4-B][1,4]-BENZOOXAZIN-2-ONE]-5'-ESTER
;
? 'C18 H24 N6 O9 P 1' 499.392 
HOH non-polymer   . WATER ? 'H2 O'              18.015  
MOE non-polymer   . METHOXY-ETHOXYL ? 'C3 H7 O2 -1'       75.086  
SPK non-polymer   . 'SPERMINE (FULLY PROTONATED FORM)' ? 'C10 H30 N4 4'      206.372 
# 
loop_
_pdbx_poly_seq_scheme.asym_id 
_pdbx_poly_seq_scheme.entity_id 
_pdbx_poly_seq_scheme.seq_id 
_pdbx_poly_seq_scheme.mon_id 
_pdbx_poly_seq_scheme.ndb_seq_num 
_pdbx_poly_seq_scheme.pdb_seq_num 
_pdbx_poly_seq_scheme.auth_seq_num 
_pdbx_poly_seq_scheme.pdb_mon_id 
_pdbx_poly_seq_scheme.auth_mon_id 
_pdbx_poly_seq_scheme.pdb_strand_id 
_pdbx_poly_seq_scheme.pdb_ins_code 
_pdbx_poly_seq_scheme.hetero 
A 1 1  DG  1  1   1   DG  G   A . n 
A 1 2  GCK 2  2   2   GCK GCK A . n 
A 1 3  DG  3  3   3   DG  G   A . n 
A 1 4  DT  4  4   4   DT  T   A . n 
A 1 5  DA  5  5   5   DA  A   A . n 
A 1 6  DT  6  6   6   DT  T   A . n 
A 1 7  DA  7  7   7   DA  A   A . n 
A 1 8  DC  8  8   8   DC  C   A . n 
A 1 9  DG  9  9   9   DG  G   A . n 
A 1 10 DC  10 10  10  DC  C   A . n 
B 1 1  DG  1  111 111 DG  G   B . n 
B 1 2  GCK 2  112 112 GCK GCK B . n 
B 1 3  DG  3  113 113 DG  G   B . n 
B 1 4  DT  4  114 114 DT  T   B . n 
B 1 5  DA  5  115 115 DA  A   B . n 
B 1 6  DT  6  116 116 DT  T   B . n 
B 1 7  DA  7  117 117 DA  A   B . n 
B 1 8  DC  8  118 118 DC  C   B . n 
B 1 9  DG  9  119 119 DG  G   B . n 
B 1 10 DC  10 120 120 DC  C   B . n 
# 
loop_
_pdbx_nonpoly_scheme.asym_id 
_pdbx_nonpoly_scheme.entity_id 
_pdbx_nonpoly_scheme.mon_id 
_pdbx_nonpoly_scheme.ndb_seq_num 
_pdbx_nonpoly_scheme.pdb_seq_num 
_pdbx_nonpoly_scheme.auth_seq_num 
_pdbx_nonpoly_scheme.pdb_mon_id 
_pdbx_nonpoly_scheme.auth_mon_id 
_pdbx_nonpoly_scheme.pdb_strand_id 
_pdbx_nonpoly_scheme.pdb_ins_code 
C 2 MOE 1  306  306  MOE MOE A . 
D 3 SPK 1  221  221  SPK SPK A . 
E 2 MOE 1  316  316  MOE MOE B . 
F 4 HOH 1  1201 1201 HOH HOH A . 
F 4 HOH 2  1203 1203 HOH HOH A . 
F 4 HOH 3  1204 1204 HOH HOH A . 
F 4 HOH 4  1206 1206 HOH HOH A . 
F 4 HOH 5  1208 1208 HOH HOH A . 
F 4 HOH 6  1209 1209 HOH HOH A . 
F 4 HOH 7  1211 1211 HOH HOH A . 
F 4 HOH 8  1212 1212 HOH HOH A . 
F 4 HOH 9  1213 1213 HOH HOH A . 
F 4 HOH 10 1218 1218 HOH HOH A . 
F 4 HOH 11 1222 1222 HOH HOH A . 
F 4 HOH 12 1223 1223 HOH HOH A . 
F 4 HOH 13 1224 1224 HOH HOH A . 
F 4 HOH 14 1227 1227 HOH HOH A . 
F 4 HOH 15 1228 1228 HOH HOH A . 
F 4 HOH 16 1229 1229 HOH HOH A . 
F 4 HOH 17 1230 1230 HOH HOH A . 
F 4 HOH 18 1231 1231 HOH HOH A . 
F 4 HOH 19 1232 1232 HOH HOH A . 
F 4 HOH 20 1233 1233 HOH HOH A . 
F 4 HOH 21 1236 1236 HOH HOH A . 
F 4 HOH 22 1243 1243 HOH HOH A . 
F 4 HOH 23 1245 1245 HOH HOH A . 
F 4 HOH 24 1246 1246 HOH HOH A . 
F 4 HOH 25 1247 1247 HOH HOH A . 
F 4 HOH 26 1249 1249 HOH HOH A . 
F 4 HOH 27 1250 1250 HOH HOH A . 
F 4 HOH 28 1251 1251 HOH HOH A . 
F 4 HOH 29 1260 1260 HOH HOH A . 
F 4 HOH 30 1262 1262 HOH HOH A . 
F 4 HOH 31 1263 1263 HOH HOH A . 
F 4 HOH 32 1264 1264 HOH HOH A . 
F 4 HOH 33 1265 1265 HOH HOH A . 
F 4 HOH 34 1268 1268 HOH HOH A . 
F 4 HOH 35 1269 1269 HOH HOH A . 
F 4 HOH 36 1270 1270 HOH HOH A . 
F 4 HOH 37 1277 1277 HOH HOH A . 
F 4 HOH 38 1280 1280 HOH HOH A . 
F 4 HOH 39 1282 1282 HOH HOH A . 
F 4 HOH 40 1283 1283 HOH HOH A . 
F 4 HOH 41 1284 1284 HOH HOH A . 
F 4 HOH 42 1289 1289 HOH HOH A . 
F 4 HOH 43 1290 1290 HOH HOH A . 
F 4 HOH 44 1292 1292 HOH HOH A . 
F 4 HOH 45 1296 1296 HOH HOH A . 
F 4 HOH 46 1301 1301 HOH HOH A . 
F 4 HOH 47 1303 1303 HOH HOH A . 
F 4 HOH 48 1309 1309 HOH HOH A . 
F 4 HOH 49 1310 1310 HOH HOH A . 
F 4 HOH 50 1316 1316 HOH HOH A . 
F 4 HOH 51 1317 1317 HOH HOH A . 
F 4 HOH 52 1318 1318 HOH HOH A . 
F 4 HOH 53 1319 1319 HOH HOH A . 
F 4 HOH 54 1320 1320 HOH HOH A . 
F 4 HOH 55 1326 1326 HOH HOH A . 
F 4 HOH 56 1328 1328 HOH HOH A . 
F 4 HOH 57 1329 1329 HOH HOH A . 
F 4 HOH 58 1330 1330 HOH HOH A . 
F 4 HOH 59 1333 1333 HOH HOH A . 
F 4 HOH 60 1336 1336 HOH HOH A . 
F 4 HOH 61 1338 1338 HOH HOH A . 
F 4 HOH 62 1339 1339 HOH HOH A . 
F 4 HOH 63 1340 1340 HOH HOH A . 
F 4 HOH 64 1346 1346 HOH HOH A . 
F 4 HOH 65 1349 1349 HOH HOH A . 
F 4 HOH 66 1350 1350 HOH HOH A . 
F 4 HOH 67 1351 1351 HOH HOH A . 
F 4 HOH 68 1352 1352 HOH HOH A . 
F 4 HOH 69 1353 1353 HOH HOH A . 
F 4 HOH 70 1354 1354 HOH HOH A . 
F 4 HOH 71 1355 1355 HOH HOH A . 
F 4 HOH 72 1356 1356 HOH HOH A . 
F 4 HOH 73 1361 1361 HOH HOH A . 
F 4 HOH 74 1362 1362 HOH HOH A . 
F 4 HOH 75 1363 1363 HOH HOH A . 
F 4 HOH 76 1366 1366 HOH HOH A . 
F 4 HOH 77 1374 1374 HOH HOH A . 
F 4 HOH 78 1379 1379 HOH HOH A . 
G 4 HOH 1  1200 1200 HOH HOH B . 
G 4 HOH 2  1202 1202 HOH HOH B . 
G 4 HOH 3  1205 1205 HOH HOH B . 
G 4 HOH 4  1210 1210 HOH HOH B . 
G 4 HOH 5  1214 1214 HOH HOH B . 
G 4 HOH 6  1215 1215 HOH HOH B . 
G 4 HOH 7  1216 1216 HOH HOH B . 
G 4 HOH 8  1217 1217 HOH HOH B . 
G 4 HOH 9  1219 1219 HOH HOH B . 
G 4 HOH 10 1220 1220 HOH HOH B . 
G 4 HOH 11 1221 1221 HOH HOH B . 
G 4 HOH 12 1225 1225 HOH HOH B . 
G 4 HOH 13 1235 1235 HOH HOH B . 
G 4 HOH 14 1237 1237 HOH HOH B . 
G 4 HOH 15 1238 1238 HOH HOH B . 
G 4 HOH 16 1239 1239 HOH HOH B . 
G 4 HOH 17 1240 1240 HOH HOH B . 
G 4 HOH 18 1241 1241 HOH HOH B . 
G 4 HOH 19 1242 1242 HOH HOH B . 
G 4 HOH 20 1244 1244 HOH HOH B . 
G 4 HOH 21 1252 1252 HOH HOH B . 
G 4 HOH 22 1253 1253 HOH HOH B . 
G 4 HOH 23 1254 1254 HOH HOH B . 
G 4 HOH 24 1255 1255 HOH HOH B . 
G 4 HOH 25 1256 1256 HOH HOH B . 
G 4 HOH 26 1257 1257 HOH HOH B . 
G 4 HOH 27 1258 1258 HOH HOH B . 
G 4 HOH 28 1259 1259 HOH HOH B . 
G 4 HOH 29 1261 1261 HOH HOH B . 
G 4 HOH 30 1266 1266 HOH HOH B . 
G 4 HOH 31 1267 1267 HOH HOH B . 
G 4 HOH 32 1271 1271 HOH HOH B . 
G 4 HOH 33 1272 1272 HOH HOH B . 
G 4 HOH 34 1273 1273 HOH HOH B . 
G 4 HOH 35 1274 1274 HOH HOH B . 
G 4 HOH 36 1276 1276 HOH HOH B . 
G 4 HOH 37 1278 1278 HOH HOH B . 
G 4 HOH 38 1279 1279 HOH HOH B . 
G 4 HOH 39 1281 1281 HOH HOH B . 
G 4 HOH 40 1286 1286 HOH HOH B . 
G 4 HOH 41 1287 1287 HOH HOH B . 
G 4 HOH 42 1288 1288 HOH HOH B . 
G 4 HOH 43 1291 1291 HOH HOH B . 
G 4 HOH 44 1293 1293 HOH HOH B . 
G 4 HOH 45 1294 1294 HOH HOH B . 
G 4 HOH 46 1295 1295 HOH HOH B . 
G 4 HOH 47 1297 1297 HOH HOH B . 
G 4 HOH 48 1298 1298 HOH HOH B . 
G 4 HOH 49 1299 1299 HOH HOH B . 
G 4 HOH 50 1300 1300 HOH HOH B . 
G 4 HOH 51 1304 1304 HOH HOH B . 
G 4 HOH 52 1305 1305 HOH HOH B . 
G 4 HOH 53 1307 1307 HOH HOH B . 
G 4 HOH 54 1308 1308 HOH HOH B . 
G 4 HOH 55 1311 1311 HOH HOH B . 
G 4 HOH 56 1313 1313 HOH HOH B . 
G 4 HOH 57 1314 1314 HOH HOH B . 
G 4 HOH 58 1315 1315 HOH HOH B . 
G 4 HOH 59 1322 1322 HOH HOH B . 
G 4 HOH 60 1323 1323 HOH HOH B . 
G 4 HOH 61 1325 1325 HOH HOH B . 
G 4 HOH 62 1327 1327 HOH HOH B . 
G 4 HOH 63 1332 1332 HOH HOH B . 
G 4 HOH 64 1334 1334 HOH HOH B . 
G 4 HOH 65 1335 1335 HOH HOH B . 
G 4 HOH 66 1342 1342 HOH HOH B . 
G 4 HOH 67 1343 1343 HOH HOH B . 
G 4 HOH 68 1348 1348 HOH HOH B . 
G 4 HOH 69 1359 1359 HOH HOH B . 
G 4 HOH 70 1367 1367 HOH HOH B . 
G 4 HOH 71 1368 1368 HOH HOH B . 
G 4 HOH 72 1370 1370 HOH HOH B . 
G 4 HOH 73 1372 1372 HOH HOH B . 
G 4 HOH 74 1373 1373 HOH HOH B . 
G 4 HOH 75 1375 1375 HOH HOH B . 
G 4 HOH 76 1377 1377 HOH HOH B . 
G 4 HOH 77 1378 1378 HOH HOH B . 
# 
loop_
_software.name 
_software.classification 
_software.version 
_software.citation_id 
_software.pdbx_ordinal 
AMoRE     phasing          . ? 1 
SHELXL-97 refinement       . ? 2 
DENZO     'data reduction' . ? 3 
SCALEPACK 'data scaling'   . ? 4 
# 
_cell.entry_id           1KGK 
_cell.length_a           24.520 
_cell.length_b           43.020 
_cell.length_c           46.680 
_cell.angle_alpha        90.00 
_cell.angle_beta         90.00 
_cell.angle_gamma        90.00 
_cell.Z_PDB              8 
_cell.pdbx_unique_axis   ? 
# 
_symmetry.entry_id                         1KGK 
_symmetry.space_group_name_H-M             'P 21 21 21' 
_symmetry.pdbx_full_space_group_name_H-M   ? 
_symmetry.cell_setting                     ? 
_symmetry.Int_Tables_number                19 
# 
_exptl.entry_id          1KGK 
_exptl.method            'X-RAY DIFFRACTION' 
_exptl.crystals_number   ? 
# 
_exptl_crystal.id                    1 
_exptl_crystal.density_meas          ? 
_exptl_crystal.density_Matthews      1.84 
_exptl_crystal.density_percent_sol   33.07 
_exptl_crystal.description           ? 
# 
_exptl_crystal_grow.crystal_id      1 
_exptl_crystal_grow.method          'Hanging Drop' 
_exptl_crystal_grow.temp            298 
_exptl_crystal_grow.temp_details    ? 
_exptl_crystal_grow.pH              6.0 
_exptl_crystal_grow.pdbx_details    
;1.2 mM DNA, 5% MPD, 20 mM Sodium Cacodylate, 40 mM sodium chloride, 6 mM potassium chloride, 10 mM magnesium chloride; equilibrated against 35% MPD, pH 6.0, Hanging Drop, temperature 298K
;
_exptl_crystal_grow.pdbx_pH_range   ? 
# 
loop_
_exptl_crystal_grow_comp.crystal_id 
_exptl_crystal_grow_comp.id 
_exptl_crystal_grow_comp.sol_id 
_exptl_crystal_grow_comp.name 
_exptl_crystal_grow_comp.volume 
_exptl_crystal_grow_comp.conc 
_exptl_crystal_grow_comp.details 
1 1  1 MPD                 ? ? ? 
1 2  1 'Sodium Cacodylate' ? ? ? 
1 3  1 NaCl                ? ? ? 
1 4  1 KCl                 ? ? ? 
1 5  1 MgCl2               ? ? ? 
1 6  1 MPD                 ? ? ? 
1 7  2 NaCl                ? ? ? 
1 8  2 KCl                 ? ? ? 
1 9  2 MgCl2               ? ? ? 
1 10 2 MPD                 ? ? ? 
1 11 2 'Sodium Cacodylate' ? ? ? 
# 
_diffrn.id                     1 
_diffrn.ambient_temp           120 
_diffrn.ambient_temp_details   ? 
_diffrn.crystal_id             1 
# 
_diffrn_detector.diffrn_id              1 
_diffrn_detector.detector               CCD 
_diffrn_detector.type                   MARRESEARCH 
_diffrn_detector.pdbx_collection_date   2000-04-29 
_diffrn_detector.details                mirrors 
# 
_diffrn_radiation.diffrn_id                        1 
_diffrn_radiation.wavelength_id                    1 
_diffrn_radiation.pdbx_monochromatic_or_laue_m_l   M 
_diffrn_radiation.monochromator                    ? 
_diffrn_radiation.pdbx_diffrn_protocol             'SINGLE WAVELENGTH' 
_diffrn_radiation.pdbx_scattering_type             x-ray 
# 
_diffrn_radiation_wavelength.id           1 
_diffrn_radiation_wavelength.wavelength   0.978 
_diffrn_radiation_wavelength.wt           1.0 
# 
_diffrn_source.diffrn_id                   1 
_diffrn_source.source                      SYNCHROTRON 
_diffrn_source.type                        'APS BEAMLINE 5ID-B' 
_diffrn_source.pdbx_synchrotron_site       APS 
_diffrn_source.pdbx_synchrotron_beamline   5ID-B 
_diffrn_source.pdbx_wavelength             ? 
_diffrn_source.pdbx_wavelength_list        0.978 
# 
_reflns.entry_id                     1KGK 
_reflns.observed_criterion_sigma_I   ? 
_reflns.observed_criterion_sigma_F   ? 
_reflns.d_resolution_low             10 
_reflns.d_resolution_high            1.0 
_reflns.number_obs                   27320 
_reflns.number_all                   27320 
_reflns.percent_possible_obs         99.6 
_reflns.pdbx_Rmerge_I_obs            0.0470000 
_reflns.pdbx_Rsym_value              ? 
_reflns.pdbx_netI_over_sigmaI        ? 
_reflns.B_iso_Wilson_estimate        ? 
_reflns.pdbx_redundancy              ? 
_reflns.R_free_details               ? 
_reflns.pdbx_diffrn_id               1 
_reflns.pdbx_ordinal                 1 
# 
_reflns_shell.d_res_high             1.0 
_reflns_shell.d_res_low              1.1 
_reflns_shell.percent_possible_all   99.6 
_reflns_shell.Rmerge_I_obs           ? 
_reflns_shell.pdbx_Rsym_value        ? 
_reflns_shell.meanI_over_sigI_obs    ? 
_reflns_shell.pdbx_redundancy        ? 
_reflns_shell.percent_possible_obs   ? 
_reflns_shell.number_unique_all      ? 
_reflns_shell.pdbx_diffrn_id         ? 
_reflns_shell.pdbx_ordinal           1 
# 
_refine.entry_id                                 1KGK 
_refine.ls_number_reflns_obs                     27320 
_refine.ls_number_reflns_all                     27320 
_refine.pdbx_ls_sigma_I                          ? 
_refine.pdbx_ls_sigma_F                          ? 
_refine.pdbx_data_cutoff_high_absF               ? 
_refine.pdbx_data_cutoff_low_absF                ? 
_refine.ls_d_res_low                             10 
_refine.ls_d_res_high                            1.0 
_refine.ls_percent_reflns_obs                    99.6 
_refine.ls_R_factor_obs                          ? 
_refine.ls_R_factor_all                          0.1280000 
_refine.ls_R_factor_R_work                       ? 
_refine.ls_R_factor_R_free                       ? 
_refine.ls_R_factor_R_free_error                 ? 
_refine.ls_R_factor_R_free_error_details         ? 
_refine.ls_percent_reflns_R_free                 ? 
_refine.ls_number_reflns_R_free                  ? 
_refine.ls_number_parameters                     5528 
_refine.ls_number_restraints                     26595 
_refine.occupancy_min                            ? 
_refine.occupancy_max                            ? 
_refine.B_iso_mean                               ? 
_refine.aniso_B[1][1]                            ? 
_refine.aniso_B[2][2]                            ? 
_refine.aniso_B[3][3]                            ? 
_refine.aniso_B[1][2]                            ? 
_refine.aniso_B[1][3]                            ? 
_refine.aniso_B[2][3]                            ? 
_refine.solvent_model_details                    ? 
_refine.solvent_model_param_ksol                 ? 
_refine.solvent_model_param_bsol                 ? 
_refine.pdbx_ls_cross_valid_method               ? 
_refine.details                                  ? 
_refine.pdbx_starting_model                      ? 
_refine.pdbx_method_to_determine_struct          'MOLECULAR REPLACEMENT' 
_refine.pdbx_isotropic_thermal_model             ? 
_refine.pdbx_stereochemistry_target_values       ? 
_refine.pdbx_stereochem_target_val_spec_case     ? 
_refine.pdbx_R_Free_selection_details            ? 
_refine.pdbx_overall_ESU_R_Free                  ? 
_refine.overall_SU_B                             ? 
_refine.ls_redundancy_reflns_obs                 ? 
_refine.correlation_coeff_Fo_to_Fc               ? 
_refine.correlation_coeff_Fo_to_Fc_free          ? 
_refine.overall_SU_R_Cruickshank_DPI             ? 
_refine.overall_SU_R_free                        ? 
_refine.overall_SU_ML                            ? 
_refine.pdbx_overall_ESU_R                       ? 
_refine.pdbx_data_cutoff_high_rms_absF           ? 
_refine.pdbx_refine_id                           'X-RAY DIFFRACTION' 
_refine.pdbx_diffrn_id                           1 
_refine.pdbx_TLS_residual_ADP_flag               ? 
_refine.pdbx_solvent_vdw_probe_radii             ? 
_refine.pdbx_solvent_ion_probe_radii             ? 
_refine.pdbx_solvent_shrinkage_radii             ? 
_refine.pdbx_overall_phase_error                 ? 
_refine.pdbx_overall_SU_R_free_Cruickshank_DPI   ? 
_refine.pdbx_overall_SU_R_Blow_DPI               ? 
_refine.pdbx_overall_SU_R_free_Blow_DPI          ? 
# 
_refine_analyze.entry_id                        1KGK 
_refine_analyze.Luzzati_coordinate_error_obs    ? 
_refine_analyze.Luzzati_sigma_a_obs             ? 
_refine_analyze.Luzzati_d_res_low_obs           ? 
_refine_analyze.Luzzati_coordinate_error_free   ? 
_refine_analyze.Luzzati_sigma_a_free            ? 
_refine_analyze.Luzzati_d_res_low_free          ? 
_refine_analyze.number_disordered_residues      ? 
_refine_analyze.occupancy_sum_hydrogen          283.5 
_refine_analyze.occupancy_sum_non_hydrogen      608 
_refine_analyze.pdbx_refine_id                  'X-RAY DIFFRACTION' 
# 
_refine_hist.pdbx_refine_id                   'X-RAY DIFFRACTION' 
_refine_hist.cycle_id                         LAST 
_refine_hist.pdbx_number_atoms_protein        0 
_refine_hist.pdbx_number_atoms_nucleic_acid   686 
_refine_hist.pdbx_number_atoms_ligand         68 
_refine_hist.number_atoms_solvent             155 
_refine_hist.number_atoms_total               909 
_refine_hist.d_res_high                       1.0 
_refine_hist.d_res_low                        10 
# 
loop_
_refine_ls_restr.type 
_refine_ls_restr.dev_ideal 
_refine_ls_restr.dev_ideal_target 
_refine_ls_restr.weight 
_refine_ls_restr.number 
_refine_ls_restr.pdbx_refine_id 
_refine_ls_restr.pdbx_restraint_function 
s_bond_d              0.015 ? ? ? 'X-RAY DIFFRACTION' ? 
s_angle_d             0.021 ? ? ? 'X-RAY DIFFRACTION' ? 
s_from_restr_planes   0.222 ? ? ? 'X-RAY DIFFRACTION' ? 
s_zero_chiral_vol     0.000 ? ? ? 'X-RAY DIFFRACTION' ? 
s_non_zero_chiral_vol 0.055 ? ? ? 'X-RAY DIFFRACTION' ? 
# 
_pdbx_refine.entry_id                                    1KGK 
_pdbx_refine.R_factor_all_no_cutoff                      ? 
_pdbx_refine.R_factor_obs_no_cutoff                      ? 
_pdbx_refine.free_R_factor_no_cutoff                     ? 
_pdbx_refine.free_R_val_test_set_size_perc_no_cutoff     ? 
_pdbx_refine.free_R_val_test_set_ct_no_cutoff            ? 
_pdbx_refine.R_factor_all_4sig_cutoff                    0.1260000 
_pdbx_refine.R_factor_obs_4sig_cutoff                    ? 
_pdbx_refine.free_R_factor_4sig_cutoff                   ? 
_pdbx_refine.free_R_val_test_set_size_perc_4sig_cutoff   ? 
_pdbx_refine.free_R_val_test_set_ct_4sig_cutoff          ? 
_pdbx_refine.number_reflns_obs_4sig_cutoff               26023 
_pdbx_refine.number_reflns_obs_no_cutoff                 ? 
_pdbx_refine.pdbx_refine_id                              'X-RAY DIFFRACTION' 
_pdbx_refine.free_R_error_no_cutoff                      ? 
# 
_struct.entry_id                  1KGK 
_struct.title                     
'Direct Observation of a Cytosine Analog that Forms Five Hydrogen Bonds to Guanosine; Guanyl G-Clamp' 
_struct.pdbx_model_details        ? 
_struct.pdbx_CASP_flag            ? 
_struct.pdbx_model_type_details   ? 
# 
_struct_keywords.entry_id        1KGK 
_struct_keywords.pdbx_keywords   DNA 
_struct_keywords.text            'A-form Double Helix, cytosine analogue, DNA' 
# 
loop_
_struct_asym.id 
_struct_asym.pdbx_blank_PDB_chainid_flag 
_struct_asym.pdbx_modified 
_struct_asym.entity_id 
_struct_asym.details 
A N N 1 ? 
B N N 1 ? 
C N N 2 ? 
D N N 3 ? 
E N N 2 ? 
F N N 4 ? 
G N N 4 ? 
# 
_struct_ref.id                         1 
_struct_ref.entity_id                  1 
_struct_ref.db_name                    PDB 
_struct_ref.db_code                    1KGK 
_struct_ref.pdbx_db_accession          1KGK 
_struct_ref.pdbx_db_isoform            ? 
_struct_ref.pdbx_seq_one_letter_code   ? 
_struct_ref.pdbx_align_begin           ? 
# 
loop_
_struct_ref_seq.align_id 
_struct_ref_seq.ref_id 
_struct_ref_seq.pdbx_PDB_id_code 
_struct_ref_seq.pdbx_strand_id 
_struct_ref_seq.seq_align_beg 
_struct_ref_seq.pdbx_seq_align_beg_ins_code 
_struct_ref_seq.seq_align_end 
_struct_ref_seq.pdbx_seq_align_end_ins_code 
_struct_ref_seq.pdbx_db_accession 
_struct_ref_seq.db_align_beg 
_struct_ref_seq.pdbx_db_align_beg_ins_code 
_struct_ref_seq.db_align_end 
_struct_ref_seq.pdbx_db_align_end_ins_code 
_struct_ref_seq.pdbx_auth_seq_align_beg 
_struct_ref_seq.pdbx_auth_seq_align_end 
1 1 1KGK A 1 ? 10 ? 1KGK 1   ? 10  ? 1   10  
2 1 1KGK B 1 ? 10 ? 1KGK 111 ? 120 ? 111 120 
# 
_pdbx_struct_assembly.id                   1 
_pdbx_struct_assembly.details              author_defined_assembly 
_pdbx_struct_assembly.method_details       ? 
_pdbx_struct_assembly.oligomeric_details   dimeric 
_pdbx_struct_assembly.oligomeric_count     2 
# 
_pdbx_struct_assembly_gen.assembly_id       1 
_pdbx_struct_assembly_gen.oper_expression   1 
_pdbx_struct_assembly_gen.asym_id_list      A,B,C,D,E,F,G 
# 
_pdbx_struct_oper_list.id                   1 
_pdbx_struct_oper_list.type                 'identity operation' 
_pdbx_struct_oper_list.name                 1_555 
_pdbx_struct_oper_list.symmetry_operation   x,y,z 
_pdbx_struct_oper_list.matrix[1][1]         1.0000000000 
_pdbx_struct_oper_list.matrix[1][2]         0.0000000000 
_pdbx_struct_oper_list.matrix[1][3]         0.0000000000 
_pdbx_struct_oper_list.vector[1]            0.0000000000 
_pdbx_struct_oper_list.matrix[2][1]         0.0000000000 
_pdbx_struct_oper_list.matrix[2][2]         1.0000000000 
_pdbx_struct_oper_list.matrix[2][3]         0.0000000000 
_pdbx_struct_oper_list.vector[2]            0.0000000000 
_pdbx_struct_oper_list.matrix[3][1]         0.0000000000 
_pdbx_struct_oper_list.matrix[3][2]         0.0000000000 
_pdbx_struct_oper_list.matrix[3][3]         1.0000000000 
_pdbx_struct_oper_list.vector[3]            0.0000000000 
# 
_struct_biol.id                    1 
_struct_biol.pdbx_parent_biol_id   ? 
_struct_biol.details               ? 
# 
loop_
_struct_conn.id 
_struct_conn.conn_type_id 
_struct_conn.pdbx_leaving_atom_flag 
_struct_conn.pdbx_PDB_id 
_struct_conn.ptnr1_label_asym_id 
_struct_conn.ptnr1_label_comp_id 
_struct_conn.ptnr1_label_seq_id 
_struct_conn.ptnr1_label_atom_id 
_struct_conn.pdbx_ptnr1_label_alt_id 
_struct_conn.pdbx_ptnr1_PDB_ins_code 
_struct_conn.pdbx_ptnr1_standard_comp_id 
_struct_conn.ptnr1_symmetry 
_struct_conn.ptnr2_label_asym_id 
_struct_conn.ptnr2_label_comp_id 
_struct_conn.ptnr2_label_seq_id 
_struct_conn.ptnr2_label_atom_id 
_struct_conn.pdbx_ptnr2_label_alt_id 
_struct_conn.pdbx_ptnr2_PDB_ins_code 
_struct_conn.ptnr1_auth_asym_id 
_struct_conn.ptnr1_auth_comp_id 
_struct_conn.ptnr1_auth_seq_id 
_struct_conn.ptnr2_auth_asym_id 
_struct_conn.ptnr2_auth_comp_id 
_struct_conn.ptnr2_auth_seq_id 
_struct_conn.ptnr2_symmetry 
_struct_conn.pdbx_ptnr3_label_atom_id 
_struct_conn.pdbx_ptnr3_label_seq_id 
_struct_conn.pdbx_ptnr3_label_comp_id 
_struct_conn.pdbx_ptnr3_label_asym_id 
_struct_conn.pdbx_ptnr3_label_alt_id 
_struct_conn.pdbx_ptnr3_PDB_ins_code 
_struct_conn.details 
_struct_conn.pdbx_dist_value 
_struct_conn.pdbx_value_order 
_struct_conn.pdbx_role 
covale1  covale both ? A DG  1  "O3'" ? ? ? 1_555 A GCK 2  P     ? ? A DG  1   A GCK 2   1_555 ? ? ? ? ? ? ?            1.561 ? ? 
covale2  covale both ? A GCK 2  "O3'" ? ? ? 1_555 A DG  3  P     ? ? A GCK 2   A DG  3   1_555 ? ? ? ? ? ? ?            1.582 ? ? 
covale3  covale none ? A DT  6  "C2'" ? ? ? 1_555 C MOE .  "O2'" ? ? A DT  6   A MOE 306 1_555 ? ? ? ? ? ? ?            1.408 ? ? 
covale4  covale both ? B DG  1  "O3'" ? ? ? 1_555 B GCK 2  P     ? ? B DG  111 B GCK 112 1_555 ? ? ? ? ? ? ?            1.538 ? ? 
covale5  covale both ? B GCK 2  "O3'" ? ? ? 1_555 B DG  3  P     ? ? B GCK 112 B DG  113 1_555 ? ? ? ? ? ? ?            1.592 ? ? 
covale6  covale none ? B DT  6  "C2'" ? ? ? 1_555 E MOE .  "O2'" ? ? B DT  116 B MOE 316 1_555 ? ? ? ? ? ? ?            1.448 ? ? 
hydrog1  hydrog ?    ? A DG  1  N1    ? ? ? 1_555 B DC  10 N3    ? ? A DG  1   B DC  120 1_555 ? ? ? ? ? ? WATSON-CRICK ?     ? ? 
hydrog2  hydrog ?    ? A DG  1  N2    ? ? ? 1_555 B DC  10 O2    ? ? A DG  1   B DC  120 1_555 ? ? ? ? ? ? WATSON-CRICK ?     ? ? 
hydrog3  hydrog ?    ? A DG  1  O6    ? ? ? 1_555 B DC  10 N4    ? ? A DG  1   B DC  120 1_555 ? ? ? ? ? ? WATSON-CRICK ?     ? ? 
hydrog4  hydrog ?    ? A GCK 2  N3    ? ? ? 1_555 B DG  9  N1    ? ? A GCK 2   B DG  119 1_555 ? ? ? ? ? ? WATSON-CRICK ?     ? ? 
hydrog5  hydrog ?    ? A GCK 2  N4    ? ? ? 1_555 B DG  9  O6    ? ? A GCK 2   B DG  119 1_555 ? ? ? ? ? ? WATSON-CRICK ?     ? ? 
hydrog6  hydrog ?    ? A GCK 2  O2    ? ? ? 1_555 B DG  9  N2    ? ? A GCK 2   B DG  119 1_555 ? ? ? ? ? ? WATSON-CRICK ?     ? ? 
hydrog7  hydrog ?    ? A DG  3  N1    ? ? ? 1_555 B DC  8  N3    ? ? A DG  3   B DC  118 1_555 ? ? ? ? ? ? WATSON-CRICK ?     ? ? 
hydrog8  hydrog ?    ? A DG  3  N2    ? ? ? 1_555 B DC  8  O2    ? ? A DG  3   B DC  118 1_555 ? ? ? ? ? ? WATSON-CRICK ?     ? ? 
hydrog9  hydrog ?    ? A DG  3  O6    ? ? ? 1_555 B DC  8  N4    ? ? A DG  3   B DC  118 1_555 ? ? ? ? ? ? WATSON-CRICK ?     ? ? 
hydrog10 hydrog ?    ? A DT  4  N3    ? ? ? 1_555 B DA  7  N1    ? ? A DT  4   B DA  117 1_555 ? ? ? ? ? ? WATSON-CRICK ?     ? ? 
hydrog11 hydrog ?    ? A DT  4  O4    ? ? ? 1_555 B DA  7  N6    ? ? A DT  4   B DA  117 1_555 ? ? ? ? ? ? WATSON-CRICK ?     ? ? 
hydrog12 hydrog ?    ? A DA  5  N1    ? ? ? 1_555 B DT  6  N3    ? ? A DA  5   B DT  116 1_555 ? ? ? ? ? ? WATSON-CRICK ?     ? ? 
hydrog13 hydrog ?    ? A DA  5  N6    ? ? ? 1_555 B DT  6  O4    ? ? A DA  5   B DT  116 1_555 ? ? ? ? ? ? WATSON-CRICK ?     ? ? 
hydrog14 hydrog ?    ? A DT  6  N3    ? ? ? 1_555 B DA  5  N1    ? ? A DT  6   B DA  115 1_555 ? ? ? ? ? ? WATSON-CRICK ?     ? ? 
hydrog15 hydrog ?    ? A DT  6  O4    ? ? ? 1_555 B DA  5  N6    ? ? A DT  6   B DA  115 1_555 ? ? ? ? ? ? WATSON-CRICK ?     ? ? 
hydrog16 hydrog ?    ? A DA  7  N1    ? ? ? 1_555 B DT  4  N3    ? ? A DA  7   B DT  114 1_555 ? ? ? ? ? ? WATSON-CRICK ?     ? ? 
hydrog17 hydrog ?    ? A DA  7  N6    ? ? ? 1_555 B DT  4  O4    ? ? A DA  7   B DT  114 1_555 ? ? ? ? ? ? WATSON-CRICK ?     ? ? 
hydrog18 hydrog ?    ? A DC  8  N3    ? ? ? 1_555 B DG  3  N1    ? ? A DC  8   B DG  113 1_555 ? ? ? ? ? ? WATSON-CRICK ?     ? ? 
hydrog19 hydrog ?    ? A DC  8  N4    ? ? ? 1_555 B DG  3  O6    ? ? A DC  8   B DG  113 1_555 ? ? ? ? ? ? WATSON-CRICK ?     ? ? 
hydrog20 hydrog ?    ? A DC  8  O2    ? ? ? 1_555 B DG  3  N2    ? ? A DC  8   B DG  113 1_555 ? ? ? ? ? ? WATSON-CRICK ?     ? ? 
hydrog21 hydrog ?    ? A DG  9  N1    ? ? ? 1_555 B GCK 2  N3    ? ? A DG  9   B GCK 112 1_555 ? ? ? ? ? ? WATSON-CRICK ?     ? ? 
hydrog22 hydrog ?    ? A DG  9  N2    ? ? ? 1_555 B GCK 2  O2    ? ? A DG  9   B GCK 112 1_555 ? ? ? ? ? ? WATSON-CRICK ?     ? ? 
hydrog23 hydrog ?    ? A DG  9  O6    ? ? ? 1_555 B GCK 2  N4    ? ? A DG  9   B GCK 112 1_555 ? ? ? ? ? ? WATSON-CRICK ?     ? ? 
hydrog24 hydrog ?    ? A DC  10 N3    ? ? ? 1_555 B DG  1  N1    ? ? A DC  10  B DG  111 1_555 ? ? ? ? ? ? WATSON-CRICK ?     ? ? 
hydrog25 hydrog ?    ? A DC  10 N4    ? ? ? 1_555 B DG  1  O6    ? ? A DC  10  B DG  111 1_555 ? ? ? ? ? ? WATSON-CRICK ?     ? ? 
hydrog26 hydrog ?    ? A DC  10 O2    ? ? ? 1_555 B DG  1  N2    ? ? A DC  10  B DG  111 1_555 ? ? ? ? ? ? WATSON-CRICK ?     ? ? 
# 
loop_
_struct_conn_type.id 
_struct_conn_type.criteria 
_struct_conn_type.reference 
covale ? ? 
hydrog ? ? 
# 
loop_
_struct_site.id 
_struct_site.pdbx_evidence_code 
_struct_site.pdbx_auth_asym_id 
_struct_site.pdbx_auth_comp_id 
_struct_site.pdbx_auth_seq_id 
_struct_site.pdbx_auth_ins_code 
_struct_site.pdbx_num_residues 
_struct_site.details 
AC1 Software A MOE 306 ? 3  'BINDING SITE FOR RESIDUE MOE A 306' 
AC2 Software B MOE 316 ? 4  'BINDING SITE FOR RESIDUE MOE B 316' 
AC3 Software A SPK 221 ? 12 'BINDING SITE FOR RESIDUE SPK A 221' 
# 
loop_
_struct_site_gen.id 
_struct_site_gen.site_id 
_struct_site_gen.pdbx_num_res 
_struct_site_gen.label_comp_id 
_struct_site_gen.label_asym_id 
_struct_site_gen.label_seq_id 
_struct_site_gen.pdbx_auth_ins_code 
_struct_site_gen.auth_comp_id 
_struct_site_gen.auth_asym_id 
_struct_site_gen.auth_seq_id 
_struct_site_gen.label_atom_id 
_struct_site_gen.label_alt_id 
_struct_site_gen.symmetry 
_struct_site_gen.details 
1  AC1 3  DG  A 1 ? DG  A 1    . ? 3_555 ? 
2  AC1 3  DT  A 6 ? DT  A 6    . ? 1_555 ? 
3  AC1 3  DA  A 7 ? DA  A 7    . ? 1_555 ? 
4  AC2 4  GCK A 2 ? GCK A 2    . ? 3_555 ? 
5  AC2 4  DT  B 6 ? DT  B 116  . ? 1_555 ? 
6  AC2 4  DA  B 7 ? DA  B 117  . ? 1_555 ? 
7  AC2 4  HOH G . ? HOH B 1255 . ? 1_555 ? 
8  AC3 12 GCK A 2 ? GCK A 2    . ? 1_555 ? 
9  AC3 12 HOH F . ? HOH A 1204 . ? 1_555 ? 
10 AC3 12 HOH F . ? HOH A 1206 . ? 1_555 ? 
11 AC3 12 HOH F . ? HOH A 1230 . ? 1_555 ? 
12 AC3 12 HOH F . ? HOH A 1262 . ? 1_555 ? 
13 AC3 12 HOH F . ? HOH A 1329 . ? 1_455 ? 
14 AC3 12 HOH F . ? HOH A 1354 . ? 1_555 ? 
15 AC3 12 DA  B 5 ? DA  B 115  . ? 1_555 ? 
16 AC3 12 DT  B 6 ? DT  B 116  . ? 1_555 ? 
17 AC3 12 HOH G . ? HOH B 1215 . ? 1_555 ? 
18 AC3 12 HOH G . ? HOH B 1299 . ? 1_555 ? 
19 AC3 12 HOH G . ? HOH B 1373 . ? 1_455 ? 
# 
loop_
_pdbx_validate_close_contact.id 
_pdbx_validate_close_contact.PDB_model_num 
_pdbx_validate_close_contact.auth_atom_id_1 
_pdbx_validate_close_contact.auth_asym_id_1 
_pdbx_validate_close_contact.auth_comp_id_1 
_pdbx_validate_close_contact.auth_seq_id_1 
_pdbx_validate_close_contact.PDB_ins_code_1 
_pdbx_validate_close_contact.label_alt_id_1 
_pdbx_validate_close_contact.auth_atom_id_2 
_pdbx_validate_close_contact.auth_asym_id_2 
_pdbx_validate_close_contact.auth_comp_id_2 
_pdbx_validate_close_contact.auth_seq_id_2 
_pdbx_validate_close_contact.PDB_ins_code_2 
_pdbx_validate_close_contact.label_alt_id_2 
_pdbx_validate_close_contact.dist 
1 1 "HO5'" A DG  1    ? B O A HOH 1317 ? ? 1.53 
2 1 O      B HOH 1241 ? ? O B HOH 1375 ? ? 1.66 
3 1 O      A HOH 1310 ? ? O A HOH 1352 ? ? 1.73 
4 1 O      B HOH 1314 ? ? O B HOH 1315 ? ? 1.82 
5 1 "O5'"  A DG  1    ? B O A HOH 1317 ? ? 2.10 
6 1 N1     A SPK 221  ? ? O A HOH 1354 ? ? 2.11 
7 1 O      B HOH 1288 ? ? O B HOH 1307 ? ? 2.15 
8 1 O      B HOH 1313 ? ? O B HOH 1335 ? ? 2.18 
# 
loop_
_pdbx_validate_symm_contact.id 
_pdbx_validate_symm_contact.PDB_model_num 
_pdbx_validate_symm_contact.auth_atom_id_1 
_pdbx_validate_symm_contact.auth_asym_id_1 
_pdbx_validate_symm_contact.auth_comp_id_1 
_pdbx_validate_symm_contact.auth_seq_id_1 
_pdbx_validate_symm_contact.PDB_ins_code_1 
_pdbx_validate_symm_contact.label_alt_id_1 
_pdbx_validate_symm_contact.site_symmetry_1 
_pdbx_validate_symm_contact.auth_atom_id_2 
_pdbx_validate_symm_contact.auth_asym_id_2 
_pdbx_validate_symm_contact.auth_comp_id_2 
_pdbx_validate_symm_contact.auth_seq_id_2 
_pdbx_validate_symm_contact.PDB_ins_code_2 
_pdbx_validate_symm_contact.label_alt_id_2 
_pdbx_validate_symm_contact.site_symmetry_2 
_pdbx_validate_symm_contact.dist 
1 1 H1C A SPK 221  ? ? 1_555 O A HOH 1329 ? ? 1_455 1.60 
2 1 O   A HOH 1316 ? ? 1_555 O B HOH 1255 ? ? 3_545 2.11 
3 1 O   A HOH 1333 ? ? 1_555 O B HOH 1276 ? ? 3_555 2.17 
# 
loop_
_pdbx_validate_rmsd_bond.id 
_pdbx_validate_rmsd_bond.PDB_model_num 
_pdbx_validate_rmsd_bond.auth_atom_id_1 
_pdbx_validate_rmsd_bond.auth_asym_id_1 
_pdbx_validate_rmsd_bond.auth_comp_id_1 
_pdbx_validate_rmsd_bond.auth_seq_id_1 
_pdbx_validate_rmsd_bond.PDB_ins_code_1 
_pdbx_validate_rmsd_bond.label_alt_id_1 
_pdbx_validate_rmsd_bond.auth_atom_id_2 
_pdbx_validate_rmsd_bond.auth_asym_id_2 
_pdbx_validate_rmsd_bond.auth_comp_id_2 
_pdbx_validate_rmsd_bond.auth_seq_id_2 
_pdbx_validate_rmsd_bond.PDB_ins_code_2 
_pdbx_validate_rmsd_bond.label_alt_id_2 
_pdbx_validate_rmsd_bond.bond_value 
_pdbx_validate_rmsd_bond.bond_target_value 
_pdbx_validate_rmsd_bond.bond_deviation 
_pdbx_validate_rmsd_bond.bond_standard_deviation 
_pdbx_validate_rmsd_bond.linker_flag 
1  1 "C3'" A DG 1   ? ? "C2'" A DG 1   ? ? 1.467 1.516 -0.049 0.008 N 
2  1 "C2'" A DG 1   ? ? "C1'" A DG 1   ? ? 1.419 1.518 -0.099 0.010 N 
3  1 "C2'" A DG 3   ? ? "C1'" A DG 3   ? ? 1.409 1.518 -0.109 0.010 N 
4  1 "C2'" A DT 4   ? ? "C1'" A DT 4   ? ? 1.414 1.518 -0.104 0.010 N 
5  1 "O4'" A DT 4   ? ? "C1'" A DT 4   ? ? 1.505 1.420 0.085  0.011 N 
6  1 "O3'" A DA 7   ? ? P     A DC 8   ? ? 1.522 1.607 -0.085 0.012 Y 
7  1 "C2'" A DG 9   ? ? "C1'" A DG 9   ? ? 1.453 1.518 -0.065 0.010 N 
8  1 "C3'" B DG 111 ? ? "C2'" B DG 111 ? ? 1.467 1.516 -0.049 0.008 N 
9  1 "C2'" B DG 111 ? ? "C1'" B DG 111 ? ? 1.409 1.518 -0.109 0.010 N 
10 1 "O4'" B DG 111 ? ? "C1'" B DG 111 ? ? 1.521 1.420 0.101  0.011 N 
11 1 "C2'" B DA 115 ? ? "C1'" B DA 115 ? ? 1.426 1.518 -0.092 0.010 N 
12 1 "C2'" B DT 116 ? ? "C1'" B DT 116 ? ? 1.452 1.518 -0.066 0.010 N 
13 1 "C2'" B DG 119 ? ? "C1'" B DG 119 ? ? 1.434 1.518 -0.084 0.010 N 
14 1 "C3'" B DC 120 ? ? "C2'" B DC 120 ? ? 1.467 1.516 -0.049 0.008 N 
# 
loop_
_pdbx_validate_rmsd_angle.id 
_pdbx_validate_rmsd_angle.PDB_model_num 
_pdbx_validate_rmsd_angle.auth_atom_id_1 
_pdbx_validate_rmsd_angle.auth_asym_id_1 
_pdbx_validate_rmsd_angle.auth_comp_id_1 
_pdbx_validate_rmsd_angle.auth_seq_id_1 
_pdbx_validate_rmsd_angle.PDB_ins_code_1 
_pdbx_validate_rmsd_angle.label_alt_id_1 
_pdbx_validate_rmsd_angle.auth_atom_id_2 
_pdbx_validate_rmsd_angle.auth_asym_id_2 
_pdbx_validate_rmsd_angle.auth_comp_id_2 
_pdbx_validate_rmsd_angle.auth_seq_id_2 
_pdbx_validate_rmsd_angle.PDB_ins_code_2 
_pdbx_validate_rmsd_angle.label_alt_id_2 
_pdbx_validate_rmsd_angle.auth_atom_id_3 
_pdbx_validate_rmsd_angle.auth_asym_id_3 
_pdbx_validate_rmsd_angle.auth_comp_id_3 
_pdbx_validate_rmsd_angle.auth_seq_id_3 
_pdbx_validate_rmsd_angle.PDB_ins_code_3 
_pdbx_validate_rmsd_angle.label_alt_id_3 
_pdbx_validate_rmsd_angle.angle_value 
_pdbx_validate_rmsd_angle.angle_target_value 
_pdbx_validate_rmsd_angle.angle_deviation 
_pdbx_validate_rmsd_angle.angle_standard_deviation 
_pdbx_validate_rmsd_angle.linker_flag 
1  1 "O4'" A DG 1   ? ? "C1'" A DG 1   ? ? "C2'" A DG 1   ? ? 110.27 106.80 3.47  0.50 N 
2  1 "O4'" A DG 1   ? ? "C1'" A DG 1   ? ? N9    A DG 1   ? ? 101.42 108.00 -6.58 0.70 N 
3  1 "C1'" A DG 3   ? ? "O4'" A DG 3   ? ? "C4'" A DG 3   ? ? 103.85 110.10 -6.25 1.00 N 
4  1 "O4'" A DG 3   ? ? "C1'" A DG 3   ? ? "C2'" A DG 3   ? ? 112.24 106.80 5.44  0.50 N 
5  1 "O4'" A DG 3   ? ? "C1'" A DG 3   ? ? N9    A DG 3   ? ? 100.86 108.00 -7.14 0.70 N 
6  1 "O4'" A DT 4   ? ? "C1'" A DT 4   ? ? "C2'" A DT 4   ? ? 110.08 106.80 3.28  0.50 N 
7  1 "O4'" A DT 4   ? ? "C1'" A DT 4   ? ? N1    A DT 4   ? ? 103.07 108.00 -4.93 0.70 N 
8  1 "O4'" A DT 6   ? ? "C4'" A DT 6   ? ? "C3'" A DT 6   ? ? 101.69 104.50 -2.81 0.40 N 
9  1 "O5'" A DC 8   ? ? P     A DC 8   ? ? OP2   A DC 8   ? ? 97.15  105.70 -8.55 0.90 N 
10 1 "C1'" B DG 111 ? ? "O4'" B DG 111 ? ? "C4'" B DG 111 ? ? 103.66 110.10 -6.44 1.00 N 
11 1 "O4'" B DG 111 ? ? "C1'" B DG 111 ? ? "C2'" B DG 111 ? ? 111.02 106.80 4.22  0.50 N 
12 1 "O4'" B DG 111 ? ? "C1'" B DG 111 ? ? N9    B DG 111 ? ? 99.74  108.00 -8.26 0.70 N 
13 1 "O4'" B DG 113 ? ? "C4'" B DG 113 ? ? "C3'" B DG 113 ? ? 102.03 104.50 -2.47 0.40 N 
14 1 "O4'" B DA 117 ? ? "C4'" B DA 117 ? ? "C3'" B DA 117 ? ? 101.96 104.50 -2.54 0.40 N 
15 1 "O4'" B DG 119 ? ? "C1'" B DG 119 ? ? "C2'" B DG 119 ? ? 110.33 106.80 3.53  0.50 N 
# 
loop_
_pdbx_struct_mod_residue.id 
_pdbx_struct_mod_residue.label_asym_id 
_pdbx_struct_mod_residue.label_comp_id 
_pdbx_struct_mod_residue.label_seq_id 
_pdbx_struct_mod_residue.auth_asym_id 
_pdbx_struct_mod_residue.auth_comp_id 
_pdbx_struct_mod_residue.auth_seq_id 
_pdbx_struct_mod_residue.PDB_ins_code 
_pdbx_struct_mod_residue.parent_comp_id 
_pdbx_struct_mod_residue.details 
1 A GCK 2 A GCK 2   ? DC ? 
2 B GCK 2 B GCK 112 ? DC ? 
# 
loop_
_chem_comp_atom.comp_id 
_chem_comp_atom.atom_id 
_chem_comp_atom.type_symbol 
_chem_comp_atom.pdbx_aromatic_flag 
_chem_comp_atom.pdbx_stereo_config 
_chem_comp_atom.pdbx_ordinal 
DA  OP3    O N N 1   
DA  P      P N N 2   
DA  OP1    O N N 3   
DA  OP2    O N N 4   
DA  "O5'"  O N N 5   
DA  "C5'"  C N N 6   
DA  "C4'"  C N R 7   
DA  "O4'"  O N N 8   
DA  "C3'"  C N S 9   
DA  "O3'"  O N N 10  
DA  "C2'"  C N N 11  
DA  "C1'"  C N R 12  
DA  N9     N Y N 13  
DA  C8     C Y N 14  
DA  N7     N Y N 15  
DA  C5     C Y N 16  
DA  C6     C Y N 17  
DA  N6     N N N 18  
DA  N1     N Y N 19  
DA  C2     C Y N 20  
DA  N3     N Y N 21  
DA  C4     C Y N 22  
DA  HOP3   H N N 23  
DA  HOP2   H N N 24  
DA  "H5'"  H N N 25  
DA  "H5''" H N N 26  
DA  "H4'"  H N N 27  
DA  "H3'"  H N N 28  
DA  "HO3'" H N N 29  
DA  "H2'"  H N N 30  
DA  "H2''" H N N 31  
DA  "H1'"  H N N 32  
DA  H8     H N N 33  
DA  H61    H N N 34  
DA  H62    H N N 35  
DA  H2     H N N 36  
DC  OP3    O N N 37  
DC  P      P N N 38  
DC  OP1    O N N 39  
DC  OP2    O N N 40  
DC  "O5'"  O N N 41  
DC  "C5'"  C N N 42  
DC  "C4'"  C N R 43  
DC  "O4'"  O N N 44  
DC  "C3'"  C N S 45  
DC  "O3'"  O N N 46  
DC  "C2'"  C N N 47  
DC  "C1'"  C N R 48  
DC  N1     N N N 49  
DC  C2     C N N 50  
DC  O2     O N N 51  
DC  N3     N N N 52  
DC  C4     C N N 53  
DC  N4     N N N 54  
DC  C5     C N N 55  
DC  C6     C N N 56  
DC  HOP3   H N N 57  
DC  HOP2   H N N 58  
DC  "H5'"  H N N 59  
DC  "H5''" H N N 60  
DC  "H4'"  H N N 61  
DC  "H3'"  H N N 62  
DC  "HO3'" H N N 63  
DC  "H2'"  H N N 64  
DC  "H2''" H N N 65  
DC  "H1'"  H N N 66  
DC  H41    H N N 67  
DC  H42    H N N 68  
DC  H5     H N N 69  
DC  H6     H N N 70  
DG  OP3    O N N 71  
DG  P      P N N 72  
DG  OP1    O N N 73  
DG  OP2    O N N 74  
DG  "O5'"  O N N 75  
DG  "C5'"  C N N 76  
DG  "C4'"  C N R 77  
DG  "O4'"  O N N 78  
DG  "C3'"  C N S 79  
DG  "O3'"  O N N 80  
DG  "C2'"  C N N 81  
DG  "C1'"  C N R 82  
DG  N9     N Y N 83  
DG  C8     C Y N 84  
DG  N7     N Y N 85  
DG  C5     C Y N 86  
DG  C6     C N N 87  
DG  O6     O N N 88  
DG  N1     N N N 89  
DG  C2     C N N 90  
DG  N2     N N N 91  
DG  N3     N N N 92  
DG  C4     C Y N 93  
DG  HOP3   H N N 94  
DG  HOP2   H N N 95  
DG  "H5'"  H N N 96  
DG  "H5''" H N N 97  
DG  "H4'"  H N N 98  
DG  "H3'"  H N N 99  
DG  "HO3'" H N N 100 
DG  "H2'"  H N N 101 
DG  "H2''" H N N 102 
DG  "H1'"  H N N 103 
DG  H8     H N N 104 
DG  H1     H N N 105 
DG  H21    H N N 106 
DG  H22    H N N 107 
DT  OP3    O N N 108 
DT  P      P N N 109 
DT  OP1    O N N 110 
DT  OP2    O N N 111 
DT  "O5'"  O N N 112 
DT  "C5'"  C N N 113 
DT  "C4'"  C N R 114 
DT  "O4'"  O N N 115 
DT  "C3'"  C N S 116 
DT  "O3'"  O N N 117 
DT  "C2'"  C N N 118 
DT  "C1'"  C N R 119 
DT  N1     N N N 120 
DT  C2     C N N 121 
DT  O2     O N N 122 
DT  N3     N N N 123 
DT  C4     C N N 124 
DT  O4     O N N 125 
DT  C5     C N N 126 
DT  C7     C N N 127 
DT  C6     C N N 128 
DT  HOP3   H N N 129 
DT  HOP2   H N N 130 
DT  "H5'"  H N N 131 
DT  "H5''" H N N 132 
DT  "H4'"  H N N 133 
DT  "H3'"  H N N 134 
DT  "HO3'" H N N 135 
DT  "H2'"  H N N 136 
DT  "H2''" H N N 137 
DT  "H1'"  H N N 138 
DT  H3     H N N 139 
DT  H71    H N N 140 
DT  H72    H N N 141 
DT  H73    H N N 142 
DT  H6     H N N 143 
GCK P      P N N 144 
GCK O1P    O N N 145 
GCK O2P    O N N 146 
GCK "O5'"  O N N 147 
GCK N1     N N N 148 
GCK C6     C N N 149 
GCK C2     C N N 150 
GCK O2     O N N 151 
GCK N3     N N N 152 
GCK C4     C N N 153 
GCK N4     N N N 154 
GCK C5     C N N 155 
GCK O8     O N N 156 
GCK C9     C Y N 157 
GCK C10    C Y N 158 
GCK C11    C Y N 159 
GCK C12    C Y N 160 
GCK C13    C Y N 161 
GCK C14    C Y N 162 
GCK O15    O N N 163 
GCK C16    C N N 164 
GCK C17    C N N 165 
GCK N18    N N N 166 
GCK C19    C N N 167 
GCK N20    N N N 168 
GCK N21    N N N 169 
GCK "C2'"  C N N 170 
GCK "C5'"  C N N 171 
GCK "C4'"  C N R 172 
GCK "O4'"  O N N 173 
GCK "C1'"  C N R 174 
GCK "C3'"  C N S 175 
GCK "O3'"  O N N 176 
GCK O3P    O N N 177 
GCK HOP2   H N N 178 
GCK H6     H N N 179 
GCK H4     H N N 180 
GCK H10    H N N 181 
GCK H11    H N N 182 
GCK H12    H N N 183 
GCK H161   H N N 184 
GCK H162   H N N 185 
GCK H171   H N N 186 
GCK H172   H N N 187 
GCK H18    H N N 188 
GCK H201   H N N 189 
GCK H202   H N N 190 
GCK H211   H N N 191 
GCK H212   H N N 192 
GCK "H2'1" H N N 193 
GCK "H2'2" H N N 194 
GCK "H5'1" H N N 195 
GCK "H5'2" H N N 196 
GCK "H4'"  H N N 197 
GCK "H1'"  H N N 198 
GCK "H3'"  H N N 199 
GCK H3T    H N N 200 
GCK HOP3   H N N 201 
HOH O      O N N 202 
HOH H1     H N N 203 
HOH H2     H N N 204 
MOE "O2'"  O N N 205 
MOE "CA'"  C N N 206 
MOE "CB'"  C N N 207 
MOE "OC'"  O N N 208 
MOE "CD'"  C N N 209 
MOE "HA'1" H N N 210 
MOE "HA'2" H N N 211 
MOE "HB'1" H N N 212 
MOE "HB'2" H N N 213 
MOE "HD'1" H N N 214 
MOE "HD'2" H N N 215 
MOE "HD'3" H N N 216 
SPK N1     N N N 217 
SPK C2     C N N 218 
SPK C3     C N N 219 
SPK C4     C N N 220 
SPK N5     N N N 221 
SPK C6     C N N 222 
SPK C7     C N N 223 
SPK C8     C N N 224 
SPK C9     C N N 225 
SPK N10    N N N 226 
SPK C11    C N N 227 
SPK C12    C N N 228 
SPK C13    C N N 229 
SPK N14    N N N 230 
SPK H1A    H N N 231 
SPK H1B    H N N 232 
SPK H1C    H N N 233 
SPK H2A    H N N 234 
SPK H2B    H N N 235 
SPK H3A    H N N 236 
SPK H3B    H N N 237 
SPK H4A    H N N 238 
SPK H4B    H N N 239 
SPK H5A    H N N 240 
SPK H5B    H N N 241 
SPK H6A    H N N 242 
SPK H6B    H N N 243 
SPK H7A    H N N 244 
SPK H7B    H N N 245 
SPK H8A    H N N 246 
SPK H8B    H N N 247 
SPK H9A    H N N 248 
SPK H9B    H N N 249 
SPK H101   H N N 250 
SPK H102   H N N 251 
SPK H111   H N N 252 
SPK H112   H N N 253 
SPK H121   H N N 254 
SPK H122   H N N 255 
SPK H131   H N N 256 
SPK H132   H N N 257 
SPK H141   H N N 258 
SPK H142   H N N 259 
SPK H143   H N N 260 
# 
loop_
_chem_comp_bond.comp_id 
_chem_comp_bond.atom_id_1 
_chem_comp_bond.atom_id_2 
_chem_comp_bond.value_order 
_chem_comp_bond.pdbx_aromatic_flag 
_chem_comp_bond.pdbx_stereo_config 
_chem_comp_bond.pdbx_ordinal 
DA  OP3   P      sing N N 1   
DA  OP3   HOP3   sing N N 2   
DA  P     OP1    doub N N 3   
DA  P     OP2    sing N N 4   
DA  P     "O5'"  sing N N 5   
DA  OP2   HOP2   sing N N 6   
DA  "O5'" "C5'"  sing N N 7   
DA  "C5'" "C4'"  sing N N 8   
DA  "C5'" "H5'"  sing N N 9   
DA  "C5'" "H5''" sing N N 10  
DA  "C4'" "O4'"  sing N N 11  
DA  "C4'" "C3'"  sing N N 12  
DA  "C4'" "H4'"  sing N N 13  
DA  "O4'" "C1'"  sing N N 14  
DA  "C3'" "O3'"  sing N N 15  
DA  "C3'" "C2'"  sing N N 16  
DA  "C3'" "H3'"  sing N N 17  
DA  "O3'" "HO3'" sing N N 18  
DA  "C2'" "C1'"  sing N N 19  
DA  "C2'" "H2'"  sing N N 20  
DA  "C2'" "H2''" sing N N 21  
DA  "C1'" N9     sing N N 22  
DA  "C1'" "H1'"  sing N N 23  
DA  N9    C8     sing Y N 24  
DA  N9    C4     sing Y N 25  
DA  C8    N7     doub Y N 26  
DA  C8    H8     sing N N 27  
DA  N7    C5     sing Y N 28  
DA  C5    C6     sing Y N 29  
DA  C5    C4     doub Y N 30  
DA  C6    N6     sing N N 31  
DA  C6    N1     doub Y N 32  
DA  N6    H61    sing N N 33  
DA  N6    H62    sing N N 34  
DA  N1    C2     sing Y N 35  
DA  C2    N3     doub Y N 36  
DA  C2    H2     sing N N 37  
DA  N3    C4     sing Y N 38  
DC  OP3   P      sing N N 39  
DC  OP3   HOP3   sing N N 40  
DC  P     OP1    doub N N 41  
DC  P     OP2    sing N N 42  
DC  P     "O5'"  sing N N 43  
DC  OP2   HOP2   sing N N 44  
DC  "O5'" "C5'"  sing N N 45  
DC  "C5'" "C4'"  sing N N 46  
DC  "C5'" "H5'"  sing N N 47  
DC  "C5'" "H5''" sing N N 48  
DC  "C4'" "O4'"  sing N N 49  
DC  "C4'" "C3'"  sing N N 50  
DC  "C4'" "H4'"  sing N N 51  
DC  "O4'" "C1'"  sing N N 52  
DC  "C3'" "O3'"  sing N N 53  
DC  "C3'" "C2'"  sing N N 54  
DC  "C3'" "H3'"  sing N N 55  
DC  "O3'" "HO3'" sing N N 56  
DC  "C2'" "C1'"  sing N N 57  
DC  "C2'" "H2'"  sing N N 58  
DC  "C2'" "H2''" sing N N 59  
DC  "C1'" N1     sing N N 60  
DC  "C1'" "H1'"  sing N N 61  
DC  N1    C2     sing N N 62  
DC  N1    C6     sing N N 63  
DC  C2    O2     doub N N 64  
DC  C2    N3     sing N N 65  
DC  N3    C4     doub N N 66  
DC  C4    N4     sing N N 67  
DC  C4    C5     sing N N 68  
DC  N4    H41    sing N N 69  
DC  N4    H42    sing N N 70  
DC  C5    C6     doub N N 71  
DC  C5    H5     sing N N 72  
DC  C6    H6     sing N N 73  
DG  OP3   P      sing N N 74  
DG  OP3   HOP3   sing N N 75  
DG  P     OP1    doub N N 76  
DG  P     OP2    sing N N 77  
DG  P     "O5'"  sing N N 78  
DG  OP2   HOP2   sing N N 79  
DG  "O5'" "C5'"  sing N N 80  
DG  "C5'" "C4'"  sing N N 81  
DG  "C5'" "H5'"  sing N N 82  
DG  "C5'" "H5''" sing N N 83  
DG  "C4'" "O4'"  sing N N 84  
DG  "C4'" "C3'"  sing N N 85  
DG  "C4'" "H4'"  sing N N 86  
DG  "O4'" "C1'"  sing N N 87  
DG  "C3'" "O3'"  sing N N 88  
DG  "C3'" "C2'"  sing N N 89  
DG  "C3'" "H3'"  sing N N 90  
DG  "O3'" "HO3'" sing N N 91  
DG  "C2'" "C1'"  sing N N 92  
DG  "C2'" "H2'"  sing N N 93  
DG  "C2'" "H2''" sing N N 94  
DG  "C1'" N9     sing N N 95  
DG  "C1'" "H1'"  sing N N 96  
DG  N9    C8     sing Y N 97  
DG  N9    C4     sing Y N 98  
DG  C8    N7     doub Y N 99  
DG  C8    H8     sing N N 100 
DG  N7    C5     sing Y N 101 
DG  C5    C6     sing N N 102 
DG  C5    C4     doub Y N 103 
DG  C6    O6     doub N N 104 
DG  C6    N1     sing N N 105 
DG  N1    C2     sing N N 106 
DG  N1    H1     sing N N 107 
DG  C2    N2     sing N N 108 
DG  C2    N3     doub N N 109 
DG  N2    H21    sing N N 110 
DG  N2    H22    sing N N 111 
DG  N3    C4     sing N N 112 
DT  OP3   P      sing N N 113 
DT  OP3   HOP3   sing N N 114 
DT  P     OP1    doub N N 115 
DT  P     OP2    sing N N 116 
DT  P     "O5'"  sing N N 117 
DT  OP2   HOP2   sing N N 118 
DT  "O5'" "C5'"  sing N N 119 
DT  "C5'" "C4'"  sing N N 120 
DT  "C5'" "H5'"  sing N N 121 
DT  "C5'" "H5''" sing N N 122 
DT  "C4'" "O4'"  sing N N 123 
DT  "C4'" "C3'"  sing N N 124 
DT  "C4'" "H4'"  sing N N 125 
DT  "O4'" "C1'"  sing N N 126 
DT  "C3'" "O3'"  sing N N 127 
DT  "C3'" "C2'"  sing N N 128 
DT  "C3'" "H3'"  sing N N 129 
DT  "O3'" "HO3'" sing N N 130 
DT  "C2'" "C1'"  sing N N 131 
DT  "C2'" "H2'"  sing N N 132 
DT  "C2'" "H2''" sing N N 133 
DT  "C1'" N1     sing N N 134 
DT  "C1'" "H1'"  sing N N 135 
DT  N1    C2     sing N N 136 
DT  N1    C6     sing N N 137 
DT  C2    O2     doub N N 138 
DT  C2    N3     sing N N 139 
DT  N3    C4     sing N N 140 
DT  N3    H3     sing N N 141 
DT  C4    O4     doub N N 142 
DT  C4    C5     sing N N 143 
DT  C5    C7     sing N N 144 
DT  C5    C6     doub N N 145 
DT  C7    H71    sing N N 146 
DT  C7    H72    sing N N 147 
DT  C7    H73    sing N N 148 
DT  C6    H6     sing N N 149 
GCK P     O1P    doub N N 150 
GCK P     O2P    sing N N 151 
GCK P     "O5'"  sing N N 152 
GCK P     O3P    sing N N 153 
GCK O2P   HOP2   sing N N 154 
GCK "O5'" "C5'"  sing N N 155 
GCK N1    C6     sing N N 156 
GCK N1    C2     sing N N 157 
GCK N1    "C1'"  sing N N 158 
GCK C6    C5     doub N N 159 
GCK C6    H6     sing N N 160 
GCK C2    O2     doub N N 161 
GCK C2    N3     sing N N 162 
GCK N3    C4     doub N N 163 
GCK C4    N4     sing N N 164 
GCK C4    C5     sing N N 165 
GCK N4    C14    sing N N 166 
GCK N4    H4     sing N N 167 
GCK C5    O8     sing N N 168 
GCK O8    C9     sing N N 169 
GCK C9    C10    doub Y N 170 
GCK C9    C14    sing Y N 171 
GCK C10   C11    sing Y N 172 
GCK C10   H10    sing N N 173 
GCK C11   C12    doub Y N 174 
GCK C11   H11    sing N N 175 
GCK C12   C13    sing Y N 176 
GCK C12   H12    sing N N 177 
GCK C13   C14    doub Y N 178 
GCK C13   O15    sing N N 179 
GCK O15   C16    sing N N 180 
GCK C16   C17    sing N N 181 
GCK C16   H161   sing N N 182 
GCK C16   H162   sing N N 183 
GCK C17   N18    sing N N 184 
GCK C17   H171   sing N N 185 
GCK C17   H172   sing N N 186 
GCK N18   C19    sing N N 187 
GCK N18   H18    sing N N 188 
GCK C19   N20    sing N N 189 
GCK C19   N21    doub N N 190 
GCK N20   H201   sing N N 191 
GCK N20   H202   sing N N 192 
GCK N21   H211   sing N N 193 
GCK N21   H212   sing N N 194 
GCK "C2'" "C1'"  sing N N 195 
GCK "C2'" "C3'"  sing N N 196 
GCK "C2'" "H2'1" sing N N 197 
GCK "C2'" "H2'2" sing N N 198 
GCK "C5'" "C4'"  sing N N 199 
GCK "C5'" "H5'1" sing N N 200 
GCK "C5'" "H5'2" sing N N 201 
GCK "C4'" "O4'"  sing N N 202 
GCK "C4'" "C3'"  sing N N 203 
GCK "C4'" "H4'"  sing N N 204 
GCK "O4'" "C1'"  sing N N 205 
GCK "C1'" "H1'"  sing N N 206 
GCK "C3'" "O3'"  sing N N 207 
GCK "C3'" "H3'"  sing N N 208 
GCK "O3'" H3T    sing N N 209 
GCK O3P   HOP3   sing N N 210 
HOH O     H1     sing N N 211 
HOH O     H2     sing N N 212 
MOE "O2'" "CA'"  sing N N 213 
MOE "CA'" "CB'"  sing N N 214 
MOE "CA'" "HA'1" sing N N 215 
MOE "CA'" "HA'2" sing N N 216 
MOE "CB'" "OC'"  sing N N 217 
MOE "CB'" "HB'1" sing N N 218 
MOE "CB'" "HB'2" sing N N 219 
MOE "OC'" "CD'"  sing N N 220 
MOE "CD'" "HD'1" sing N N 221 
MOE "CD'" "HD'2" sing N N 222 
MOE "CD'" "HD'3" sing N N 223 
SPK N1    C2     sing N N 224 
SPK N1    H1A    sing N N 225 
SPK N1    H1B    sing N N 226 
SPK N1    H1C    sing N N 227 
SPK C2    C3     sing N N 228 
SPK C2    H2A    sing N N 229 
SPK C2    H2B    sing N N 230 
SPK C3    C4     sing N N 231 
SPK C3    H3A    sing N N 232 
SPK C3    H3B    sing N N 233 
SPK C4    N5     sing N N 234 
SPK C4    H4A    sing N N 235 
SPK C4    H4B    sing N N 236 
SPK N5    C6     sing N N 237 
SPK N5    H5A    sing N N 238 
SPK N5    H5B    sing N N 239 
SPK C6    C7     sing N N 240 
SPK C6    H6A    sing N N 241 
SPK C6    H6B    sing N N 242 
SPK C7    C8     sing N N 243 
SPK C7    H7A    sing N N 244 
SPK C7    H7B    sing N N 245 
SPK C8    C9     sing N N 246 
SPK C8    H8A    sing N N 247 
SPK C8    H8B    sing N N 248 
SPK C9    N10    sing N N 249 
SPK C9    H9A    sing N N 250 
SPK C9    H9B    sing N N 251 
SPK N10   C11    sing N N 252 
SPK N10   H101   sing N N 253 
SPK N10   H102   sing N N 254 
SPK C11   C12    sing N N 255 
SPK C11   H111   sing N N 256 
SPK C11   H112   sing N N 257 
SPK C12   C13    sing N N 258 
SPK C12   H121   sing N N 259 
SPK C12   H122   sing N N 260 
SPK C13   N14    sing N N 261 
SPK C13   H131   sing N N 262 
SPK C13   H132   sing N N 263 
SPK N14   H141   sing N N 264 
SPK N14   H142   sing N N 265 
SPK N14   H143   sing N N 266 
# 
_ndb_struct_conf_na.entry_id   1KGK 
_ndb_struct_conf_na.feature    'a-form double helix' 
# 
loop_
_ndb_struct_na_base_pair.model_number 
_ndb_struct_na_base_pair.i_label_asym_id 
_ndb_struct_na_base_pair.i_label_comp_id 
_ndb_struct_na_base_pair.i_label_seq_id 
_ndb_struct_na_base_pair.i_symmetry 
_ndb_struct_na_base_pair.j_label_asym_id 
_ndb_struct_na_base_pair.j_label_comp_id 
_ndb_struct_na_base_pair.j_label_seq_id 
_ndb_struct_na_base_pair.j_symmetry 
_ndb_struct_na_base_pair.shear 
_ndb_struct_na_base_pair.stretch 
_ndb_struct_na_base_pair.stagger 
_ndb_struct_na_base_pair.buckle 
_ndb_struct_na_base_pair.propeller 
_ndb_struct_na_base_pair.opening 
_ndb_struct_na_base_pair.pair_number 
_ndb_struct_na_base_pair.pair_name 
_ndb_struct_na_base_pair.i_auth_asym_id 
_ndb_struct_na_base_pair.i_auth_seq_id 
_ndb_struct_na_base_pair.i_PDB_ins_code 
_ndb_struct_na_base_pair.j_auth_asym_id 
_ndb_struct_na_base_pair.j_auth_seq_id 
_ndb_struct_na_base_pair.j_PDB_ins_code 
_ndb_struct_na_base_pair.hbond_type_28 
_ndb_struct_na_base_pair.hbond_type_12 
1 A DG  1  1_555 B DC  10 1_555 -0.214 -0.085 0.233  7.587   -0.282  -1.619 1  A_DG1:DC120_B  A 1  ? B 120 ? 19 1 
1 A GCK 2  1_555 B DG  9  1_555 0.211  -0.107 -0.172 12.290  -9.050  -0.857 2  A_GCK2:DG119_B A 2  ? B 119 ? 19 1 
1 A DG  3  1_555 B DC  8  1_555 -0.335 -0.161 0.173  -5.069  -14.018 -0.833 3  A_DG3:DC118_B  A 3  ? B 118 ? 19 1 
1 A DT  4  1_555 B DA  7  1_555 -0.162 -0.124 -0.081 -3.017  -17.904 -2.004 4  A_DT4:DA117_B  A 4  ? B 117 ? 20 1 
1 A DA  5  1_555 B DT  6  1_555 0.170  -0.111 0.119  -3.710  -16.170 -5.582 5  A_DA5:DT116_B  A 5  ? B 116 ? 20 1 
1 A DT  6  1_555 B DA  5  1_555 -0.113 -0.078 0.290  2.002   -14.656 4.585  6  A_DT6:DA115_B  A 6  ? B 115 ? 20 1 
1 A DA  7  1_555 B DT  4  1_555 0.039  -0.094 -0.009 2.946   -9.404  0.967  7  A_DA7:DT114_B  A 7  ? B 114 ? 20 1 
1 A DC  8  1_555 B DG  3  1_555 0.249  -0.173 0.036  2.903   -9.820  -0.261 8  A_DC8:DG113_B  A 8  ? B 113 ? 19 1 
1 A DG  9  1_555 B GCK 2  1_555 -0.349 -0.158 -0.126 -10.803 -14.533 1.112  9  A_DG9:GCK112_B A 9  ? B 112 ? 19 1 
1 A DC  10 1_555 B DG  1  1_555 0.266  -0.087 0.188  -5.687  3.036   -0.159 10 A_DC10:DG111_B A 10 ? B 111 ? 19 1 
# 
loop_
_ndb_struct_na_base_pair_step.model_number 
_ndb_struct_na_base_pair_step.i_label_asym_id_1 
_ndb_struct_na_base_pair_step.i_label_comp_id_1 
_ndb_struct_na_base_pair_step.i_label_seq_id_1 
_ndb_struct_na_base_pair_step.i_symmetry_1 
_ndb_struct_na_base_pair_step.j_label_asym_id_1 
_ndb_struct_na_base_pair_step.j_label_comp_id_1 
_ndb_struct_na_base_pair_step.j_label_seq_id_1 
_ndb_struct_na_base_pair_step.j_symmetry_1 
_ndb_struct_na_base_pair_step.i_label_asym_id_2 
_ndb_struct_na_base_pair_step.i_label_comp_id_2 
_ndb_struct_na_base_pair_step.i_label_seq_id_2 
_ndb_struct_na_base_pair_step.i_symmetry_2 
_ndb_struct_na_base_pair_step.j_label_asym_id_2 
_ndb_struct_na_base_pair_step.j_label_comp_id_2 
_ndb_struct_na_base_pair_step.j_label_seq_id_2 
_ndb_struct_na_base_pair_step.j_symmetry_2 
_ndb_struct_na_base_pair_step.shift 
_ndb_struct_na_base_pair_step.slide 
_ndb_struct_na_base_pair_step.rise 
_ndb_struct_na_base_pair_step.tilt 
_ndb_struct_na_base_pair_step.roll 
_ndb_struct_na_base_pair_step.twist 
_ndb_struct_na_base_pair_step.x_displacement 
_ndb_struct_na_base_pair_step.y_displacement 
_ndb_struct_na_base_pair_step.helical_rise 
_ndb_struct_na_base_pair_step.inclination 
_ndb_struct_na_base_pair_step.tip 
_ndb_struct_na_base_pair_step.helical_twist 
_ndb_struct_na_base_pair_step.step_number 
_ndb_struct_na_base_pair_step.step_name 
_ndb_struct_na_base_pair_step.i_auth_asym_id_1 
_ndb_struct_na_base_pair_step.i_auth_seq_id_1 
_ndb_struct_na_base_pair_step.i_PDB_ins_code_1 
_ndb_struct_na_base_pair_step.j_auth_asym_id_1 
_ndb_struct_na_base_pair_step.j_auth_seq_id_1 
_ndb_struct_na_base_pair_step.j_PDB_ins_code_1 
_ndb_struct_na_base_pair_step.i_auth_asym_id_2 
_ndb_struct_na_base_pair_step.i_auth_seq_id_2 
_ndb_struct_na_base_pair_step.i_PDB_ins_code_2 
_ndb_struct_na_base_pair_step.j_auth_asym_id_2 
_ndb_struct_na_base_pair_step.j_auth_seq_id_2 
_ndb_struct_na_base_pair_step.j_PDB_ins_code_2 
1 A DG  1 1_555 B DC  10 1_555 A GCK 2  1_555 B DG  9 1_555 -0.208 -1.536 3.226 0.548  -0.594 40.615 -2.148 0.359  3.244 -0.856 
-0.790 40.623 1 AA_DG1GCK2:DG119DC120_BB  A 1 ? B 120 ? A 2  ? B 119 ? 
1 A GCK 2 1_555 B DG  9  1_555 A DG  3  1_555 B DC  8 1_555 -0.206 -2.175 3.651 -3.857 6.645  25.176 -6.632 -0.623 2.986 14.811 
8.597  26.305 2 AA_GCK2DG3:DC118DG119_BB  A 2 ? B 119 ? A 3  ? B 118 ? 
1 A DG  3 1_555 B DC  8  1_555 A DT  4  1_555 B DA  7 1_555 -1.091 -1.495 3.142 -1.115 4.785  37.409 -2.892 1.553  2.965 7.421  
1.729  37.719 3 AA_DG3DT4:DA117DC118_BB   A 3 ? B 118 ? A 4  ? B 117 ? 
1 A DT  4 1_555 B DA  7  1_555 A DA  5  1_555 B DT  6 1_555 0.606  -1.500 3.208 1.660  19.719 27.112 -5.364 -0.821 1.775 36.526 
-3.075 33.456 4 AA_DT4DA5:DT116DA117_BB   A 4 ? B 117 ? A 5  ? B 116 ? 
1 A DA  5 1_555 B DT  6  1_555 A DT  6  1_555 B DA  5 1_555 0.942  -1.374 3.147 0.706  5.069  32.671 -3.214 -1.544 2.926 8.943  
-1.246 33.059 5 AA_DA5DT6:DA115DT116_BB   A 5 ? B 116 ? A 6  ? B 115 ? 
1 A DT  6 1_555 B DA  5  1_555 A DA  7  1_555 B DT  4 1_555 -0.264 -1.412 3.082 0.962  14.516 30.808 -4.389 0.583  2.205 25.610 
-1.697 33.995 6 AA_DT6DA7:DT114DA115_BB   A 6 ? B 115 ? A 7  ? B 114 ? 
1 A DA  7 1_555 B DT  4  1_555 A DC  8  1_555 B DG  3 1_555 0.493  -2.380 3.361 -0.040 3.167  27.414 -5.752 -1.044 3.071 6.654  
0.084  27.593 7 AA_DA7DC8:DG113DT114_BB   A 7 ? B 114 ? A 8  ? B 113 ? 
1 A DC  8 1_555 B DG  3  1_555 A DG  9  1_555 B GCK 2 1_555 -0.539 -1.914 3.480 3.091  11.275 29.528 -5.481 1.529  2.529 21.108 
-5.787 31.710 8 AA_DC8DG9:GCK112DG113_BB  A 8 ? B 113 ? A 9  ? B 112 ? 
1 A DG  9 1_555 B GCK 2  1_555 A DC  10 1_555 B DG  1 1_555 0.596  -1.440 3.249 1.069  1.377  35.937 -2.525 -0.815 3.209 2.231  
-1.731 35.978 9 AA_DG9DC10:DG111GCK112_BB A 9 ? B 112 ? A 10 ? B 111 ? 
# 
_atom_sites.entry_id                    1KGK 
_atom_sites.fract_transf_matrix[1][1]   -0.00094861 
_atom_sites.fract_transf_matrix[1][2]   0.03590279 
_atom_sites.fract_transf_matrix[1][3]   0.01932209 
_atom_sites.fract_transf_matrix[2][1]   -0.01519651 
_atom_sites.fract_transf_matrix[2][2]   -0.00864551 
_atom_sites.fract_transf_matrix[2][3]   0.01531833 
_atom_sites.fract_transf_matrix[3][1]   0.01620252 
_atom_sites.fract_transf_matrix[3][2]   -0.00630677 
_atom_sites.fract_transf_matrix[3][3]   0.01251420 
_atom_sites.fract_transf_vector[1]      0.110180 
_atom_sites.fract_transf_vector[2]      0.045708 
_atom_sites.fract_transf_vector[3]      0.257240 
# 
loop_
_atom_type.symbol 
C 
H 
N 
O 
P 
# 
loop_
_atom_site.group_PDB 
_atom_site.id 
_atom_site.type_symbol 
_atom_site.label_atom_id 
_atom_site.label_alt_id 
_atom_site.label_comp_id 
_atom_site.label_asym_id 
_atom_site.label_entity_id 
_atom_site.label_seq_id 
_atom_site.pdbx_PDB_ins_code 
_atom_site.Cartn_x 
_atom_site.Cartn_y 
_atom_site.Cartn_z 
_atom_site.occupancy 
_atom_site.B_iso_or_equiv 
_atom_site.pdbx_formal_charge 
_atom_site.auth_seq_id 
_atom_site.auth_comp_id 
_atom_site.auth_asym_id 
_atom_site.auth_atom_id 
_atom_site.pdbx_PDB_model_num 
ATOM   1   O "O5'"  A DG  A 1 1  ? 8.059   -5.059  -5.011  0.70 14.61 ? 1    DG  A "O5'"  1 
ATOM   2   O "O5'"  B DG  A 1 1  ? 9.354   -5.975  -5.273  0.30 20.03 ? 1    DG  A "O5'"  1 
ATOM   3   C "C5'"  . DG  A 1 1  ? 9.335   -4.599  -4.903  1.00 17.05 ? 1    DG  A "C5'"  1 
ATOM   4   C "C4'"  . DG  A 1 1  ? 9.670   -3.717  -6.033  1.00 12.09 ? 1    DG  A "C4'"  1 
ATOM   5   O "O4'"  . DG  A 1 1  ? 9.299   -4.366  -7.280  1.00 11.41 ? 1    DG  A "O4'"  1 
ATOM   6   C "C3'"  . DG  A 1 1  ? 8.915   -2.395  -6.060  1.00 9.06  ? 1    DG  A "C3'"  1 
ATOM   7   O "O3'"  . DG  A 1 1  ? 9.633   -1.472  -5.258  1.00 8.96  ? 1    DG  A "O3'"  1 
ATOM   8   C "C2'"  . DG  A 1 1  ? 8.918   -2.024  -7.479  1.00 8.55  ? 1    DG  A "C2'"  1 
ATOM   9   C "C1'"  . DG  A 1 1  ? 8.802   -3.270  -8.147  1.00 9.48  ? 1    DG  A "C1'"  1 
ATOM   10  N N9     . DG  A 1 1  ? 7.417   -3.810  -8.556  1.00 8.31  ? 1    DG  A N9     1 
ATOM   11  C C8     . DG  A 1 1  ? 6.777   -4.973  -8.243  1.00 9.25  ? 1    DG  A C8     1 
ATOM   12  N N7     . DG  A 1 1  ? 5.591   -5.102  -8.793  1.00 8.53  ? 1    DG  A N7     1 
ATOM   13  C C5     . DG  A 1 1  ? 5.459   -3.918  -9.540  1.00 7.80  ? 1    DG  A C5     1 
ATOM   14  C C6     . DG  A 1 1  ? 4.407   -3.475  -10.355 1.00 7.07  ? 1    DG  A C6     1 
ATOM   15  O O6     . DG  A 1 1  ? 3.329   -4.010  -10.618 1.00 7.75  ? 1    DG  A O6     1 
ATOM   16  N N1     . DG  A 1 1  ? 4.683   -2.200  -10.932 1.00 6.60  ? 1    DG  A N1     1 
ATOM   17  C C2     . DG  A 1 1  ? 5.819   -1.499  -10.731 1.00 6.43  ? 1    DG  A C2     1 
ATOM   18  N N2     . DG  A 1 1  ? 5.918   -0.331  -11.350 1.00 6.86  ? 1    DG  A N2     1 
ATOM   19  N N3     . DG  A 1 1  ? 6.826   -1.910  -9.961  1.00 7.23  ? 1    DG  A N3     1 
ATOM   20  C C4     . DG  A 1 1  ? 6.569   -3.117  -9.411  1.00 7.50  ? 1    DG  A C4     1 
ATOM   21  H "H5'"  A DG  A 1 1  ? 9.950   -5.349  -4.885  0.70 20.46 ? 1    DG  A "H5'"  1 
ATOM   22  H "H5'"  B DG  A 1 1  ? 9.972   -4.462  -4.183  0.30 20.46 ? 1    DG  A "H5'"  1 
ATOM   23  H "H5''" A DG  A 1 1  ? 9.434   -4.111  -4.070  0.70 20.46 ? 1    DG  A "H5''" 1 
ATOM   24  H "H5''" B DG  A 1 1  ? 8.450   -4.375  -4.566  0.30 20.46 ? 1    DG  A "H5''" 1 
ATOM   25  H "H4'"  . DG  A 1 1  ? 10.633  -3.541  -6.033  1.00 14.51 ? 1    DG  A "H4'"  1 
ATOM   26  H "H3'"  . DG  A 1 1  ? 7.999   -2.508  -5.731  1.00 10.87 ? 1    DG  A "H3'"  1 
ATOM   27  H "H2'"  . DG  A 1 1  ? 8.169   -1.444  -7.689  1.00 10.26 ? 1    DG  A "H2'"  1 
ATOM   28  H "H2''" . DG  A 1 1  ? 9.743   -1.575  -7.720  1.00 10.26 ? 1    DG  A "H2''" 1 
ATOM   29  H "H1'"  . DG  A 1 1  ? 9.364   -3.239  -8.948  1.00 11.38 ? 1    DG  A "H1'"  1 
ATOM   30  H H8     . DG  A 1 1  ? 7.149   -5.619  -7.687  1.00 11.10 ? 1    DG  A H8     1 
ATOM   31  H H1     . DG  A 1 1  ? 4.085   -1.854  -11.443 1.00 7.92  ? 1    DG  A H1     1 
ATOM   32  H H21    . DG  A 1 1  ? 6.624   0.149   -11.252 1.00 8.23  ? 1    DG  A H21    1 
ATOM   33  H H22    . DG  A 1 1  ? 5.275   -0.054  -11.850 1.00 8.23  ? 1    DG  A H22    1 
ATOM   34  H "HO5'" A DG  A 1 1  ? 7.832   -5.051  -5.800  0.70 21.91 ? 1    DG  A "HO5'" 1 
ATOM   35  H "HO5'" B DG  A 1 1  ? 8.602   -6.205  -5.506  0.30 21.91 ? 1    DG  A "HO5'" 1 
HETATM 36  P P      . GCK A 1 2  ? 8.936   -0.413  -4.346  1.00 8.66  ? 2    GCK A P      1 
HETATM 37  O O1P    . GCK A 1 2  ? 10.041  0.176   -3.543  1.00 9.68  ? 2    GCK A O1P    1 
HETATM 38  O O2P    . GCK A 1 2  ? 7.731   -0.974  -3.673  1.00 9.11  ? 2    GCK A O2P    1 
HETATM 39  O "O5'"  . GCK A 1 2  ? 8.377   0.641   -5.378  1.00 8.13  ? 2    GCK A "O5'"  1 
HETATM 40  N N1     . GCK A 1 2  ? 5.507   0.852   -8.014  1.00 6.32  ? 2    GCK A N1     1 
HETATM 41  C C6     . GCK A 1 2  ? 5.787   -0.156  -7.158  1.00 6.61  ? 2    GCK A C6     1 
HETATM 42  C C2     . GCK A 1 2  ? 4.317   0.877   -8.777  1.00 5.75  ? 2    GCK A C2     1 
HETATM 43  O O2     . GCK A 1 2  ? 4.113   1.840   -9.515  1.00 6.03  ? 2    GCK A O2     1 
HETATM 44  N N3     . GCK A 1 2  ? 3.468   -0.155  -8.634  1.00 5.58  ? 2    GCK A N3     1 
HETATM 45  C C4     . GCK A 1 2  ? 3.748   -1.169  -7.808  1.00 5.81  ? 2    GCK A C4     1 
HETATM 46  N N4     . GCK A 1 2  ? 2.920   -2.209  -7.762  1.00 7.00  ? 2    GCK A N4     1 
HETATM 47  C C5     . GCK A 1 2  ? 4.951   -1.166  -7.033  1.00 6.51  ? 2    GCK A C5     1 
HETATM 48  O O8     . GCK A 1 2  ? 5.243   -2.175  -6.136  1.00 8.25  ? 2    GCK A O8     1 
HETATM 49  C C9     . GCK A 1 2  ? 4.402   -3.244  -6.117  1.00 7.41  ? 2    GCK A C9     1 
HETATM 50  C C10    . GCK A 1 2  ? 4.755   -4.295  -5.248  1.00 8.18  ? 2    GCK A C10    1 
HETATM 51  C C11    . GCK A 1 2  ? 3.896   -5.355  -5.207  1.00 8.60  ? 2    GCK A C11    1 
HETATM 52  C C12    . GCK A 1 2  ? 2.712   -5.433  -5.920  1.00 9.56  ? 2    GCK A C12    1 
HETATM 53  C C13    . GCK A 1 2  ? 2.395   -4.375  -6.785  1.00 8.85  ? 2    GCK A C13    1 
HETATM 54  C C14    . GCK A 1 2  ? 3.236   -3.273  -6.872  1.00 7.15  ? 2    GCK A C14    1 
HETATM 55  O O15    . GCK A 1 2  ? 1.323   -4.338  -7.598  1.00 8.93  ? 2    GCK A O15    1 
HETATM 56  C C16    . GCK A 1 2  ? 0.994   -5.710  -8.295  1.00 8.81  ? 2    GCK A C16    1 
HETATM 57  C C17    . GCK A 1 2  ? 0.323   -5.388  -9.589  1.00 7.94  ? 2    GCK A C17    1 
HETATM 58  N N18    . GCK A 1 2  ? -0.825  -4.596  -9.549  1.00 7.23  ? 2    GCK A N18    1 
HETATM 59  C C19    . GCK A 1 2  ? -2.050  -5.077  -9.528  1.00 8.10  ? 2    GCK A C19    1 
HETATM 60  N N20    . GCK A 1 2  ? -3.077  -4.239  -9.577  1.00 8.96  ? 2    GCK A N20    1 
HETATM 61  N N21    . GCK A 1 2  ? -2.272  -6.379  -9.487  1.00 10.12 ? 2    GCK A N21    1 
HETATM 62  C "C2'"  . GCK A 1 2  ? 6.369   3.266   -7.650  1.00 7.49  ? 2    GCK A "C2'"  1 
HETATM 63  C "C5'"  . GCK A 1 2  ? 9.267   1.429   -6.168  1.00 7.92  ? 2    GCK A "C5'"  1 
HETATM 64  C "C4'"  . GCK A 1 2  ? 8.447   2.291   -7.147  1.00 7.29  ? 2    GCK A "C4'"  1 
HETATM 65  O "O4'"  . GCK A 1 2  ? 7.826   1.367   -8.046  1.00 7.11  ? 2    GCK A "O4'"  1 
HETATM 66  C "C1'"  . GCK A 1 2  ? 6.317   2.146   -8.266  1.00 9.43  ? 2    GCK A "C1'"  1 
HETATM 67  C "C3'"  . GCK A 1 2  ? 7.341   3.116   -6.571  1.00 7.18  ? 2    GCK A "C3'"  1 
HETATM 68  O "O3'"  . GCK A 1 2  ? 7.880   4.401   -6.222  1.00 7.90  ? 2    GCK A "O3'"  1 
HETATM 69  H H6     . GCK A 1 2  ? 6.571   -0.135  -6.657  1.00 7.93  ? 2    GCK A H6     1 
HETATM 70  H H4     . GCK A 1 2  ? 2.215   -2.237  -8.253  1.00 8.41  ? 2    GCK A H4     1 
HETATM 71  H H10    . GCK A 1 2  ? 5.529   -4.269  -4.734  1.00 9.82  ? 2    GCK A H10    1 
HETATM 72  H H11    . GCK A 1 2  ? 4.120   -6.074  -4.661  1.00 10.32 ? 2    GCK A H11    1 
HETATM 73  H H12    . GCK A 1 2  ? 2.144   -6.164  -5.829  1.00 11.48 ? 2    GCK A H12    1 
HETATM 74  H H161   . GCK A 1 2  ? 1.809   -6.212  -8.453  1.00 10.57 ? 2    GCK A H161   1 
HETATM 75  H H162   . GCK A 1 2  ? 0.407   -6.241  -7.734  1.00 10.57 ? 2    GCK A H162   1 
HETATM 76  H H171   . GCK A 1 2  ? 0.971   -4.942  -10.157 1.00 9.53  ? 2    GCK A H171   1 
HETATM 77  H H172   . GCK A 1 2  ? 0.091   -6.225  -10.021 1.00 9.53  ? 2    GCK A H172   1 
HETATM 78  H H18    . GCK A 1 2  ? -0.727  -3.741  -9.538  1.00 8.67  ? 2    GCK A H18    1 
HETATM 79  H H201   . GCK A 1 2  ? -2.938  -3.391  -9.623  1.00 10.75 ? 2    GCK A H201   1 
HETATM 80  H H202   . GCK A 1 2  ? -3.881  -4.542  -9.564  1.00 10.75 ? 2    GCK A H202   1 
HETATM 81  H H211   . GCK A 1 2  ? -3.078  -6.678  -9.494  1.00 12.15 ? 2    GCK A H211   1 
HETATM 82  H H212   . GCK A 1 2  ? -1.610  -6.927  -9.456  1.00 12.15 ? 2    GCK A H212   1 
HETATM 83  H "H2'1" . GCK A 1 2  ? 5.497   3.493   -7.290  1.00 8.99  ? 2    GCK A "H2'1" 1 
HETATM 84  H "H2'2" . GCK A 1 2  ? 6.645   3.971   -8.257  1.00 8.99  ? 2    GCK A "H2'2" 1 
HETATM 85  H "H5'1" . GCK A 1 2  ? 9.868   0.850   -6.663  1.00 9.51  ? 2    GCK A "H5'1" 1 
HETATM 86  H "H5'2" . GCK A 1 2  ? 9.799   2.000   -5.592  1.00 9.51  ? 2    GCK A "H5'2" 1 
HETATM 87  H "H4'"  . GCK A 1 2  ? 9.055   2.873   -7.651  1.00 8.75  ? 2    GCK A "H4'"  1 
HETATM 88  H "H1'"  . GCK A 1 2  ? 6.239   2.350   -9.221  1.00 11.31 ? 2    GCK A "H1'"  1 
HETATM 89  H "H3'"  . GCK A 1 2  ? 6.942   2.676   -5.792  1.00 8.61  ? 2    GCK A "H3'"  1 
ATOM   90  P P      . DG  A 1 3  ? 7.023   5.357   -5.297  1.00 8.47  ? 3    DG  A P      1 
ATOM   91  O OP1    . DG  A 1 3  ? 7.869   6.573   -5.107  1.00 10.14 ? 3    DG  A OP1    1 
ATOM   92  O OP2    . DG  A 1 3  ? 6.527   4.655   -4.090  1.00 9.54  ? 3    DG  A OP2    1 
ATOM   93  O "O5'"  . DG  A 1 3  ? 5.805   5.701   -6.267  1.00 7.96  ? 3    DG  A "O5'"  1 
ATOM   94  C "C5'"  . DG  A 1 3  ? 4.514   6.020   -5.733  1.00 7.54  ? 3    DG  A "C5'"  1 
ATOM   95  C "C4'"  . DG  A 1 3  ? 3.528   6.139   -6.879  1.00 7.06  ? 3    DG  A "C4'"  1 
ATOM   96  O "O4'"  . DG  A 1 3  ? 3.435   4.872   -7.567  1.00 7.31  ? 3    DG  A "O4'"  1 
ATOM   97  C "C3'"  . DG  A 1 3  ? 2.127   6.488   -6.460  1.00 7.15  ? 3    DG  A "C3'"  1 
ATOM   98  O "O3'"  . DG  A 1 3  ? 1.995   7.909   -6.342  1.00 7.75  ? 3    DG  A "O3'"  1 
ATOM   99  C "C2'"  . DG  A 1 3  ? 1.282   5.914   -7.550  1.00 7.09  ? 3    DG  A "C2'"  1 
ATOM   100 C "C1'"  . DG  A 1 3  ? 2.008   4.761   -7.909  1.00 7.32  ? 3    DG  A "C1'"  1 
ATOM   101 N N9     . DG  A 1 3  ? 1.661   3.403   -7.270  1.00 6.12  ? 3    DG  A N9     1 
ATOM   102 C C8     . DG  A 1 3  ? 2.413   2.543   -6.532  1.00 6.98  ? 3    DG  A C8     1 
ATOM   103 N N7     . DG  A 1 3  ? 1.785   1.491   -6.180  1.00 6.41  ? 3    DG  A N7     1 
ATOM   104 C C5     . DG  A 1 3  ? 0.517   1.621   -6.713  1.00 5.80  ? 3    DG  A C5     1 
ATOM   105 C C6     . DG  A 1 3  ? -0.625  0.787   -6.680  1.00 6.03  ? 3    DG  A C6     1 
ATOM   106 O O6     . DG  A 1 3  ? -0.738  -0.296  -6.123  1.00 6.37  ? 3    DG  A O6     1 
ATOM   107 N N1     . DG  A 1 3  ? -1.703  1.326   -7.376  1.00 5.42  ? 3    DG  A N1     1 
ATOM   108 C C2     . DG  A 1 3  ? -1.684  2.540   -8.024  1.00 5.37  ? 3    DG  A C2     1 
ATOM   109 N N2     . DG  A 1 3  ? -2.838  2.875   -8.627  1.00 5.86  ? 3    DG  A N2     1 
ATOM   110 N N3     . DG  A 1 3  ? -0.643  3.326   -8.083  1.00 6.08  ? 3    DG  A N3     1 
ATOM   111 C C4     . DG  A 1 3  ? 0.420   2.800   -7.403  1.00 6.14  ? 3    DG  A C4     1 
ATOM   112 H "H5'"  . DG  A 1 3  ? 4.555   6.856   -5.243  1.00 9.05  ? 3    DG  A "H5'"  1 
ATOM   113 H "H5''" . DG  A 1 3  ? 4.227   5.323   -5.122  1.00 9.05  ? 3    DG  A "H5''" 1 
ATOM   114 H "H4'"  . DG  A 1 3  ? 3.852   6.819   -7.507  1.00 8.48  ? 3    DG  A "H4'"  1 
ATOM   115 H "H3'"  . DG  A 1 3  ? 1.913   6.058   -5.606  1.00 8.58  ? 3    DG  A "H3'"  1 
ATOM   116 H "H2'"  . DG  A 1 3  ? 0.395   5.687   -7.227  1.00 8.51  ? 3    DG  A "H2'"  1 
ATOM   117 H "H2''" . DG  A 1 3  ? 1.202   6.528   -8.296  1.00 8.51  ? 3    DG  A "H2''" 1 
ATOM   118 H "H1'"  . DG  A 1 3  ? 1.942   4.658   -8.880  1.00 8.78  ? 3    DG  A "H1'"  1 
ATOM   119 H H8     . DG  A 1 3  ? 3.300   2.706   -6.307  1.00 8.38  ? 3    DG  A H8     1 
ATOM   120 H H1     . DG  A 1 3  ? -2.431  0.868   -7.402  1.00 6.50  ? 3    DG  A H1     1 
ATOM   121 H H21    . DG  A 1 3  ? -2.896  3.615   -9.060  1.00 7.04  ? 3    DG  A H21    1 
ATOM   122 H H22    . DG  A 1 3  ? -3.515  2.348   -8.581  1.00 7.04  ? 3    DG  A H22    1 
ATOM   123 P P      . DT  A 1 4  ? 0.939   8.528   -5.341  1.00 8.42  ? 4    DT  A P      1 
ATOM   124 O OP1    . DT  A 1 4  ? 1.120   9.999   -5.435  1.00 10.17 ? 4    DT  A OP1    1 
ATOM   125 O OP2    . DT  A 1 4  ? 1.004   7.828   -4.016  1.00 9.06  ? 4    DT  A OP2    1 
ATOM   126 O "O5'"  . DT  A 1 4  ? -0.473  8.122   -5.952  1.00 7.49  ? 4    DT  A "O5'"  1 
ATOM   127 C "C5'"  . DT  A 1 4  ? -1.087  8.802   -7.037  1.00 7.75  ? 4    DT  A "C5'"  1 
ATOM   128 C "C4'"  . DT  A 1 4  ? -2.564  8.459   -7.052  1.00 7.02  ? 4    DT  A "C4'"  1 
ATOM   129 O "O4'"  . DT  A 1 4  ? -2.674  7.072   -7.521  1.00 6.92  ? 4    DT  A "O4'"  1 
ATOM   130 C "C3'"  . DT  A 1 4  ? -3.341  8.464   -5.767  1.00 7.04  ? 4    DT  A "C3'"  1 
ATOM   131 O "O3'"  . DT  A 1 4  ? -3.755  9.823   -5.479  1.00 7.90  ? 4    DT  A "O3'"  1 
ATOM   132 C "C2'"  . DT  A 1 4  ? -4.488  7.532   -6.031  1.00 6.95  ? 4    DT  A "C2'"  1 
ATOM   133 C "C1'"  . DT  A 1 4  ? -3.873  6.518   -6.800  1.00 6.41  ? 4    DT  A "C1'"  1 
ATOM   134 N N1     . DT  A 1 4  ? -3.303  5.313   -6.058  1.00 5.86  ? 4    DT  A N1     1 
ATOM   135 C C2     . DT  A 1 4  ? -4.172  4.255   -5.913  1.00 6.20  ? 4    DT  A C2     1 
ATOM   136 O O2     . DT  A 1 4  ? -5.300  4.217   -6.361  1.00 6.60  ? 4    DT  A O2     1 
ATOM   137 N N3     . DT  A 1 4  ? -3.629  3.199   -5.232  1.00 6.16  ? 4    DT  A N3     1 
ATOM   138 C C4     . DT  A 1 4  ? -2.355  3.110   -4.674  1.00 5.69  ? 4    DT  A C4     1 
ATOM   139 O O4     . DT  A 1 4  ? -2.018  2.084   -4.085  1.00 6.18  ? 4    DT  A O4     1 
ATOM   140 C C5     . DT  A 1 4  ? -1.546  4.280   -4.838  1.00 5.95  ? 4    DT  A C5     1 
ATOM   141 C C7     . DT  A 1 4  ? -0.147  4.281   -4.238  1.00 7.03  ? 4    DT  A C7     1 
ATOM   142 C C6     . DT  A 1 4  ? -2.050  5.308   -5.518  1.00 6.16  ? 4    DT  A C6     1 
ATOM   143 H "H5'"  . DT  A 1 4  ? -0.675  8.533   -7.872  1.00 9.30  ? 4    DT  A "H5'"  1 
ATOM   144 H "H5''" . DT  A 1 4  ? -0.970  9.760   -6.935  1.00 9.30  ? 4    DT  A "H5''" 1 
ATOM   145 H "H4'"  . DT  A 1 4  ? -3.015  9.045   -7.694  1.00 8.42  ? 4    DT  A "H4'"  1 
ATOM   146 H "H3'"  . DT  A 1 4  ? -2.786  8.118   -5.036  1.00 8.45  ? 4    DT  A "H3'"  1 
ATOM   147 H "H2'"  . DT  A 1 4  ? -4.853  7.178   -5.205  1.00 8.33  ? 4    DT  A "H2'"  1 
ATOM   148 H "H2''" . DT  A 1 4  ? -5.194  7.975   -6.528  1.00 8.33  ? 4    DT  A "H2''" 1 
ATOM   149 H "H1'"  . DT  A 1 4  ? -4.517  6.198   -7.465  1.00 7.70  ? 4    DT  A "H1'"  1 
ATOM   150 H H3     . DT  A 1 4  ? -4.133  2.507   -5.139  1.00 7.39  ? 4    DT  A H3     1 
ATOM   151 H H71    . DT  A 1 4  ? 0.012   3.444   -3.796  1.00 10.55 ? 4    DT  A H71    1 
ATOM   152 H H72    . DT  A 1 4  ? -0.072  4.998   -3.603  1.00 10.55 ? 4    DT  A H72    1 
ATOM   153 H H73    . DT  A 1 4  ? 0.501   4.403   -4.935  1.00 10.55 ? 4    DT  A H73    1 
ATOM   154 H H6     . DT  A 1 4  ? -1.518  6.063   -5.630  1.00 7.40  ? 4    DT  A H6     1 
ATOM   155 P P      . DA  A 1 5  ? -3.904  10.309  -3.964  1.00 9.52  ? 5    DA  A P      1 
ATOM   156 O OP1    . DA  A 1 5  ? -4.337  11.736  -4.048  1.00 11.42 ? 5    DA  A OP1    1 
ATOM   157 O OP2    . DA  A 1 5  ? -2.698  9.935   -3.159  1.00 10.78 ? 5    DA  A OP2    1 
ATOM   158 O "O5'"  . DA  A 1 5  ? -5.146  9.426   -3.478  1.00 8.72  ? 5    DA  A "O5'"  1 
ATOM   159 C "C5'"  . DA  A 1 5  ? -5.115  8.858   -2.158  1.00 8.77  ? 5    DA  A "C5'"  1 
ATOM   160 C "C4'"  . DA  A 1 5  ? -6.283  7.915   -2.096  1.00 8.56  ? 5    DA  A "C4'"  1 
ATOM   161 O "O4'"  . DA  A 1 5  ? -6.036  6.815   -2.995  1.00 8.01  ? 5    DA  A "O4'"  1 
ATOM   162 C "C3'"  . DA  A 1 5  ? -6.507  7.272   -0.763  1.00 8.40  ? 5    DA  A "C3'"  1 
ATOM   163 O "O3'"  . DA  A 1 5  ? -7.202  8.180   0.135   1.00 9.65  ? 5    DA  A "O3'"  1 
ATOM   164 C "C2'"  . DA  A 1 5  ? -7.291  6.054   -1.161  1.00 8.76  ? 5    DA  A "C2'"  1 
ATOM   165 C "C1'"  . DA  A 1 5  ? -6.549  5.623   -2.401  1.00 7.69  ? 5    DA  A "C1'"  1 
ATOM   166 N N9     . DA  A 1 5  ? -5.405  4.729   -2.135  1.00 7.09  ? 5    DA  A N9     1 
ATOM   167 C C8     . DA  A 1 5  ? -4.059  5.018   -2.119  1.00 7.25  ? 5    DA  A C8     1 
ATOM   168 N N7     . DA  A 1 5  ? -3.315  3.986   -1.831  1.00 7.03  ? 5    DA  A N7     1 
ATOM   169 C C5     . DA  A 1 5  ? -4.226  2.924   -1.646  1.00 6.65  ? 5    DA  A C5     1 
ATOM   170 C C6     . DA  A 1 5  ? -4.061  1.599   -1.340  1.00 6.77  ? 5    DA  A C6     1 
ATOM   171 N N6     . DA  A 1 5  ? -2.866  1.047   -1.140  1.00 7.12  ? 5    DA  A N6     1 
ATOM   172 N N1     . DA  A 1 5  ? -5.178  0.833   -1.232  1.00 6.82  ? 5    DA  A N1     1 
ATOM   173 C C2     . DA  A 1 5  ? -6.381  1.408   -1.436  1.00 7.22  ? 5    DA  A C2     1 
ATOM   174 N N3     . DA  A 1 5  ? -6.663  2.680   -1.743  1.00 7.19  ? 5    DA  A N3     1 
ATOM   175 C C4     . DA  A 1 5  ? -5.512  3.413   -1.840  1.00 6.77  ? 5    DA  A C4     1 
ATOM   176 H "H5'"  . DA  A 1 5  ? -5.200  9.551   -1.485  1.00 10.53 ? 5    DA  A "H5'"  1 
ATOM   177 H "H5''" . DA  A 1 5  ? -4.283  8.380   -2.010  1.00 10.53 ? 5    DA  A "H5''" 1 
ATOM   178 H "H4'"  . DA  A 1 5  ? -7.098  8.386   -2.373  1.00 10.27 ? 5    DA  A "H4'"  1 
ATOM   179 H "H3'"  . DA  A 1 5  ? -5.649  7.004   -0.372  1.00 10.08 ? 5    DA  A "H3'"  1 
ATOM   180 H "H2'"  . DA  A 1 5  ? -7.262  5.372   -0.472  1.00 10.52 ? 5    DA  A "H2'"  1 
ATOM   181 H "H2''" . DA  A 1 5  ? -8.216  6.274   -1.356  1.00 10.52 ? 5    DA  A "H2''" 1 
ATOM   182 H "H1'"  . DA  A 1 5  ? -7.170  5.187   -3.021  1.00 9.23  ? 5    DA  A "H1'"  1 
ATOM   183 H H8     . DA  A 1 5  ? -3.714  5.864   -2.295  1.00 8.70  ? 5    DA  A H8     1 
ATOM   184 H H61    . DA  A 1 5  ? -2.805  0.212   -0.945  1.00 8.54  ? 5    DA  A H61    1 
ATOM   185 H H62    . DA  A 1 5  ? -2.155  1.526   -1.207  1.00 8.54  ? 5    DA  A H62    1 
ATOM   186 H H2     . DA  A 1 5  ? -7.115  0.843   -1.351  1.00 8.66  ? 5    DA  A H2     1 
ATOM   187 P P      . DT  A 1 6  ? -6.929  8.182   1.685   1.00 9.62  ? 6    DT  A P      1 
ATOM   188 O OP1    . DT  A 1 6  ? -7.772  9.270   2.230   1.00 12.17 ? 6    DT  A OP1    1 
ATOM   189 O OP2    . DT  A 1 6  ? -5.461  8.185   2.009   1.00 10.51 ? 6    DT  A OP2    1 
ATOM   190 O "O5'"  . DT  A 1 6  ? -7.452  6.768   2.184   1.00 9.11  ? 6    DT  A "O5'"  1 
ATOM   191 C "C5'"  . DT  A 1 6  ? -8.826  6.455   2.101   1.00 9.38  ? 6    DT  A "C5'"  1 
ATOM   192 C "C4'"  . DT  A 1 6  ? -9.068  5.029   2.444   1.00 8.78  ? 6    DT  A "C4'"  1 
ATOM   193 O "O4'"  . DT  A 1 6  ? -8.419  4.166   1.440   1.00 7.92  ? 6    DT  A "O4'"  1 
ATOM   194 C "C3'"  . DT  A 1 6  ? -8.474  4.508   3.723   1.00 8.05  ? 6    DT  A "C3'"  1 
ATOM   195 O "O3'"  . DT  A 1 6  ? -9.256  4.965   4.854   1.00 8.20  ? 6    DT  A "O3'"  1 
ATOM   196 C "C2'"  . DT  A 1 6  ? -8.507  3.035   3.499   1.00 7.78  ? 6    DT  A "C2'"  1 
ATOM   197 C "C1'"  . DT  A 1 6  ? -7.992  2.962   2.116   1.00 7.60  ? 6    DT  A "C1'"  1 
ATOM   198 N N1     . DT  A 1 6  ? -6.497  2.897   2.015   1.00 7.59  ? 6    DT  A N1     1 
ATOM   199 C C2     . DT  A 1 6  ? -5.923  1.648   2.138   1.00 7.16  ? 6    DT  A C2     1 
ATOM   200 O O2     . DT  A 1 6  ? -6.600  0.650   2.311   1.00 7.92  ? 6    DT  A O2     1 
ATOM   201 N N3     . DT  A 1 6  ? -4.566  1.625   2.035   1.00 6.79  ? 6    DT  A N3     1 
ATOM   202 C C4     . DT  A 1 6  ? -3.731  2.705   1.866   1.00 6.65  ? 6    DT  A C4     1 
ATOM   203 O O4     . DT  A 1 6  ? -2.496  2.495   1.813   1.00 7.69  ? 6    DT  A O4     1 
ATOM   204 C C5     . DT  A 1 6  ? -4.375  4.013   1.754   1.00 6.94  ? 6    DT  A C5     1 
ATOM   205 C C7     . DT  A 1 6  ? -3.501  5.187   1.558   1.00 8.52  ? 6    DT  A C7     1 
ATOM   206 C C6     . DT  A 1 6  ? -5.701  4.032   1.843   1.00 7.57  ? 6    DT  A C6     1 
ATOM   207 H "H5'"  . DT  A 1 6  ? -9.143  6.629   1.201   1.00 11.26 ? 6    DT  A "H5'"  1 
ATOM   208 H "H5''" . DT  A 1 6  ? -9.323  7.023   2.710   1.00 11.26 ? 6    DT  A "H5''" 1 
ATOM   209 H "H4'"  . DT  A 1 6  ? -10.032 4.856   2.444   1.00 10.54 ? 6    DT  A "H4'"  1 
ATOM   210 H "H3'"  . DT  A 1 6  ? -7.548  4.813   3.811   1.00 9.65  ? 6    DT  A "H3'"  1 
ATOM   211 H "H2'"  . DT  A 1 6  ? -7.926  2.559   4.129   1.00 9.34  ? 6    DT  A "H2'"  1 
ATOM   212 H "H1'"  . DT  A 1 6  ? -8.381  2.183   1.667   1.00 9.12  ? 6    DT  A "H1'"  1 
ATOM   213 H H3     . DT  A 1 6  ? -4.190  0.853   2.080   1.00 8.15  ? 6    DT  A H3     1 
ATOM   214 H H71    . DT  A 1 6  ? -2.586  4.902   1.521   1.00 12.78 ? 6    DT  A H71    1 
ATOM   215 H H72    . DT  A 1 6  ? -3.618  5.798   2.288   1.00 12.78 ? 6    DT  A H72    1 
ATOM   216 H H73    . DT  A 1 6  ? -3.733  5.625   0.735   1.00 12.78 ? 6    DT  A H73    1 
ATOM   217 H H6     . DT  A 1 6  ? -6.127  4.857   1.787   1.00 9.08  ? 6    DT  A H6     1 
ATOM   218 P P      . DA  A 1 7  ? -8.545  5.253   6.226   1.00 8.79  ? 7    DA  A P      1 
ATOM   219 O OP1    . DA  A 1 7  ? -9.569  5.907   7.087   1.00 11.16 ? 7    DA  A OP1    1 
ATOM   220 O OP2    . DA  A 1 7  ? -7.246  5.931   6.002   1.00 9.90  ? 7    DA  A OP2    1 
ATOM   221 O "O5'"  . DA  A 1 7  ? -8.153  3.805   6.780   1.00 8.30  ? 7    DA  A "O5'"  1 
ATOM   222 C "C5'"  . DA  A 1 7  ? -9.231  2.915   7.188   1.00 8.35  ? 7    DA  A "C5'"  1 
ATOM   223 C "C4'"  . DA  A 1 7  ? -8.647  1.571   7.553   1.00 8.21  ? 7    DA  A "C4'"  1 
ATOM   224 O "O4'"  . DA  A 1 7  ? -8.023  1.002   6.395   1.00 7.33  ? 7    DA  A "O4'"  1 
ATOM   225 C "C3'"  . DA  A 1 7  ? -7.544  1.575   8.572   1.00 8.81  ? 7    DA  A "C3'"  1 
ATOM   226 O "O3'"  . DA  A 1 7  ? -8.216  1.645   9.870   1.00 10.20 ? 7    DA  A "O3'"  1 
ATOM   227 C "C2'"  . DA  A 1 7  ? -6.820  0.321   8.272   1.00 7.69  ? 7    DA  A "C2'"  1 
ATOM   228 C "C1'"  . DA  A 1 7  ? -6.913  0.205   6.779   1.00 7.11  ? 7    DA  A "C1'"  1 
ATOM   229 N N9     . DA  A 1 7  ? -5.722  0.750   6.149   1.00 6.76  ? 7    DA  A N9     1 
ATOM   230 C C8     . DA  A 1 7  ? -5.453  2.008   5.709   1.00 7.28  ? 7    DA  A C8     1 
ATOM   231 N N7     . DA  A 1 7  ? -4.264  2.196   5.209   1.00 6.85  ? 7    DA  A N7     1 
ATOM   232 C C5     . DA  A 1 7  ? -3.665  0.927   5.347   1.00 6.21  ? 7    DA  A C5     1 
ATOM   233 C C6     . DA  A 1 7  ? -2.370  0.448   5.012   1.00 6.38  ? 7    DA  A C6     1 
ATOM   234 N N6     . DA  A 1 7  ? -1.426  1.170   4.448   1.00 7.38  ? 7    DA  A N6     1 
ATOM   235 N N1     . DA  A 1 7  ? -2.140  -0.859  5.307   1.00 6.71  ? 7    DA  A N1     1 
ATOM   236 C C2     . DA  A 1 7  ? -3.100  -1.603  5.884   1.00 7.28  ? 7    DA  A C2     1 
ATOM   237 N N3     . DA  A 1 7  ? -4.332  -1.228  6.225   1.00 6.72  ? 7    DA  A N3     1 
ATOM   238 C C4     . DA  A 1 7  ? -4.535  0.066   5.918   1.00 6.72  ? 7    DA  A C4     1 
ATOM   239 H "H5'"  . DA  A 1 7  ? -9.866  2.812   6.462   1.00 10.02 ? 7    DA  A "H5'"  1 
ATOM   240 H "H5''" . DA  A 1 7  ? -9.698  3.290   7.950   1.00 10.02 ? 7    DA  A "H5''" 1 
ATOM   241 H "H4'"  . DA  A 1 7  ? -9.366  0.978   7.858   1.00 9.85  ? 7    DA  A "H4'"  1 
ATOM   242 H "H3'"  . DA  A 1 7  ? -6.959  2.351   8.444   1.00 10.57 ? 7    DA  A "H3'"  1 
ATOM   243 H "H2'"  . DA  A 1 7  ? -5.895  0.377   8.560   1.00 9.23  ? 7    DA  A "H2'"  1 
ATOM   244 H "H2''" . DA  A 1 7  ? -7.241  -0.437  8.708   1.00 9.23  ? 7    DA  A "H2''" 1 
ATOM   245 H "H1'"  . DA  A 1 7  ? -7.050  -0.728  6.513   1.00 8.53  ? 7    DA  A "H1'"  1 
ATOM   246 H H8     . DA  A 1 7  ? -6.080  2.692   5.762   1.00 8.74  ? 7    DA  A H8     1 
ATOM   247 H H61    . DA  A 1 7  ? -0.664  0.815   4.268   1.00 8.85  ? 7    DA  A H61    1 
ATOM   248 H H62    . DA  A 1 7  ? -1.571  1.997   4.262   1.00 8.85  ? 7    DA  A H62    1 
ATOM   249 H H2     . DA  A 1 7  ? -2.876  -2.487  6.068   1.00 8.73  ? 7    DA  A H2     1 
ATOM   250 P P      . DC  A 1 8  ? -7.508  1.871   11.199  1.00 9.95  ? 8    DC  A P      1 
ATOM   251 O OP1    . DC  A 1 8  ? -8.464  1.769   12.333  1.00 11.72 ? 8    DC  A OP1    1 
ATOM   252 O OP2    . DC  A 1 8  ? -6.507  2.869   11.010  1.00 11.25 ? 8    DC  A OP2    1 
ATOM   253 O "O5'"  . DC  A 1 8  ? -6.541  0.617   11.185  1.00 9.80  ? 8    DC  A "O5'"  1 
ATOM   254 C "C5'"  . DC  A 1 8  ? -5.237  0.716   11.617  1.00 12.77 ? 8    DC  A "C5'"  1 
ATOM   255 C "C4'"  . DC  A 1 8  ? -4.445  -0.571  11.443  1.00 7.90  ? 8    DC  A "C4'"  1 
ATOM   256 O "O4'"  . DC  A 1 8  ? -4.196  -0.790  10.044  1.00 7.81  ? 8    DC  A "O4'"  1 
ATOM   257 C "C3'"  . DC  A 1 8  ? -3.066  -0.551  12.045  1.00 6.12  ? 8    DC  A "C3'"  1 
ATOM   258 O "O3'"  . DC  A 1 8  ? -3.175  -0.904  13.451  1.00 7.43  ? 8    DC  A "O3'"  1 
ATOM   259 C "C2'"  . DC  A 1 8  ? -2.306  -1.519  11.190  1.00 6.64  ? 8    DC  A "C2'"  1 
ATOM   260 C "C1'"  . DC  A 1 8  ? -2.871  -1.262  9.813   1.00 7.06  ? 8    DC  A "C1'"  1 
ATOM   261 N N1     . DC  A 1 8  ? -2.101  -0.226  9.096   1.00 6.83  ? 8    DC  A N1     1 
ATOM   262 C C2     . DC  A 1 8  ? -0.806  -0.592  8.650   1.00 6.94  ? 8    DC  A C2     1 
ATOM   263 O O2     . DC  A 1 8  ? -0.424  -1.740  8.882   1.00 7.39  ? 8    DC  A O2     1 
ATOM   264 N N3     . DC  A 1 8  ? -0.058  0.312   8.004   1.00 7.02  ? 8    DC  A N3     1 
ATOM   265 C C4     . DC  A 1 8  ? -0.536  1.551   7.787   1.00 7.10  ? 8    DC  A C4     1 
ATOM   266 N N4     . DC  A 1 8  ? 0.234   2.431   7.136   1.00 8.13  ? 8    DC  A N4     1 
ATOM   267 C C5     . DC  A 1 8  ? -1.851  1.922   8.225   1.00 7.79  ? 8    DC  A C5     1 
ATOM   268 C C6     . DC  A 1 8  ? -2.582  1.038   8.860   1.00 7.63  ? 8    DC  A C6     1 
ATOM   269 H "H5'"  . DC  A 1 8  ? -5.234  0.963   12.555  1.00 15.32 ? 8    DC  A "H5'"  1 
ATOM   270 H "H5''" . DC  A 1 8  ? -4.796  1.426   11.124  1.00 15.32 ? 8    DC  A "H5''" 1 
ATOM   271 H "H4'"  . DC  A 1 8  ? -4.954  -1.324  11.810  1.00 9.49  ? 8    DC  A "H4'"  1 
ATOM   272 H "H3'"  . DC  A 1 8  ? -2.678  0.344   11.956  1.00 7.35  ? 8    DC  A "H3'"  1 
ATOM   273 H "H2'"  . DC  A 1 8  ? -1.354  -1.340  11.218  1.00 7.97  ? 8    DC  A "H2'"  1 
ATOM   274 H "H2''" . DC  A 1 8  ? -2.467  -2.434  11.469  1.00 7.97  ? 8    DC  A "H2''" 1 
ATOM   275 H "H1'"  . DC  A 1 8  ? -2.890  -2.092  9.293   1.00 8.47  ? 8    DC  A "H1'"  1 
ATOM   276 H H41    . DC  A 1 8  ? 1.016   2.200   6.865   1.00 9.76  ? 8    DC  A H41    1 
ATOM   277 H H42    . DC  A 1 8  ? -0.055  3.227   6.988   1.00 9.76  ? 8    DC  A H42    1 
ATOM   278 H H5     . DC  A 1 8  ? -2.180  2.776   8.061   1.00 9.35  ? 8    DC  A H5     1 
ATOM   279 H H6     . DC  A 1 8  ? -3.433  1.270   9.154   1.00 9.15  ? 8    DC  A H6     1 
ATOM   280 P P      . DG  A 1 9  ? -2.152  -0.369  14.530  1.00 7.95  ? 9    DG  A P      1 
ATOM   281 O OP1    . DG  A 1 9  ? -2.727  -0.892  15.847  1.00 9.81  ? 9    DG  A OP1    1 
ATOM   282 O OP2    . DG  A 1 9  ? -1.882  1.060   14.313  1.00 9.12  ? 9    DG  A OP2    1 
ATOM   283 O "O5'"  . DG  A 1 9  ? -0.771  -1.090  14.207  1.00 6.86  ? 9    DG  A "O5'"  1 
ATOM   284 C "C5'"  . DG  A 1 9  ? -0.596  -2.485  14.537  1.00 6.53  ? 9    DG  A "C5'"  1 
ATOM   285 C "C4'"  . DG  A 1 9  ? 0.801   -2.887  14.153  1.00 6.01  ? 9    DG  A "C4'"  1 
ATOM   286 O "O4'"  . DG  A 1 9  ? 0.954   -2.795  12.705  1.00 6.38  ? 9    DG  A "O4'"  1 
ATOM   287 C "C3'"  . DG  A 1 9  ? 1.943   -2.033  14.668  1.00 5.95  ? 9    DG  A "C3'"  1 
ATOM   288 O "O3'"  . DG  A 1 9  ? 2.187   -2.329  16.058  1.00 6.79  ? 9    DG  A "O3'"  1 
ATOM   289 C "C2'"  . DG  A 1 9  ? 3.035   -2.434  13.731  1.00 6.49  ? 9    DG  A "C2'"  1 
ATOM   290 C "C1'"  . DG  A 1 9  ? 2.335   -2.474  12.459  1.00 6.40  ? 9    DG  A "C1'"  1 
ATOM   291 N N9     . DG  A 1 9  ? 2.313   -1.141  11.773  1.00 6.41  ? 9    DG  A N9     1 
ATOM   292 C C8     . DG  A 1 9  ? 1.321   -0.214  11.703  1.00 6.84  ? 9    DG  A C8     1 
ATOM   293 N N7     . DG  A 1 9  ? 1.665   0.849   11.006  1.00 6.75  ? 9    DG  A N7     1 
ATOM   294 C C5     . DG  A 1 9  ? 2.971   0.598   10.604  1.00 6.45  ? 9    DG  A C5     1 
ATOM   295 C C6     . DG  A 1 9  ? 3.877   1.360   9.836   1.00 6.26  ? 9    DG  A C6     1 
ATOM   296 O O6     . DG  A 1 9  ? 3.693   2.473   9.332   1.00 6.87  ? 9    DG  A O6     1 
ATOM   297 N N1     . DG  A 1 9  ? 5.108   0.717   9.675   1.00 6.53  ? 9    DG  A N1     1 
ATOM   298 C C2     . DG  A 1 9  ? 5.403   -0.513  10.194  1.00 6.97  ? 9    DG  A C2     1 
ATOM   299 N N2     . DG  A 1 9  ? 6.654   -0.979  9.924   1.00 7.56  ? 9    DG  A N2     1 
ATOM   300 N N3     . DG  A 1 9  ? 4.590   -1.259  10.911  1.00 6.53  ? 9    DG  A N3     1 
ATOM   301 C C4     . DG  A 1 9  ? 3.385   -0.624  11.065  1.00 6.67  ? 9    DG  A C4     1 
ATOM   302 H "H5'"  . DG  A 1 9  ? -1.242  -3.025  14.053  1.00 7.84  ? 9    DG  A "H5'"  1 
ATOM   303 H "H5''" . DG  A 1 9  ? -0.733  -2.622  15.487  1.00 7.84  ? 9    DG  A "H5''" 1 
ATOM   304 H "H4'"  . DG  A 1 9  ? 0.951   -3.816  14.430  1.00 7.21  ? 9    DG  A "H4'"  1 
ATOM   305 H "H3'"  . DG  A 1 9  ? 1.732   -1.082  14.556  1.00 7.14  ? 9    DG  A "H3'"  1 
ATOM   306 H "H2'"  . DG  A 1 9  ? 3.750   -1.778  13.721  1.00 7.79  ? 9    DG  A "H2'"  1 
ATOM   307 H "H2''" . DG  A 1 9  ? 3.400   -3.302  13.962  1.00 7.79  ? 9    DG  A "H2''" 1 
ATOM   308 H "H1'"  . DG  A 1 9  ? 2.739   -3.147  11.872  1.00 7.67  ? 9    DG  A "H1'"  1 
ATOM   309 H H8     . DG  A 1 9  ? 0.488   -0.319  12.104  1.00 8.20  ? 9    DG  A H8     1 
ATOM   310 H H1     . DG  A 1 9  ? 5.716   1.120   9.220   1.00 7.83  ? 9    DG  A H1     1 
ATOM   311 H H21    . DG  A 1 9  ? 6.900   -1.748  10.221  1.00 9.07  ? 9    DG  A H21    1 
ATOM   312 H H22    . DG  A 1 9  ? 7.198   -0.504  9.457   1.00 9.07  ? 9    DG  A H22    1 
ATOM   313 P P      . DC  A 1 10 ? 2.718   -1.115  16.954  1.00 8.03  ? 10   DC  A P      1 
ATOM   314 O OP1    . DC  A 1 10 ? 2.769   -1.684  18.288  1.00 9.88  ? 10   DC  A OP1    1 
ATOM   315 O OP2    . DC  A 1 10 ? 1.965   0.142   16.736  1.00 8.97  ? 10   DC  A OP2    1 
ATOM   316 O "O5'"  . DC  A 1 10 ? 4.192   -0.846  16.421  1.00 6.87  ? 10   DC  A "O5'"  1 
ATOM   317 C "C5'"  . DC  A 1 10 ? 5.215   -1.857  16.520  1.00 6.77  ? 10   DC  A "C5'"  1 
ATOM   318 C "C4'"  . DC  A 1 10 ? 6.497   -1.331  15.870  1.00 5.90  ? 10   DC  A "C4'"  1 
ATOM   319 O "O4'"  . DC  A 1 10 ? 6.251   -1.093  14.473  1.00 6.20  ? 10   DC  A "O4'"  1 
ATOM   320 C "C3'"  . DC  A 1 10 ? 7.051   -0.019  16.386  1.00 5.88  ? 10   DC  A "C3'"  1 
ATOM   321 O "O3'"  . DC  A 1 10 ? 7.811   -0.176  17.596  1.00 6.56  ? 10   DC  A "O3'"  1 
ATOM   322 C "C2'"  . DC  A 1 10 ? 7.909   0.407   15.239  1.00 6.19  ? 10   DC  A "C2'"  1 
ATOM   323 C "C1'"  . DC  A 1 10 ? 7.118   -0.022  14.036  1.00 6.16  ? 10   DC  A "C1'"  1 
ATOM   324 N N1     . DC  A 1 10 ? 6.275   1.046   13.507  1.00 6.07  ? 10   DC  A N1     1 
ATOM   325 C C2     . DC  A 1 10 ? 6.872   1.965   12.629  1.00 6.20  ? 10   DC  A C2     1 
ATOM   326 O O2     . DC  A 1 10 ? 8.056   1.776   12.335  1.00 6.45  ? 10   DC  A O2     1 
ATOM   327 N N3     . DC  A 1 10 ? 6.134   2.996   12.134  1.00 5.99  ? 10   DC  A N3     1 
ATOM   328 C C4     . DC  A 1 10 ? 4.851   3.150   12.523  1.00 6.36  ? 10   DC  A C4     1 
ATOM   329 N N4     . DC  A 1 10 ? 4.191   4.185   11.996  1.00 7.71  ? 10   DC  A N4     1 
ATOM   330 C C5     . DC  A 1 10 ? 4.244   2.248   13.432  1.00 6.57  ? 10   DC  A C5     1 
ATOM   331 C C6     . DC  A 1 10 ? 4.973   1.225   13.913  1.00 6.44  ? 10   DC  A C6     1 
ATOM   332 H "H5'"  . DC  A 1 10 ? 4.924   -2.666  16.070  1.00 8.12  ? 10   DC  A "H5'"  1 
ATOM   333 H "H5''" . DC  A 1 10 ? 5.381   -2.069  17.452  1.00 8.12  ? 10   DC  A "H5''" 1 
ATOM   334 H "H4'"  . DC  A 1 10 ? 7.192   -2.018  15.952  1.00 7.08  ? 10   DC  A "H4'"  1 
ATOM   335 H "H3'"  . DC  A 1 10 ? 6.326   0.625   16.523  1.00 7.06  ? 10   DC  A "H3'"  1 
ATOM   336 H "HO3'" . DC  A 1 10 ? 7.300   -0.241  18.234  1.00 9.84  ? 10   DC  A "HO3'" 1 
ATOM   337 H "H2'"  . DC  A 1 10 ? 8.045   1.368   15.243  1.00 7.43  ? 10   DC  A "H2'"  1 
ATOM   338 H "H2''" . DC  A 1 10 ? 8.772   -0.034  15.266  1.00 7.43  ? 10   DC  A "H2''" 1 
ATOM   339 H "H1'"  . DC  A 1 10 ? 7.723   -0.347  13.338  1.00 7.40  ? 10   DC  A "H1'"  1 
ATOM   340 H H41    . DC  A 1 10 ? 4.586   4.708   11.440  1.00 9.25  ? 10   DC  A H41    1 
ATOM   341 H H42    . DC  A 1 10 ? 3.371   4.327   12.212  1.00 9.25  ? 10   DC  A H42    1 
ATOM   342 H H5     . DC  A 1 10 ? 3.358   2.362   13.692  1.00 7.88  ? 10   DC  A H5     1 
ATOM   343 H H6     . DC  A 1 10 ? 4.594   0.634   14.523  1.00 7.73  ? 10   DC  A H6     1 
ATOM   344 O "O5'"  A DG  B 1 1  ? 8.534   8.342   3.662   0.93 20.80 ? 111  DG  B "O5'"  1 
ATOM   345 O "O5'"  B DG  B 1 1  ? 10.452  9.844   3.365   0.07 13.24 ? 111  DG  B "O5'"  1 
ATOM   346 C "C5'"  . DG  B 1 1  ? 9.918   8.535   3.478   1.00 16.34 ? 111  DG  B "C5'"  1 
ATOM   347 C "C4'"  . DG  B 1 1  ? 10.733  7.708   4.454   1.00 14.44 ? 111  DG  B "C4'"  1 
ATOM   348 O "O4'"  . DG  B 1 1  ? 10.455  8.100   5.834   1.00 13.74 ? 111  DG  B "O4'"  1 
ATOM   349 C "C3'"  . DG  B 1 1  ? 10.455  6.243   4.395   1.00 13.08 ? 111  DG  B "C3'"  1 
ATOM   350 O "O3'"  . DG  B 1 1  ? 11.381  5.741   3.432   1.00 12.19 ? 111  DG  B "O3'"  1 
ATOM   351 C "C2'"  . DG  B 1 1  ? 10.733  5.702   5.730   1.00 13.38 ? 111  DG  B "C2'"  1 
ATOM   352 C "C1'"  . DG  B 1 1  ? 10.387  6.775   6.577   1.00 13.36 ? 111  DG  B "C1'"  1 
ATOM   353 N N9     . DG  B 1 1  ? 8.985   6.901   7.208   1.00 9.31  ? 111  DG  B N9     1 
ATOM   354 C C8     . DG  B 1 1  ? 7.974   7.753   7.013   1.00 10.02 ? 111  DG  B C8     1 
ATOM   355 N N7     . DG  B 1 1  ? 6.931   7.487   7.802   1.00 9.95  ? 111  DG  B N7     1 
ATOM   356 C C5     . DG  B 1 1  ? 7.331   6.388   8.550   1.00 8.12  ? 111  DG  B C5     1 
ATOM   357 C C6     . DG  B 1 1  ? 6.653   5.660   9.559   1.00 7.45  ? 111  DG  B C6     1 
ATOM   358 O O6     . DG  B 1 1  ? 5.529   5.858   9.985   1.00 8.60  ? 111  DG  B O6     1 
ATOM   359 N N1     . DG  B 1 1  ? 7.434   4.617   10.054  1.00 7.04  ? 111  DG  B N1     1 
ATOM   360 C C2     . DG  B 1 1  ? 8.707   4.320   9.624   1.00 6.53  ? 111  DG  B C2     1 
ATOM   361 N N2     . DG  B 1 1  ? 9.281   3.274   10.233  1.00 6.63  ? 111  DG  B N2     1 
ATOM   362 N N3     . DG  B 1 1  ? 9.332   5.010   8.684   1.00 7.26  ? 111  DG  B N3     1 
ATOM   363 C C4     . DG  B 1 1  ? 8.595   6.021   8.192   1.00 7.65  ? 111  DG  B C4     1 
ATOM   364 H "H5'"  A DG  B 1 1  ? 10.130  9.474   3.600   0.93 19.60 ? 111  DG  B "H5'"  1 
ATOM   365 H "H5'"  B DG  B 1 1  ? 9.918   8.101   2.611   0.07 19.60 ? 111  DG  B "H5'"  1 
ATOM   366 H "H5''" A DG  B 1 1  ? 10.159  8.291   2.571   0.93 19.60 ? 111  DG  B "H5''" 1 
ATOM   367 H "H5''" B DG  B 1 1  ? 8.997   8.580   3.788   0.07 19.60 ? 111  DG  B "H5''" 1 
ATOM   368 H "H4'"  . DG  B 1 1  ? 11.685  7.854   4.271   1.00 17.33 ? 111  DG  B "H4'"  1 
ATOM   369 H "H3'"  . DG  B 1 1  ? 9.529   6.068   4.125   1.00 15.70 ? 111  DG  B "H3'"  1 
ATOM   370 H "H2'"  . DG  B 1 1  ? 10.188  4.921   5.914   1.00 16.05 ? 111  DG  B "H2'"  1 
ATOM   371 H "H2''" . DG  B 1 1  ? 11.669  5.468   5.827   1.00 16.05 ? 111  DG  B "H2''" 1 
ATOM   372 H "H1'"  . DG  B 1 1  ? 11.045  6.806   7.303   1.00 16.03 ? 111  DG  B "H1'"  1 
ATOM   373 H H8     . DG  B 1 1  ? 7.996   8.452   6.400   1.00 12.02 ? 111  DG  B H8     1 
ATOM   374 H H1     . DG  B 1 1  ? 7.096   4.123   10.673  1.00 8.44  ? 111  DG  B H1     1 
ATOM   375 H H21    . DG  B 1 1  ? 10.078  3.033   10.017  1.00 7.95  ? 111  DG  B H21    1 
ATOM   376 H H22    . DG  B 1 1  ? 8.852   2.843   10.842  1.00 7.95  ? 111  DG  B H22    1 
ATOM   377 H "HO5'" A DG  B 1 1  ? 8.150   8.413   2.942   0.93 31.20 ? 111  DG  B "HO5'" 1 
ATOM   378 H "HO5'" B DG  B 1 1  ? 11.216  9.855   3.662   0.07 31.20 ? 111  DG  B "HO5'" 1 
HETATM 379 P P      . GCK B 1 2  ? 10.932  4.511   2.624   1.00 11.86 ? 112  GCK B P      1 
HETATM 380 O O1P    . GCK B 1 2  ? 12.043  4.263   1.625   1.00 15.62 ? 112  GCK B O1P    1 
HETATM 381 O O2P    . GCK B 1 2  ? 9.540   4.652   2.194   1.00 12.79 ? 112  GCK B O2P    1 
HETATM 382 O "O5'"  . GCK B 1 2  ? 10.956  3.308   3.643   1.00 11.06 ? 112  GCK B "O5'"  1 
HETATM 383 N N1     . GCK B 1 2  ? 9.064   1.985   6.916   1.00 7.18  ? 112  GCK B N1     1 
HETATM 384 C C6     . GCK B 1 2  ? 8.719   2.970   6.042   1.00 7.31  ? 112  GCK B C6     1 
HETATM 385 C C2     . GCK B 1 2  ? 8.159   1.530   7.861   1.00 6.51  ? 112  GCK B C2     1 
HETATM 386 O O2     . GCK B 1 2  ? 8.509   0.630   8.604   1.00 7.18  ? 112  GCK B O2     1 
HETATM 387 N N3     . GCK B 1 2  ? 6.923   2.094   7.941   1.00 6.55  ? 112  GCK B N3     1 
HETATM 388 C C4     . GCK B 1 2  ? 6.590   3.062   7.087   1.00 6.92  ? 112  GCK B C4     1 
HETATM 389 N N4     . GCK B 1 2  ? 5.383   3.637   7.184   1.00 7.09  ? 112  GCK B N4     1 
HETATM 390 C C5     . GCK B 1 2  ? 7.495   3.540   6.090   1.00 7.68  ? 112  GCK B C5     1 
HETATM 391 O O8     . GCK B 1 2  ? 7.168   4.516   5.180   1.00 9.52  ? 112  GCK B O8     1 
HETATM 392 C C9     . GCK B 1 2  ? 5.962   5.091   5.324   1.00 8.33  ? 112  GCK B C9     1 
HETATM 393 C C10    . GCK B 1 2  ? 5.651   6.124   4.441   1.00 10.77 ? 112  GCK B C10    1 
HETATM 394 C C11    . GCK B 1 2  ? 4.398   6.707   4.522   1.00 13.50 ? 112  GCK B C11    1 
HETATM 395 C C12    . GCK B 1 2  ? 3.454   6.303   5.472   1.00 12.89 ? 112  GCK B C12    1 
HETATM 396 C C13    . GCK B 1 2  ? 3.761   5.294   6.373   1.00 10.59 ? 112  GCK B C13    1 
HETATM 397 C C14    . GCK B 1 2  ? 5.033   4.697   6.276   1.00 8.38  ? 112  GCK B C14    1 
HETATM 398 O O15    . GCK B 1 2  ? 2.969   4.799   7.379   1.00 11.47 ? 112  GCK B O15    1 
HETATM 399 C C16    . GCK B 1 2  ? 2.187   5.922   8.103   1.00 9.83  ? 112  GCK B C16    1 
HETATM 400 C C17    . GCK B 1 2  ? 2.184   5.673   9.543   1.00 8.53  ? 112  GCK B C17    1 
HETATM 401 N N18    . GCK B 1 2  ? 1.625   4.403   9.908   1.00 7.76  ? 112  GCK B N18    1 
HETATM 402 C C19    . GCK B 1 2  ? 0.355   4.246   10.357  1.00 9.02  ? 112  GCK B C19    1 
HETATM 403 N N20    . GCK B 1 2  ? -0.080  3.106   10.737  1.00 9.09  ? 112  GCK B N20    1 
HETATM 404 N N21    . GCK B 1 2  ? -0.522  5.301   10.290  1.00 11.24 ? 112  GCK B N21    1 
HETATM 405 C "C2'"  . GCK B 1 2  ? 10.577  0.095   6.188   1.00 9.44  ? 112  GCK B "C2'"  1 
HETATM 406 C "C5'"  . GCK B 1 2  ? 12.206  2.797   4.138   1.00 11.04 ? 112  GCK B "C5'"  1 
HETATM 407 C "C4'"  . GCK B 1 2  ? 11.930  1.730   5.196   1.00 9.81  ? 112  GCK B "C4'"  1 
HETATM 408 O "O4'"  . GCK B 1 2  ? 11.337  2.379   6.343   1.00 8.82  ? 112  GCK B "O4'"  1 
HETATM 409 C "C1'"  . GCK B 1 2  ? 10.422  1.248   6.900   1.00 8.91  ? 112  GCK B "C1'"  1 
HETATM 410 C "C3'"  . GCK B 1 2  ? 10.971  0.601   4.834   1.00 9.95  ? 112  GCK B "C3'"  1 
HETATM 411 O "O3'"  . GCK B 1 2  ? 11.592  -0.402  3.968   1.00 12.07 ? 112  GCK B "O3'"  1 
HETATM 412 H H6     . GCK B 1 2  ? 9.333   3.254   5.404   1.00 8.77  ? 112  GCK B H6     1 
HETATM 413 H H4     . GCK B 1 2  ? 4.824   3.376   7.784   1.00 8.51  ? 112  GCK B H4     1 
HETATM 414 H H10    . GCK B 1 2  ? 6.271   6.416   3.813   1.00 12.92 ? 112  GCK B H10    1 
HETATM 415 H H11    . GCK B 1 2  ? 4.177   7.386   3.927   1.00 16.20 ? 112  GCK B H11    1 
HETATM 416 H H12    . GCK B 1 2  ? 2.621   6.713   5.500   1.00 15.47 ? 112  GCK B H12    1 
HETATM 417 H H161   . GCK B 1 2  ? 2.602   6.780   7.920   1.00 11.80 ? 112  GCK B H161   1 
HETATM 418 H H162   . GCK B 1 2  ? 1.275   5.950   7.774   1.00 11.80 ? 112  GCK B H162   1 
HETATM 419 H H171   . GCK B 1 2  ? 3.096   5.719   9.869   1.00 10.23 ? 112  GCK B H171   1 
HETATM 420 H H172   . GCK B 1 2  ? 1.678   6.376   9.981   1.00 10.23 ? 112  GCK B H172   1 
HETATM 421 H H18    . GCK B 1 2  ? 2.121   3.704   9.838   1.00 9.31  ? 112  GCK B H18    1 
HETATM 422 H H201   . GCK B 1 2  ? 0.435   2.419   10.710  1.00 10.91 ? 112  GCK B H201   1 
HETATM 423 H H202   . GCK B 1 2  ? -0.889  3.028   11.018  1.00 10.91 ? 112  GCK B H202   1 
HETATM 424 H H211   . GCK B 1 2  ? -1.348  5.188   10.503  1.00 13.48 ? 112  GCK B H211   1 
HETATM 425 H H212   . GCK B 1 2  ? -0.245  6.076   10.036  1.00 13.48 ? 112  GCK B H212   1 
HETATM 426 H "H2'1" . GCK B 1 2  ? 9.749   -0.408  6.147   1.00 11.33 ? 112  GCK B "H2'1" 1 
HETATM 427 H "H2'2" . GCK B 1 2  ? 11.271  -0.465  6.570   1.00 11.33 ? 112  GCK B "H2'2" 1 
HETATM 428 H "H5'1" . GCK B 1 2  ? 12.727  3.517   4.525   1.00 13.25 ? 112  GCK B "H5'1" 1 
HETATM 429 H "H5'2" . GCK B 1 2  ? 12.715  2.411   3.408   1.00 13.25 ? 112  GCK B "H5'2" 1 
HETATM 430 H "H4'"  . GCK B 1 2  ? 12.785  1.336   5.470   1.00 11.77 ? 112  GCK B "H4'"  1 
HETATM 431 H "H1'"  . GCK B 1 2  ? 10.685  1.072   7.828   1.00 10.70 ? 112  GCK B "H1'"  1 
HETATM 432 H "H3'"  . GCK B 1 2  ? 10.184  0.975   4.384   1.00 11.94 ? 112  GCK B "H3'"  1 
ATOM   433 P P      . DG  B 1 3  ? 10.648  -1.167  2.938   1.00 15.47 ? 113  DG  B P      1 
ATOM   434 O OP1    . DG  B 1 3  ? 11.531  -2.186  2.317   1.00 17.66 ? 113  DG  B OP1    1 
ATOM   435 O OP2    . DG  B 1 3  ? 10.016  -0.165  2.102   1.00 18.70 ? 113  DG  B OP2    1 
ATOM   436 O "O5'"  . DG  B 1 3  ? 9.532   -1.928  3.762   1.00 11.11 ? 113  DG  B "O5'"  1 
ATOM   437 C "C5'"  . DG  B 1 3  ? 9.924   -3.036  4.541   1.00 11.08 ? 113  DG  B "C5'"  1 
ATOM   438 C "C4'"  . DG  B 1 3  ? 8.813   -3.512  5.380   1.00 9.40  ? 113  DG  B "C4'"  1 
ATOM   439 O "O4'"  . DG  B 1 3  ? 8.435   -2.429  6.300   1.00 9.67  ? 113  DG  B "O4'"  1 
ATOM   440 C "C3'"  . DG  B 1 3  ? 7.518   -3.813  4.704   1.00 8.36  ? 113  DG  B "C3'"  1 
ATOM   441 O "O3'"  . DG  B 1 3  ? 7.633   -5.049  3.991   1.00 8.72  ? 113  DG  B "O3'"  1 
ATOM   442 C "C2'"  . DG  B 1 3  ? 6.618   -3.848  5.908   1.00 9.55  ? 113  DG  B "C2'"  1 
ATOM   443 C "C1'"  . DG  B 1 3  ? 7.095   -2.653  6.682   1.00 9.45  ? 113  DG  B "C1'"  1 
ATOM   444 N N9     . DG  B 1 3  ? 6.317   -1.456  6.325   1.00 8.19  ? 113  DG  B N9     1 
ATOM   445 C C8     . DG  B 1 3  ? 6.620   -0.342  5.559   1.00 8.26  ? 113  DG  B C8     1 
ATOM   446 N N7     . DG  B 1 3  ? 5.646   0.496   5.473   1.00 7.54  ? 113  DG  B N7     1 
ATOM   447 C C5     . DG  B 1 3  ? 4.604   -0.059  6.213   1.00 6.86  ? 113  DG  B C5     1 
ATOM   448 C C6     . DG  B 1 3  ? 3.291   0.370   6.501   1.00 6.91  ? 113  DG  B C6     1 
ATOM   449 O O6     . DG  B 1 3  ? 2.758   1.419   6.119   1.00 8.01  ? 113  DG  B O6     1 
ATOM   450 N N1     . DG  B 1 3  ? 2.568   -0.533  7.307   1.00 7.12  ? 113  DG  B N1     1 
ATOM   451 C C2     . DG  B 1 3  ? 3.063   -1.712  7.771   1.00 7.12  ? 113  DG  B C2     1 
ATOM   452 N N2     . DG  B 1 3  ? 2.244   -2.452  8.521   1.00 7.78  ? 113  DG  B N2     1 
ATOM   453 N N3     . DG  B 1 3  ? 4.307   -2.145  7.526   1.00 7.51  ? 113  DG  B N3     1 
ATOM   454 C C4     . DG  B 1 3  ? 4.998   -1.276  6.752   1.00 7.75  ? 113  DG  B C4     1 
ATOM   455 H "H5'"  . DG  B 1 3  ? 10.671  -2.785  5.106   1.00 13.30 ? 113  DG  B "H5'"  1 
ATOM   456 H "H5''" . DG  B 1 3  ? 10.217  -3.753  3.956   1.00 13.30 ? 113  DG  B "H5''" 1 
ATOM   457 H "H4'"  . DG  B 1 3  ? 9.104   -4.294  5.896   1.00 11.28 ? 113  DG  B "H4'"  1 
ATOM   458 H "H3'"  . DG  B 1 3  ? 7.263   -3.085  4.099   1.00 10.04 ? 113  DG  B "H3'"  1 
ATOM   459 H "H2'"  . DG  B 1 3  ? 5.685   -3.758  5.657   1.00 11.46 ? 113  DG  B "H2'"  1 
ATOM   460 H "H2''" . DG  B 1 3  ? 6.735   -4.667  6.414   1.00 11.46 ? 113  DG  B "H2''" 1 
ATOM   461 H "H1'"  . DG  B 1 3  ? 7.038   -2.823  7.645   1.00 11.34 ? 113  DG  B "H1'"  1 
ATOM   462 H H8     . DG  B 1 3  ? 7.443   -0.212  5.147   1.00 9.91  ? 113  DG  B H8     1 
ATOM   463 H H1     . DG  B 1 3  ? 1.761   -0.326  7.518   1.00 8.55  ? 113  DG  B H1     1 
ATOM   464 H H21    . DG  B 1 3  ? 2.515   -3.202  8.843   1.00 9.33  ? 113  DG  B H21    1 
ATOM   465 H H22    . DG  B 1 3  ? 1.444   -2.179  8.682   1.00 9.33  ? 113  DG  B H22    1 
ATOM   466 P P      . DT  B 1 4  ? 6.576   -5.458  2.873   1.00 9.62  ? 114  DT  B P      1 
ATOM   467 O OP1    . DT  B 1 4  ? 7.019   -6.776  2.373   1.00 13.82 ? 114  DT  B OP1    1 
ATOM   468 O OP2    . DT  B 1 4  ? 6.325   -4.314  1.920   1.00 12.05 ? 114  DT  B OP2    1 
ATOM   469 O "O5'"  . DT  B 1 4  ? 5.202   -5.608  3.704   1.00 8.16  ? 114  DT  B "O5'"  1 
ATOM   470 C "C5'"  . DT  B 1 4  ? 5.050   -6.718  4.604   1.00 7.88  ? 114  DT  B "C5'"  1 
ATOM   471 C "C4'"  . DT  B 1 4  ? 3.647   -6.740  5.128   1.00 6.95  ? 114  DT  B "C4'"  1 
ATOM   472 O "O4'"  . DT  B 1 4  ? 3.391   -5.539  5.919   1.00 6.89  ? 114  DT  B "O4'"  1 
ATOM   473 C "C3'"  . DT  B 1 4  ? 2.536   -6.697  4.109   1.00 6.86  ? 114  DT  B "C3'"  1 
ATOM   474 O "O3'"  . DT  B 1 4  ? 2.421   -7.970  3.438   1.00 8.04  ? 114  DT  B "O3'"  1 
ATOM   475 C "C2'"  . DT  B 1 4  ? 1.374   -6.308  4.995   1.00 6.69  ? 114  DT  B "C2'"  1 
ATOM   476 C "C1'"  . DT  B 1 4  ? 1.970   -5.268  5.832   1.00 6.31  ? 114  DT  B "C1'"  1 
ATOM   477 N N1     . DT  B 1 4  ? 1.805   -3.905  5.255   1.00 6.22  ? 114  DT  B N1     1 
ATOM   478 C C2     . DT  B 1 4  ? 0.584   -3.313  5.457   1.00 5.89  ? 114  DT  B C2     1 
ATOM   479 O O2     . DT  B 1 4  ? -0.321  -3.845  6.090   1.00 6.83  ? 114  DT  B O2     1 
ATOM   480 N N3     . DT  B 1 4  ? 0.433   -2.057  4.918   1.00 6.40  ? 114  DT  B N3     1 
ATOM   481 C C4     . DT  B 1 4  ? 1.345   -1.373  4.175   1.00 6.67  ? 114  DT  B C4     1 
ATOM   482 O O4     . DT  B 1 4  ? 1.058   -0.270  3.737   1.00 7.28  ? 114  DT  B O4     1 
ATOM   483 C C5     . DT  B 1 4  ? 2.600   -2.061  3.981   1.00 6.49  ? 114  DT  B C5     1 
ATOM   484 C C7     . DT  B 1 4  ? 3.692   -1.396  3.157   1.00 7.60  ? 114  DT  B C7     1 
ATOM   485 C C6     . DT  B 1 4  ? 2.769   -3.275  4.505   1.00 6.30  ? 114  DT  B C6     1 
ATOM   486 H "H5'"  . DT  B 1 4  ? 5.674   -6.633  5.342   1.00 9.45  ? 114  DT  B "H5'"  1 
ATOM   487 H "H5''" . DT  B 1 4  ? 5.239   -7.548  4.139   1.00 9.45  ? 114  DT  B "H5''" 1 
ATOM   488 H "H4'"  . DT  B 1 4  ? 3.528   -7.529  5.696   1.00 8.33  ? 114  DT  B "H4'"  1 
ATOM   489 H "H3'"  . DT  B 1 4  ? 2.710   -5.988  3.455   1.00 8.23  ? 114  DT  B "H3'"  1 
ATOM   490 H "H2'"  . DT  B 1 4  ? 0.633   -5.963  4.475   1.00 8.03  ? 114  DT  B "H2'"  1 
ATOM   491 H "H2''" . DT  B 1 4  ? 1.070   -7.059  5.528   1.00 8.03  ? 114  DT  B "H2''" 1 
ATOM   492 H "H1'"  . DT  B 1 4  ? 1.573   -5.298  6.728   1.00 7.57  ? 114  DT  B "H1'"  1 
ATOM   493 H H3     . DT  B 1 4  ? -0.317  -1.662  5.066   1.00 7.68  ? 114  DT  B H3     1 
ATOM   494 H H71    . DT  B 1 4  ? 3.390   -0.534  2.859   1.00 11.40 ? 114  DT  B H71    1 
ATOM   495 H H72    . DT  B 1 4  ? 3.896   -1.944  2.394   1.00 11.40 ? 114  DT  B H72    1 
ATOM   496 H H73    . DT  B 1 4  ? 4.480   -1.291  3.694   1.00 11.40 ? 114  DT  B H73    1 
ATOM   497 H H6     . DT  B 1 4  ? 3.573   -3.715  4.355   1.00 7.56  ? 114  DT  B H6     1 
ATOM   498 P P      . DA  B 1 5  ? 1.890   -8.010  1.943   1.00 8.88  ? 115  DA  B P      1 
ATOM   499 O OP1    . DA  B 1 5  ? 2.065   -9.419  1.483   1.00 11.64 ? 115  DA  B OP1    1 
ATOM   500 O OP2    . DA  B 1 5  ? 2.490   -6.945  1.136   1.00 10.10 ? 115  DA  B OP2    1 
ATOM   501 O "O5'"  . DA  B 1 5  ? 0.353   -7.657  2.103   1.00 8.39  ? 115  DA  B "O5'"  1 
ATOM   502 C "C5'"  . DA  B 1 5  ? -0.504  -8.586  2.799   1.00 9.41  ? 115  DA  B "C5'"  1 
ATOM   503 C "C4'"  . DA  B 1 5  ? -1.881  -7.985  3.056   1.00 8.10  ? 115  DA  B "C4'"  1 
ATOM   504 O "O4'"  . DA  B 1 5  ? -1.728  -6.759  3.812   1.00 7.81  ? 115  DA  B "O4'"  1 
ATOM   505 C "C3'"  . DA  B 1 5  ? -2.670  -7.579  1.848   1.00 7.97  ? 115  DA  B "C3'"  1 
ATOM   506 O "O3'"  . DA  B 1 5  ? -3.277  -8.744  1.291   1.00 8.00  ? 115  DA  B "O3'"  1 
ATOM   507 C "C2'"  . DA  B 1 5  ? -3.615  -6.572  2.450   1.00 7.29  ? 115  DA  B "C2'"  1 
ATOM   508 C "C1'"  . DA  B 1 5  ? -2.787  -5.868  3.374   1.00 7.34  ? 115  DA  B "C1'"  1 
ATOM   509 N N9     . DA  B 1 5  ? -2.063  -4.655  2.827   1.00 7.27  ? 115  DA  B N9     1 
ATOM   510 C C8     . DA  B 1 5  ? -0.780  -4.506  2.412   1.00 7.04  ? 115  DA  B C8     1 
ATOM   511 N N7     . DA  B 1 5  ? -0.500  -3.281  1.979   1.00 6.49  ? 115  DA  B N7     1 
ATOM   512 C C5     . DA  B 1 5  ? -1.719  -2.609  2.145   1.00 6.10  ? 115  DA  B C5     1 
ATOM   513 C C6     . DA  B 1 5  ? -2.073  -1.273  1.878   1.00 6.06  ? 115  DA  B C6     1 
ATOM   514 N N6     . DA  B 1 5  ? -1.278  -0.348  1.395   1.00 6.62  ? 115  DA  B N6     1 
ATOM   515 N N1     . DA  B 1 5  ? -3.365  -0.944  2.147   1.00 6.70  ? 115  DA  B N1     1 
ATOM   516 C C2     . DA  B 1 5  ? -4.179  -1.859  2.642   1.00 6.64  ? 115  DA  B C2     1 
ATOM   517 N N3     . DA  B 1 5  ? -3.950  -3.142  2.931   1.00 6.41  ? 115  DA  B N3     1 
ATOM   518 C C4     . DA  B 1 5  ? -2.683  -3.441  2.660   1.00 6.30  ? 115  DA  B C4     1 
ATOM   519 H "H5'"  . DA  B 1 5  ? -0.096  -8.828  3.645   1.00 11.29 ? 115  DA  B "H5'"  1 
ATOM   520 H "H5''" . DA  B 1 5  ? -0.599  -9.393  2.271   1.00 11.29 ? 115  DA  B "H5''" 1 
ATOM   521 H "H4'"  . DA  B 1 5  ? -2.410  -8.619  3.583   1.00 9.72  ? 115  DA  B "H4'"  1 
ATOM   522 H "H3'"  . DA  B 1 5  ? -2.087  -7.149  1.189   1.00 9.57  ? 115  DA  B "H3'"  1 
ATOM   523 H "H2'"  . DA  B 1 5  ? -3.969  -5.976  1.772   1.00 8.75  ? 115  DA  B "H2'"  1 
ATOM   524 H "H2''" . DA  B 1 5  ? -4.352  -7.010  2.903   1.00 8.75  ? 115  DA  B "H2''" 1 
ATOM   525 H "H1'"  . DA  B 1 5  ? -3.325  -5.601  4.150   1.00 8.80  ? 115  DA  B "H1'"  1 
ATOM   526 H H8     . DA  B 1 5  ? -0.156  -5.196  2.429   1.00 8.45  ? 115  DA  B H8     1 
ATOM   527 H H61    . DA  B 1 5  ? -1.578  0.445   1.255   1.00 7.95  ? 115  DA  B H61    1 
ATOM   528 H H62    . DA  B 1 5  ? -0.458  -0.536  1.218   1.00 7.95  ? 115  DA  B H62    1 
ATOM   529 H H2     . DA  B 1 5  ? -5.045  -1.564  2.816   1.00 7.97  ? 115  DA  B H2     1 
ATOM   530 P P      . DT  B 1 6  ? -3.728  -8.811  -0.224  1.00 7.78  ? 116  DT  B P      1 
ATOM   531 O OP1    . DT  B 1 6  ? -4.106  -10.232 -0.454  1.00 9.00  ? 116  DT  B OP1    1 
ATOM   532 O OP2    . DT  B 1 6  ? -2.725  -8.150  -1.086  1.00 8.50  ? 116  DT  B OP2    1 
ATOM   533 O "O5'"  . DT  B 1 6  ? -5.012  -7.867  -0.330  1.00 7.09  ? 116  DT  B "O5'"  1 
ATOM   534 C "C5'"  . DT  B 1 6  ? -6.265  -8.269  0.268   1.00 7.33  ? 116  DT  B "C5'"  1 
ATOM   535 C "C4'"  . DT  B 1 6  ? -7.262  -7.146  0.117   1.00 6.50  ? 116  DT  B "C4'"  1 
ATOM   536 O "O4'"  . DT  B 1 6  ? -6.803  -6.009  0.867   1.00 6.88  ? 116  DT  B "O4'"  1 
ATOM   537 C "C3'"  . DT  B 1 6  ? -7.474  -6.582  -1.286  1.00 6.69  ? 116  DT  B "C3'"  1 
ATOM   538 O "O3'"  . DT  B 1 6  ? -8.285  -7.508  -2.046  1.00 7.22  ? 116  DT  B "O3'"  1 
ATOM   539 C "C2'"  . DT  B 1 6  ? -8.078  -5.276  -0.969  1.00 6.58  ? 116  DT  B "C2'"  1 
ATOM   540 C "C1'"  . DT  B 1 6  ? -7.261  -4.819  0.142   1.00 6.37  ? 116  DT  B "C1'"  1 
ATOM   541 N N1     . DT  B 1 6  ? -6.029  -4.050  -0.255  1.00 6.21  ? 116  DT  B N1     1 
ATOM   542 C C2     . DT  B 1 6  ? -6.190  -2.675  -0.428  1.00 6.14  ? 116  DT  B C2     1 
ATOM   543 O O2     . DT  B 1 6  ? -7.278  -2.125  -0.276  1.00 7.43  ? 116  DT  B O2     1 
ATOM   544 N N3     . DT  B 1 6  ? -5.058  -2.001  -0.773  1.00 6.25  ? 116  DT  B N3     1 
ATOM   545 C C4     . DT  B 1 6  ? -3.818  -2.557  -0.971  1.00 5.85  ? 116  DT  B C4     1 
ATOM   546 O O4     . DT  B 1 6  ? -2.870  -1.835  -1.304  1.00 6.95  ? 116  DT  B O4     1 
ATOM   547 C C5     . DT  B 1 6  ? -3.707  -3.982  -0.790  1.00 6.07  ? 116  DT  B C5     1 
ATOM   548 C C7     . DT  B 1 6  ? -2.364  -4.643  -0.992  1.00 6.72  ? 116  DT  B C7     1 
ATOM   549 C C6     . DT  B 1 6  ? -4.804  -4.643  -0.450  1.00 6.41  ? 116  DT  B C6     1 
ATOM   550 H "H5'"  . DT  B 1 6  ? -6.133  -8.469  1.208   1.00 8.79  ? 116  DT  B "H5'"  1 
ATOM   551 H "H5''" . DT  B 1 6  ? -6.599  -9.068  -0.170  1.00 8.79  ? 116  DT  B "H5''" 1 
ATOM   552 H "H4'"  . DT  B 1 6  ? -8.126  -7.436  0.477   1.00 7.80  ? 116  DT  B "H4'"  1 
ATOM   553 H "H3'"  . DT  B 1 6  ? -6.608  -6.452  -1.729  1.00 8.02  ? 116  DT  B "H3'"  1 
ATOM   554 H "H2'"  . DT  B 1 6  ? -8.034  -4.660  -1.730  1.00 7.90  ? 116  DT  B "H2'"  1 
ATOM   555 H "H1'"  . DT  B 1 6  ? -7.808  -4.267  0.739   1.00 7.65  ? 116  DT  B "H1'"  1 
ATOM   556 H H3     . DT  B 1 6  ? -5.125  -1.151  -0.877  1.00 7.50  ? 116  DT  B H3     1 
ATOM   557 H H71    . DT  B 1 6  ? -1.715  -3.981  -1.240  1.00 10.08 ? 116  DT  B H71    1 
ATOM   558 H H72    . DT  B 1 6  ? -2.433  -5.301  -1.688  1.00 10.08 ? 116  DT  B H72    1 
ATOM   559 H H73    . DT  B 1 6  ? -2.091  -5.069  -0.176  1.00 10.08 ? 116  DT  B H73    1 
ATOM   560 H H6     . DT  B 1 6  ? -4.741  -5.564  -0.335  1.00 7.69  ? 116  DT  B H6     1 
ATOM   561 P P      . DA  B 1 7  ? -8.060  -7.633  -3.608  1.00 7.74  ? 117  DA  B P      1 
ATOM   562 O OP1    . DA  B 1 7  ? -8.962  -8.719  -4.028  1.00 9.23  ? 117  DA  B OP1    1 
ATOM   563 O OP2    . DA  B 1 7  ? -6.627  -7.716  -3.918  1.00 8.70  ? 117  DA  B OP2    1 
ATOM   564 O "O5'"  . DA  B 1 7  ? -8.529  -6.229  -4.196  1.00 7.48  ? 117  DA  B "O5'"  1 
ATOM   565 C "C5'"  . DA  B 1 7  ? -9.918  -5.942  -4.256  1.00 7.94  ? 117  DA  B "C5'"  1 
ATOM   566 C "C4'"  . DA  B 1 7  ? -10.126 -4.527  -4.735  1.00 7.49  ? 117  DA  B "C4'"  1 
ATOM   567 O "O4'"  . DA  B 1 7  ? -9.569  -3.582  -3.758  1.00 7.88  ? 117  DA  B "O4'"  1 
ATOM   568 C "C3'"  . DA  B 1 7  ? -9.449  -4.092  -6.012  1.00 7.34  ? 117  DA  B "C3'"  1 
ATOM   569 O "O3'"  . DA  B 1 7  ? -10.154 -4.643  -7.148  1.00 7.42  ? 117  DA  B "O3'"  1 
ATOM   570 C "C2'"  . DA  B 1 7  ? -9.519  -2.597  -5.873  1.00 8.16  ? 117  DA  B "C2'"  1 
ATOM   571 C "C1'"  . DA  B 1 7  ? -9.169  -2.398  -4.434  1.00 7.30  ? 117  DA  B "C1'"  1 
ATOM   572 N N9     . DA  B 1 7  ? -7.721  -2.222  -4.265  1.00 6.85  ? 117  DA  B N9     1 
ATOM   573 C C8     . DA  B 1 7  ? -6.768  -3.166  -3.962  1.00 6.60  ? 117  DA  B C8     1 
ATOM   574 N N7     . DA  B 1 7  ? -5.544  -2.684  -3.910  1.00 6.79  ? 117  DA  B N7     1 
ATOM   575 C C5     . DA  B 1 7  ? -5.730  -1.336  -4.199  1.00 6.44  ? 117  DA  B C5     1 
ATOM   576 C C6     . DA  B 1 7  ? -4.791  -0.262  -4.315  1.00 6.41  ? 117  DA  B C6     1 
ATOM   577 N N6     . DA  B 1 7  ? -3.490  -0.399  -4.115  1.00 6.93  ? 117  DA  B N6     1 
ATOM   578 N N1     . DA  B 1 7  ? -5.296  0.936   -4.651  1.00 6.60  ? 117  DA  B N1     1 
ATOM   579 C C2     . DA  B 1 7  ? -6.627  1.095   -4.843  1.00 7.01  ? 117  DA  B C2     1 
ATOM   580 N N3     . DA  B 1 7  ? -7.578  0.158   -4.757  1.00 7.26  ? 117  DA  B N3     1 
ATOM   581 C C4     . DA  B 1 7  ? -7.047  -1.036  -4.440  1.00 6.03  ? 117  DA  B C4     1 
ATOM   582 H "H5'"  . DA  B 1 7  ? -10.312 -6.051  -3.378  1.00 9.53  ? 117  DA  B "H5'"  1 
ATOM   583 H "H5''" . DA  B 1 7  ? -10.353 -6.560  -4.863  1.00 9.53  ? 117  DA  B "H5''" 1 
ATOM   584 H "H4'"  . DA  B 1 7  ? -11.088 -4.362  -4.817  1.00 8.99  ? 117  DA  B "H4'"  1 
ATOM   585 H "H3'"  . DA  B 1 7  ? -8.516  -4.388  -6.017  1.00 8.81  ? 117  DA  B "H3'"  1 
ATOM   586 H "H2'"  . DA  B 1 7  ? -8.879  -2.158  -6.457  1.00 9.79  ? 117  DA  B "H2'"  1 
ATOM   587 H "H2''" . DA  B 1 7  ? -10.409 -2.265  -6.069  1.00 9.79  ? 117  DA  B "H2''" 1 
ATOM   588 H "H1'"  . DA  B 1 7  ? -9.648  -1.623  -4.074  1.00 8.76  ? 117  DA  B "H1'"  1 
ATOM   589 H H8     . DA  B 1 7  ? -6.968  -4.061  -3.809  1.00 7.92  ? 117  DA  B H8     1 
ATOM   590 H H61    . DA  B 1 7  ? -2.968  0.280   -4.201  1.00 8.31  ? 117  DA  B H61    1 
ATOM   591 H H62    . DA  B 1 7  ? -3.165  -1.166  -3.900  1.00 8.31  ? 117  DA  B H62    1 
ATOM   592 H H2     . DA  B 1 7  ? -6.911  1.954   -5.058  1.00 8.41  ? 117  DA  B H2     1 
ATOM   593 P P      . DC  B 1 8  ? -9.414  -4.933  -8.527  1.00 7.80  ? 118  DC  B P      1 
ATOM   594 O OP1    . DC  B 1 8  ? -10.436 -5.541  -9.395  1.00 9.20  ? 118  DC  B OP1    1 
ATOM   595 O OP2    . DC  B 1 8  ? -8.139  -5.672  -8.309  1.00 8.67  ? 118  DC  B OP2    1 
ATOM   596 O "O5'"  . DC  B 1 8  ? -8.969  -3.503  -9.079  1.00 6.90  ? 118  DC  B "O5'"  1 
ATOM   597 C "C5'"  . DC  B 1 8  ? -9.936  -2.520  -9.413  1.00 6.77  ? 118  DC  B "C5'"  1 
ATOM   598 C "C4'"  . DC  B 1 8  ? -9.266  -1.196  -9.682  1.00 6.53  ? 118  DC  B "C4'"  1 
ATOM   599 O "O4'"  . DC  B 1 8  ? -8.585  -0.796  -8.479  1.00 6.17  ? 118  DC  B "O4'"  1 
ATOM   600 C "C3'"  . DC  B 1 8  ? -8.213  -1.157  -10.753 1.00 6.97  ? 118  DC  B "C3'"  1 
ATOM   601 O "O3'"  . DC  B 1 8  ? -8.919  -0.981  -12.014 1.00 7.23  ? 118  DC  B "O3'"  1 
ATOM   602 C "C2'"  . DC  B 1 8  ? -7.352  -0.018  -10.333 1.00 6.00  ? 118  DC  B "C2'"  1 
ATOM   603 C "C1'"  . DC  B 1 8  ? -7.396  -0.056  -8.828  1.00 5.86  ? 118  DC  B "C1'"  1 
ATOM   604 N N1     . DC  B 1 8  ? -6.226  -0.726  -8.256  1.00 5.53  ? 118  DC  B N1     1 
ATOM   605 C C2     . DC  B 1 8  ? -5.069  0.064   -8.084  1.00 5.62  ? 118  DC  B C2     1 
ATOM   606 O O2     . DC  B 1 8  ? -5.139  1.265   -8.400  1.00 6.30  ? 118  DC  B O2     1 
ATOM   607 N N3     . DC  B 1 8  ? -3.958  -0.488  -7.579  1.00 5.57  ? 118  DC  B N3     1 
ATOM   608 C C4     . DC  B 1 8  ? -3.941  -1.793  -7.283  1.00 5.94  ? 118  DC  B C4     1 
ATOM   609 N N4     . DC  B 1 8  ? -2.817  -2.294  -6.783  1.00 7.84  ? 118  DC  B N4     1 
ATOM   610 C C5     . DC  B 1 8  ? -5.078  -2.620  -7.446  1.00 6.66  ? 118  DC  B C5     1 
ATOM   611 C C6     . DC  B 1 8  ? -6.187  -2.060  -7.953  1.00 6.29  ? 118  DC  B C6     1 
ATOM   612 H "H5'"  . DC  B 1 8  ? -10.567 -2.422  -8.684  1.00 8.12  ? 118  DC  B "H5'"  1 
ATOM   613 H "H5''" . DC  B 1 8  ? -10.427 -2.801  -10.202 1.00 8.12  ? 118  DC  B "H5''" 1 
ATOM   614 H "H4'"  . DC  B 1 8  ? -9.954  -0.530  -9.891  1.00 7.84  ? 118  DC  B "H4'"  1 
ATOM   615 H "H3'"  . DC  B 1 8  ? -7.700  -1.992  -10.760 1.00 8.36  ? 118  DC  B "H3'"  1 
ATOM   616 H "H2'"  . DC  B 1 8  ? -6.444  -0.133  -10.655 1.00 7.20  ? 118  DC  B "H2'"  1 
ATOM   617 H "H2''" . DC  B 1 8  ? -7.700  0.822   -10.669 1.00 7.20  ? 118  DC  B "H2''" 1 
ATOM   618 H "H1'"  . DC  B 1 8  ? -7.459  0.856   -8.476  1.00 7.03  ? 118  DC  B "H1'"  1 
ATOM   619 H H41    . DC  B 1 8  ? -2.137  -1.783  -6.661  1.00 9.40  ? 118  DC  B H41    1 
ATOM   620 H H42    . DC  B 1 8  ? -2.771  -3.128  -6.581  1.00 9.40  ? 118  DC  B H42    1 
ATOM   621 H H5     . DC  B 1 8  ? -5.057  -3.519  -7.209  1.00 7.99  ? 118  DC  B H5     1 
ATOM   622 H H6     . DC  B 1 8  ? -6.940  -2.586  -8.102  1.00 7.55  ? 118  DC  B H6     1 
ATOM   623 P P      . DG  B 1 9  ? -8.168  -1.128  -13.416 1.00 7.82  ? 119  DG  B P      1 
ATOM   624 O OP1    . DG  B 1 9  ? -9.198  -0.869  -14.449 1.00 9.23  ? 119  DG  B OP1    1 
ATOM   625 O OP2    . DG  B 1 9  ? -7.437  -2.403  -13.472 1.00 9.33  ? 119  DG  B OP2    1 
ATOM   626 O "O5'"  . DG  B 1 9  ? -7.150  0.114   -13.331 1.00 7.26  ? 119  DG  B "O5'"  1 
ATOM   627 C "C5'"  . DG  B 1 9  ? -5.886  0.085   -13.998 1.00 6.83  ? 119  DG  B "C5'"  1 
ATOM   628 C "C4'"  . DG  B 1 9  ? -5.118  1.290   -13.571 1.00 5.79  ? 119  DG  B "C4'"  1 
ATOM   629 O "O4'"  . DG  B 1 9  ? -4.875  1.223   -12.151 1.00 6.03  ? 119  DG  B "O4'"  1 
ATOM   630 C "C3'"  . DG  B 1 9  ? -3.749  1.416   -14.214 1.00 6.00  ? 119  DG  B "C3'"  1 
ATOM   631 O "O3'"  . DG  B 1 9  ? -3.868  2.127   -15.453 1.00 6.44  ? 119  DG  B "O3'"  1 
ATOM   632 C "C2'"  . DG  B 1 9  ? -2.940  2.136   -13.179 1.00 5.87  ? 119  DG  B "C2'"  1 
ATOM   633 C "C1'"  . DG  B 1 9  ? -3.503  1.668   -11.945 1.00 5.88  ? 119  DG  B "C1'"  1 
ATOM   634 N N9     . DG  B 1 9  ? -2.825  0.503   -11.272 1.00 5.55  ? 119  DG  B N9     1 
ATOM   635 C C8     . DG  B 1 9  ? -3.320  -0.741  -10.925 1.00 5.80  ? 119  DG  B C8     1 
ATOM   636 N N7     . DG  B 1 9  ? -2.441  -1.488  -10.343 1.00 5.62  ? 119  DG  B N7     1 
ATOM   637 C C5     . DG  B 1 9  ? -1.274  -0.704  -10.276 1.00 5.41  ? 119  DG  B C5     1 
ATOM   638 C C6     . DG  B 1 9  ? 0.008   -0.976  -9.748  1.00 5.03  ? 119  DG  B C6     1 
ATOM   639 O O6     . DG  B 1 9  ? 0.402   -2.011  -9.206  1.00 5.75  ? 119  DG  B O6     1 
ATOM   640 N N1     . DG  B 1 9  ? 0.857   0.118   -9.908  1.00 5.21  ? 119  DG  B N1     1 
ATOM   641 C C2     . DG  B 1 9  ? 0.514   1.310   -10.511 1.00 5.11  ? 119  DG  B C2     1 
ATOM   642 N N2     . DG  B 1 9  ? 1.499   2.234   -10.568 1.00 5.60  ? 119  DG  B N2     1 
ATOM   643 N N3     . DG  B 1 9  ? -0.677  1.586   -11.008 1.00 5.17  ? 119  DG  B N3     1 
ATOM   644 C C4     . DG  B 1 9  ? -1.530  0.529   -10.853 1.00 5.35  ? 119  DG  B C4     1 
ATOM   645 H "H5'"  . DG  B 1 9  ? -6.015  0.094   -14.959 1.00 8.20  ? 119  DG  B "H5'"  1 
ATOM   646 H "H5''" . DG  B 1 9  ? -5.401  -0.722  -13.762 1.00 8.20  ? 119  DG  B "H5''" 1 
ATOM   647 H "H4'"  . DG  B 1 9  ? -5.642  2.094   -13.770 1.00 6.95  ? 119  DG  B "H4'"  1 
ATOM   648 H "H3'"  . DG  B 1 9  ? -3.372  0.526   -14.375 1.00 7.20  ? 119  DG  B "H3'"  1 
ATOM   649 H "H2'"  . DG  B 1 9  ? -2.000  1.906   -13.246 1.00 7.04  ? 119  DG  B "H2'"  1 
ATOM   650 H "H2''" . DG  B 1 9  ? -3.037  3.097   -13.265 1.00 7.04  ? 119  DG  B "H2''" 1 
ATOM   651 H "H1'"  . DG  B 1 9  ? -3.517  2.417   -11.315 1.00 7.06  ? 119  DG  B "H1'"  1 
ATOM   652 H H8     . DG  B 1 9  ? -4.194  -1.011  -11.094 1.00 6.96  ? 119  DG  B H8     1 
ATOM   653 H H1     . DG  B 1 9  ? 1.660   0.042   -9.607  1.00 6.25  ? 119  DG  B H1     1 
ATOM   654 H H21    . DG  B 1 9  ? 1.350   3.001   -10.928 1.00 6.72  ? 119  DG  B H21    1 
ATOM   655 H H22    . DG  B 1 9  ? 2.276   2.056   -10.244 1.00 6.72  ? 119  DG  B H22    1 
ATOM   656 P P      . DC  B 1 10 ? -2.962  1.751   -16.700 1.00 7.26  ? 120  DC  B P      1 
ATOM   657 O OP1    . DC  B 1 10 ? -3.371  2.722   -17.757 1.00 7.95  ? 120  DC  B OP1    1 
ATOM   658 O OP2    . DC  B 1 10 ? -3.042  0.297   -17.001 1.00 8.05  ? 120  DC  B OP2    1 
ATOM   659 O "O5'"  . DC  B 1 10 ? -1.467  2.030   -16.225 1.00 6.86  ? 120  DC  B "O5'"  1 
ATOM   660 C "C5'"  . DC  B 1 10 ? -1.002  3.357   -16.023 1.00 7.22  ? 120  DC  B "C5'"  1 
ATOM   661 C "C4'"  . DC  B 1 10 ? 0.424   3.375   -15.624 1.00 6.19  ? 120  DC  B "C4'"  1 
ATOM   662 O "O4'"  . DC  B 1 10 ? 0.537   2.735   -14.344 1.00 6.06  ? 120  DC  B "O4'"  1 
ATOM   663 C "C3'"  . DC  B 1 10 ? 1.404   2.603   -16.519 1.00 6.67  ? 120  DC  B "C3'"  1 
ATOM   664 O "O3'"  . DC  B 1 10 ? 1.903   3.410   -17.595 1.00 7.67  ? 120  DC  B "O3'"  1 
ATOM   665 C "C2'"  . DC  B 1 10 ? 2.481   2.219   -15.599 1.00 7.19  ? 120  DC  B "C2'"  1 
ATOM   666 C "C1'"  . DC  B 1 10 ? 1.857   2.131   -14.279 1.00 6.10  ? 120  DC  B "C1'"  1 
ATOM   667 N N1     . DC  B 1 10 ? 1.620   0.744   -13.762 1.00 5.94  ? 120  DC  B N1     1 
ATOM   668 C C2     . DC  B 1 10 ? 2.684   0.128   -13.099 1.00 5.79  ? 120  DC  B C2     1 
ATOM   669 O O2     . DC  B 1 10 ? 3.724   0.733   -12.977 1.00 6.41  ? 120  DC  B O2     1 
ATOM   670 N N3     . DC  B 1 10 ? 2.510   -1.117  -12.609 1.00 6.03  ? 120  DC  B N3     1 
ATOM   671 C C4     . DC  B 1 10 ? 1.338   -1.751  -12.795 1.00 6.19  ? 120  DC  B C4     1 
ATOM   672 N N4     . DC  B 1 10 ? 1.229   -2.981  -12.302 1.00 6.94  ? 120  DC  B N4     1 
ATOM   673 C C5     . DC  B 1 10 ? 0.239   -1.147  -13.493 1.00 5.98  ? 120  DC  B C5     1 
ATOM   674 C C6     . DC  B 1 10 ? 0.434   0.099   -13.962 1.00 6.07  ? 120  DC  B C6     1 
ATOM   675 H "H5'"  . DC  B 1 10 ? -1.533  3.783   -15.332 1.00 8.66  ? 120  DC  B "H5'"  1 
ATOM   676 H "H5''" . DC  B 1 10 ? -1.112  3.864   -16.842 1.00 8.66  ? 120  DC  B "H5''" 1 
ATOM   677 H "H4'"  . DC  B 1 10 ? 0.724   4.305   -15.546 1.00 7.43  ? 120  DC  B "H4'"  1 
ATOM   678 H "H3'"  . DC  B 1 10 ? 0.969   1.800   -16.877 1.00 8.00  ? 120  DC  B "H3'"  1 
ATOM   679 H "HO3'" . DC  B 1 10 ? 1.786   3.019   -18.306 1.00 11.50 ? 120  DC  B "HO3'" 1 
ATOM   680 H "H2'"  . DC  B 1 10 ? 2.862   1.364   -15.856 1.00 8.63  ? 120  DC  B "H2'"  1 
ATOM   681 H "H2''" . DC  B 1 10 ? 3.186   2.887   -15.601 1.00 8.63  ? 120  DC  B "H2''" 1 
ATOM   682 H "H1'"  . DC  B 1 10 ? 2.403   2.625   -13.633 1.00 7.32  ? 120  DC  B "H1'"  1 
ATOM   683 H H41    . DC  B 1 10 ? 1.891   -3.339  -11.884 1.00 8.33  ? 120  DC  B H41    1 
ATOM   684 H H42    . DC  B 1 10 ? 0.496   -3.421  -12.400 1.00 8.33  ? 120  DC  B H42    1 
ATOM   685 H H5     . DC  B 1 10 ? -0.568  -1.594  -13.615 1.00 7.18  ? 120  DC  B H5     1 
ATOM   686 H H6     . DC  B 1 10 ? -0.248  0.526   -14.428 1.00 7.28  ? 120  DC  B H6     1 
HETATM 687 O "O2'"  . MOE C 2 .  ? -9.843  2.602   3.594   1.00 8.95  ? 306  MOE A "O2'"  1 
HETATM 688 C "CA'"  . MOE C 2 .  ? -9.988  1.159   3.585   1.00 9.80  ? 306  MOE A "CA'"  1 
HETATM 689 C "CB'"  . MOE C 2 .  ? -11.414 0.867   3.931   1.00 14.30 ? 306  MOE A "CB'"  1 
HETATM 690 O "OC'"  . MOE C 2 .  ? -12.179 1.378   2.799   1.00 23.73 ? 306  MOE A "OC'"  1 
HETATM 691 C "CD'"  . MOE C 2 .  ? -13.633 1.299   3.070   1.00 28.42 ? 306  MOE A "CD'"  1 
HETATM 692 H "HA'1" . MOE C 2 .  ? -9.393  0.756   4.237   1.00 11.76 ? 306  MOE A "HA'1" 1 
HETATM 693 H "HA'2" . MOE C 2 .  ? -9.773  0.804   2.708   1.00 11.76 ? 306  MOE A "HA'2" 1 
HETATM 694 H "HB'1" . MOE C 2 .  ? -11.554 -0.086  4.041   1.00 17.16 ? 306  MOE A "HB'1" 1 
HETATM 695 H "HB'2" . MOE C 2 .  ? -11.670 1.319   4.751   1.00 17.16 ? 306  MOE A "HB'2" 1 
HETATM 696 H "HD'1" . MOE C 2 .  ? -14.118 1.643   2.317   1.00 42.62 ? 306  MOE A "HD'1" 1 
HETATM 697 H "HD'2" . MOE C 2 .  ? -13.842 1.819   3.850   1.00 42.62 ? 306  MOE A "HD'2" 1 
HETATM 698 H "HD'3" . MOE C 2 .  ? -13.882 0.385   3.221   1.00 42.62 ? 306  MOE A "HD'3" 1 
HETATM 699 N N1     . SPK D 3 .  ? -3.869  -11.006 -5.151  1.00 26.16 ? 221  SPK A N1     1 
HETATM 700 C C2     . SPK D 3 .  ? -2.767  -10.128 -4.588  1.00 20.32 ? 221  SPK A C2     1 
HETATM 701 C C3     . SPK D 3 .  ? -1.924  -10.797 -3.574  1.00 17.81 ? 221  SPK A C3     1 
HETATM 702 C C4     . SPK D 3 .  ? -0.635  -10.117 -3.225  1.00 15.90 ? 221  SPK A C4     1 
HETATM 703 N N5     . SPK D 3 .  ? -0.709  -8.666  -2.944  1.00 13.72 ? 221  SPK A N5     1 
HETATM 704 C C6     . SPK D 3 .  ? 0.587   -8.138  -2.497  1.00 15.08 ? 221  SPK A C6     1 
HETATM 705 C C7     . SPK D 3 .  ? 0.594   -6.628  -2.474  1.00 11.26 ? 221  SPK A C7     1 
HETATM 706 C C8     . SPK D 3 .  ? 1.907   -6.023  -2.067  1.00 11.13 ? 221  SPK A C8     1 
HETATM 707 C C9     . SPK D 3 .  ? 1.962   -4.533  -2.356  0.50 6.82  ? 221  SPK A C9     1 
HETATM 708 N N10    . SPK D 3 .  ? 3.233   -3.939  -1.833  0.50 6.12  ? 221  SPK A N10    1 
HETATM 709 C C11    . SPK D 3 .  ? 3.439   -2.534  -2.296  0.50 5.89  ? 221  SPK A C11    1 
HETATM 710 C C12    . SPK D 3 .  ? 4.677   -1.916  -1.708  0.50 7.30  ? 221  SPK A C12    1 
HETATM 711 C C13    . SPK D 3 .  ? 4.853   -0.460  -2.026  0.50 6.85  ? 221  SPK A C13    1 
HETATM 712 N N14    . SPK D 3 .  ? 5.157   -0.163  -3.470  0.50 5.02  ? 221  SPK A N14    1 
HETATM 713 H H1A    . SPK D 3 .  ? -4.241  -10.604 -5.852  1.00 39.24 ? 221  SPK A H1A    1 
HETATM 714 H H1B    . SPK D 3 .  ? -4.489  -11.142 -4.525  1.00 39.24 ? 221  SPK A H1B    1 
HETATM 715 H H1C    . SPK D 3 .  ? -3.527  -11.787 -5.404  1.00 39.24 ? 221  SPK A H1C    1 
HETATM 716 H H2A    . SPK D 3 .  ? -2.202  -9.833  -5.318  1.00 24.38 ? 221  SPK A H2A    1 
HETATM 717 H H2B    . SPK D 3 .  ? -3.169  -9.341  -4.190  1.00 24.38 ? 221  SPK A H2B    1 
HETATM 718 H H3A    . SPK D 3 .  ? -1.719  -11.690 -3.892  1.00 21.38 ? 221  SPK A H3A    1 
HETATM 719 H H3B    . SPK D 3 .  ? -2.447  -10.892 -2.762  1.00 21.38 ? 221  SPK A H3B    1 
HETATM 720 H H4A    . SPK D 3 .  ? -0.262  -10.558 -2.445  1.00 19.08 ? 221  SPK A H4A    1 
HETATM 721 H H4B    . SPK D 3 .  ? -0.013  -10.252 -3.957  1.00 19.08 ? 221  SPK A H4B    1 
HETATM 722 H H5A    . SPK D 3 .  ? -0.967  -8.231  -3.689  1.00 16.46 ? 221  SPK A H5A    1 
HETATM 723 H H5B    . SPK D 3 .  ? -1.328  -8.517  -2.308  1.00 16.46 ? 221  SPK A H5B    1 
HETATM 724 H H6A    . SPK D 3 .  ? 1.284   -8.453  -3.092  1.00 18.09 ? 221  SPK A H6A    1 
HETATM 725 H H6B    . SPK D 3 .  ? 0.779   -8.473  -1.607  1.00 18.09 ? 221  SPK A H6B    1 
HETATM 726 H H7A    . SPK D 3 .  ? 0.363   -6.302  -3.358  1.00 13.52 ? 221  SPK A H7A    1 
HETATM 727 H H7B    . SPK D 3 .  ? -0.091  -6.323  -1.860  1.00 13.52 ? 221  SPK A H7B    1 
HETATM 728 H H8A    . SPK D 3 .  ? 2.625   -6.467  -2.544  1.00 13.35 ? 221  SPK A H8A    1 
HETATM 729 H H8B    . SPK D 3 .  ? 2.045   -6.169  -1.118  1.00 13.35 ? 221  SPK A H8B    1 
HETATM 730 H H9A    . SPK D 3 .  ? 1.905   -4.386  -3.313  0.50 8.18  ? 221  SPK A H9A    1 
HETATM 731 H H9B    . SPK D 3 .  ? 1.204   -4.095  -1.940  0.50 8.18  ? 221  SPK A H9B    1 
HETATM 732 H H101   . SPK D 3 .  ? 3.926   -4.444  -2.105  0.50 7.34  ? 221  SPK A H101   1 
HETATM 733 H H102   . SPK D 3 .  ? 3.216   -3.953  -0.934  0.50 7.34  ? 221  SPK A H102   1 
HETATM 734 H H111   . SPK D 3 .  ? 2.668   -2.001  -2.046  0.50 7.06  ? 221  SPK A H111   1 
HETATM 735 H H112   . SPK D 3 .  ? 3.507   -2.524  -3.263  0.50 7.06  ? 221  SPK A H112   1 
HETATM 736 H H121   . SPK D 3 .  ? 4.649   -2.023  -0.744  0.50 8.76  ? 221  SPK A H121   1 
HETATM 737 H H122   . SPK D 3 .  ? 5.451   -2.401  -2.035  0.50 8.76  ? 221  SPK A H122   1 
HETATM 738 H H131   . SPK D 3 .  ? 5.573   -0.109  -1.479  0.50 8.22  ? 221  SPK A H131   1 
HETATM 739 H H132   . SPK D 3 .  ? 4.042   0.011   -1.777  0.50 8.22  ? 221  SPK A H132   1 
HETATM 740 H H141   . SPK D 3 .  ? 5.237   0.716   -3.582  0.50 7.52  ? 221  SPK A H141   1 
HETATM 741 H H142   . SPK D 3 .  ? 4.496   -0.469  -3.981  0.50 7.52  ? 221  SPK A H142   1 
HETATM 742 H H143   . SPK D 3 .  ? 5.919   -0.562  -3.700  0.50 7.52  ? 221  SPK A H143   1 
HETATM 743 O "O2'"  . MOE E 2 .  ? -9.442  -5.513  -0.547  1.00 7.57  ? 316  MOE B "O2'"  1 
HETATM 744 C "CA'"  . MOE E 2 .  ? -10.259 -4.369  -0.473  1.00 9.16  ? 316  MOE B "CA'"  1 
HETATM 745 C "CB'"  . MOE E 2 .  ? -11.647 -4.816  -0.231  1.00 11.59 ? 316  MOE B "CB'"  1 
HETATM 746 O "OC'"  . MOE E 2 .  ? -12.033 -5.335  -1.572  1.00 15.90 ? 316  MOE B "OC'"  1 
HETATM 747 C "CD'"  . MOE E 2 .  ? -13.291 -5.935  -1.696  1.00 22.21 ? 316  MOE B "CD'"  1 
HETATM 748 H "HA'1" . MOE E 2 .  ? -10.209 -3.869  -1.302  1.00 10.99 ? 316  MOE B "HA'1" 1 
HETATM 749 H "HA'2" . MOE E 2 .  ? -9.963  -3.794  0.251   1.00 10.99 ? 316  MOE B "HA'2" 1 
HETATM 750 H "HB'1" . MOE E 2 .  ? -12.215 -4.078  0.040   1.00 13.91 ? 316  MOE B "HB'1" 1 
HETATM 751 H "HB'2" . MOE E 2 .  ? -11.684 -5.513  0.443   1.00 13.91 ? 316  MOE B "HB'2" 1 
HETATM 752 H "HD'1" . MOE E 2 .  ? -13.432 -6.196  -2.610  1.00 33.32 ? 316  MOE B "HD'1" 1 
HETATM 753 H "HD'2" . MOE E 2 .  ? -13.972 -5.311  -1.433  1.00 33.32 ? 316  MOE B "HD'2" 1 
HETATM 754 H "HD'3" . MOE E 2 .  ? -13.333 -6.711  -1.133  1.00 33.32 ? 316  MOE B "HD'3" 1 
HETATM 755 O O      . HOH F 4 .  ? 6.245   -0.527  19.756  1.00 7.74  ? 1201 HOH A O      1 
HETATM 756 O O      . HOH F 4 .  ? 5.364   4.031   -10.737 1.00 8.80  ? 1203 HOH A O      1 
HETATM 757 O O      . HOH F 4 .  ? 2.740   -0.630  -4.689  1.00 9.43  ? 1204 HOH A O      1 
HETATM 758 O O      . HOH F 4 .  ? 4.769   2.514   -4.128  1.00 9.79  ? 1206 HOH A O      1 
HETATM 759 O O      . HOH F 4 .  ? 0.464   -2.249  -4.725  1.00 9.20  ? 1208 HOH A O      1 
HETATM 760 O O      . HOH F 4 .  ? 3.609   0.212   20.046  1.00 8.00  ? 1209 HOH A O      1 
HETATM 761 O O      . HOH F 4 .  ? 6.006   -3.485  12.091  1.00 11.55 ? 1211 HOH A O      1 
HETATM 762 O O      . HOH F 4 .  ? -9.358  3.430   -2.178  1.00 12.48 ? 1212 HOH A O      1 
HETATM 763 O O      . HOH F 4 .  ? -7.686  -1.347  4.088   1.00 10.12 ? 1213 HOH A O      1 
HETATM 764 O O      . HOH F 4 .  ? 0.858   1.903   14.831  1.00 11.24 ? 1218 HOH A O      1 
HETATM 765 O O      . HOH F 4 .  ? -3.305  4.792   5.169   1.00 12.94 ? 1222 HOH A O      1 
HETATM 766 O O      . HOH F 4 .  ? -0.814  -4.716  -5.175  1.00 13.26 ? 1223 HOH A O      1 
HETATM 767 O O      . HOH F 4 .  ? -4.982  6.701   4.346   1.00 12.86 ? 1224 HOH A O      1 
HETATM 768 O O      . HOH F 4 .  ? -8.494  -0.734  13.447  1.00 15.75 ? 1227 HOH A O      1 
HETATM 769 O O      . HOH F 4 .  ? -1.493  7.485   -2.625  1.00 11.42 ? 1228 HOH A O      1 
HETATM 770 O O      . HOH F 4 .  ? -6.400  12.600  -2.450  1.00 13.95 ? 1229 HOH A O      1 
HETATM 771 O O      . HOH F 4 .  ? -0.978  -7.375  -5.473  1.00 18.07 ? 1230 HOH A O      1 
HETATM 772 O O      . HOH F 4 .  ? 12.080  -1.246  -2.447  1.00 23.38 ? 1231 HOH A O      1 
HETATM 773 O O      . HOH F 4 .  ? 6.628   -4.595  14.559  1.00 14.64 ? 1232 HOH A O      1 
HETATM 774 O O      . HOH F 4 .  ? 0.094   1.159   -2.609  1.00 12.86 ? 1233 HOH A O      1 
HETATM 775 O O      . HOH F 4 .  ? 0.204   -2.506  19.003  1.00 11.74 ? 1236 HOH A O      1 
HETATM 776 O O      . HOH F 4 .  ? -4.978  5.437   7.526   1.00 15.44 ? 1243 HOH A O      1 
HETATM 777 O O      . HOH F 4 .  ? 10.148  6.631   -3.806  1.00 16.92 ? 1245 HOH A O      1 
HETATM 778 O O      . HOH F 4 .  ? 6.867   -4.398  9.792   1.00 14.33 ? 1246 HOH A O      1 
HETATM 779 O O      . HOH F 4 .  ? 0.203   1.233   18.503  1.00 14.02 ? 1247 HOH A O      1 
HETATM 780 O O      . HOH F 4 .  ? -0.726  5.041   6.035   1.00 14.99 ? 1249 HOH A O      1 
HETATM 781 O O      . HOH F 4 .  ? -2.042  -0.967  18.502  1.00 14.92 ? 1250 HOH A O      1 
HETATM 782 O O      . HOH F 4 .  ? -4.711  3.544   9.388   1.00 18.19 ? 1251 HOH A O      1 
HETATM 783 O O      . HOH F 4 .  ? 8.649   -2.815  18.800  1.00 20.03 ? 1260 HOH A O      1 
HETATM 784 O O      . HOH F 4 .  ? 5.534   -5.620  -2.224  1.00 16.74 ? 1262 HOH A O      1 
HETATM 785 O O      . HOH F 4 .  ? 4.625   -7.627  -8.441  1.00 21.41 ? 1263 HOH A O      1 
HETATM 786 O O      . HOH F 4 .  ? -10.445 1.547   0.074   1.00 22.78 ? 1264 HOH A O      1 
HETATM 787 O O      . HOH F 4 .  ? -11.126 1.652   12.108  1.00 30.29 ? 1265 HOH A O      1 
HETATM 788 O O      . HOH F 4 .  ? 2.643   2.860   -2.437  1.00 21.49 ? 1268 HOH A O      1 
HETATM 789 O O      . HOH F 4 .  ? -2.067  2.119   17.265  1.00 22.18 ? 1269 HOH A O      1 
HETATM 790 O O      . HOH F 4 .  ? -0.438  -8.664  -9.044  1.00 21.74 ? 1270 HOH A O      1 
HETATM 791 O O      . HOH F 4 .  ? -3.727  12.927  -6.334  1.00 19.12 ? 1277 HOH A O      1 
HETATM 792 O O      . HOH F 4 .  ? 8.167   -1.916  -1.146  1.00 19.86 ? 1280 HOH A O      1 
HETATM 793 O O      . HOH F 4 .  ? 1.056   11.679  -7.572  1.00 23.40 ? 1282 HOH A O      1 
HETATM 794 O O      . HOH F 4 .  ? -3.124  9.017   0.897   1.00 18.30 ? 1283 HOH A O      1 
HETATM 795 O O      . HOH F 4 .  ? 2.430   8.797   -9.277  1.00 24.65 ? 1284 HOH A O      1 
HETATM 796 O O      . HOH F 4 .  ? -4.844  -7.750  -10.825 1.00 24.46 ? 1289 HOH A O      1 
HETATM 797 O O      . HOH F 4 .  ? -3.023  3.351   13.666  1.00 21.61 ? 1290 HOH A O      1 
HETATM 798 O O      . HOH F 4 .  ? 1.353   -9.057  -6.243  1.00 27.50 ? 1292 HOH A O      1 
HETATM 799 O O      . HOH F 4 .  ? -7.085  8.843   6.209   1.00 28.48 ? 1296 HOH A O      1 
HETATM 800 O O      . HOH F 4 .  ? -2.497  11.250  -0.505  1.00 35.64 ? 1301 HOH A O      1 
HETATM 801 O O      . HOH F 4 .  ? -1.451  5.420   14.947  1.00 27.15 ? 1303 HOH A O      1 
HETATM 802 O O      . HOH F 4 .  ? 2.349   -9.234  -8.386  1.00 32.80 ? 1309 HOH A O      1 
HETATM 803 O O      . HOH F 4 .  ? 3.155   -9.015  -4.330  1.00 31.31 ? 1310 HOH A O      1 
HETATM 804 O O      . HOH F 4 .  ? 10.432  2.761   -2.475  1.00 37.35 ? 1316 HOH A O      1 
HETATM 805 O O      . HOH F 4 .  ? 8.278   -7.583  -6.085  1.00 25.21 ? 1317 HOH A O      1 
HETATM 806 O O      . HOH F 4 .  ? 2.660   6.392   -2.548  1.00 23.55 ? 1318 HOH A O      1 
HETATM 807 O O      . HOH F 4 .  ? -7.929  10.192  4.578   1.00 34.24 ? 1319 HOH A O      1 
HETATM 808 O O      . HOH F 4 .  ? 7.515   -3.629  -2.774  1.00 25.48 ? 1320 HOH A O      1 
HETATM 809 O O      . HOH F 4 .  ? -1.090  7.098   -0.242  1.00 26.80 ? 1326 HOH A O      1 
HETATM 810 O O      . HOH F 4 .  ? -0.591  7.588   6.373   1.00 30.80 ? 1328 HOH A O      1 
HETATM 811 O O      . HOH F 4 .  ? -3.509  8.323   6.060   1.00 28.36 ? 1329 HOH A O      1 
HETATM 812 O O      . HOH F 4 .  ? -12.156 4.454   4.510   1.00 33.73 ? 1330 HOH A O      1 
HETATM 813 O O      . HOH F 4 .  ? -4.940  -0.164  16.492  1.00 43.59 ? 1333 HOH A O      1 
HETATM 814 O O      . HOH F 4 .  ? 4.084   10.533  -5.388  1.00 29.54 ? 1336 HOH A O      1 
HETATM 815 O O      . HOH F 4 .  ? -3.045  -8.093  -12.980 1.00 40.85 ? 1338 HOH A O      1 
HETATM 816 O O      . HOH F 4 .  ? -5.502  -10.276 -8.998  1.00 65.84 ? 1339 HOH A O      1 
HETATM 817 O O      . HOH F 4 .  ? -8.330  3.342   14.580  1.00 41.34 ? 1340 HOH A O      1 
HETATM 818 O O      . HOH F 4 .  ? -5.822  2.049   15.157  1.00 32.13 ? 1346 HOH A O      1 
HETATM 819 O O      . HOH F 4 .  ? -6.653  2.334   17.863  1.00 29.59 ? 1349 HOH A O      1 
HETATM 820 O O      . HOH F 4 .  ? -0.118  2.421   -0.388  1.00 32.83 ? 1350 HOH A O      1 
HETATM 821 O O      . HOH F 4 .  ? -3.784  -7.631  -6.845  1.00 30.02 ? 1351 HOH A O      1 
HETATM 822 O O      . HOH F 4 .  ? 4.487   -8.566  -3.323  1.00 34.66 ? 1352 HOH A O      1 
HETATM 823 O O      . HOH F 4 .  ? 0.853   5.081   3.724   1.00 29.95 ? 1353 HOH A O      1 
HETATM 824 O O      . HOH F 4 .  ? -5.668  -9.904  -5.291  1.00 29.66 ? 1354 HOH A O      1 
HETATM 825 O O      . HOH F 4 .  ? -2.949  11.017  3.259   1.00 30.20 ? 1355 HOH A O      1 
HETATM 826 O O      . HOH F 4 .  ? -11.855 5.744   8.358   1.00 31.03 ? 1356 HOH A O      1 
HETATM 827 O O      . HOH F 4 .  ? -9.445  1.781   16.774  1.00 34.85 ? 1361 HOH A O      1 
HETATM 828 O O      . HOH F 4 .  ? -4.131  7.730   8.650   1.00 30.85 ? 1362 HOH A O      1 
HETATM 829 O O      . HOH F 4 .  ? -5.452  5.222   12.418  1.00 44.64 ? 1363 HOH A O      1 
HETATM 830 O O      . HOH F 4 .  ? -10.314 9.662   1.772   1.00 31.61 ? 1366 HOH A O      1 
HETATM 831 O O      . HOH F 4 .  ? -0.238  3.900   1.941   1.00 28.98 ? 1374 HOH A O      1 
HETATM 832 O O      . HOH F 4 .  ? -1.625  8.719   3.645   1.00 41.96 ? 1379 HOH A O      1 
HETATM 833 O O      . HOH G 4 .  ? -2.152  -5.683  7.035   1.00 6.75  ? 1200 HOH B O      1 
HETATM 834 O O      . HOH G 4 .  ? -5.405  -3.097  -11.890 1.00 10.91 ? 1202 HOH B O      1 
HETATM 835 O O      . HOH G 4 .  ? -3.394  -4.446  -4.360  1.00 9.76  ? 1205 HOH B O      1 
HETATM 836 O O      . HOH G 4 .  ? -5.877  -5.236  -10.051 1.00 10.07 ? 1210 HOH B O      1 
HETATM 837 O O      . HOH G 4 .  ? -6.094  -3.648  4.735   1.00 9.57  ? 1214 HOH B O      1 
HETATM 838 O O      . HOH G 4 .  ? 3.649   -4.411  0.949   1.00 13.04 ? 1215 HOH B O      1 
HETATM 839 O O      . HOH G 4 .  ? 0.144   3.959   -19.490 1.00 11.84 ? 1216 HOH B O      1 
HETATM 840 O O      . HOH G 4 .  ? -0.221  -1.601  -2.118  1.00 10.32 ? 1217 HOH B O      1 
HETATM 841 O O      . HOH G 4 .  ? 5.427   2.321   3.396   1.00 12.03 ? 1219 HOH B O      1 
HETATM 842 O O      . HOH G 4 .  ? -4.022  -6.906  -3.368  1.00 9.31  ? 1220 HOH B O      1 
HETATM 843 O O      . HOH G 4 .  ? -0.839  -4.498  -13.655 1.00 12.09 ? 1221 HOH B O      1 
HETATM 844 O O      . HOH G 4 .  ? 4.427   8.320   10.435  1.00 13.76 ? 1225 HOH B O      1 
HETATM 845 O O      . HOH G 4 .  ? 4.576   -4.759  8.486   1.00 15.20 ? 1235 HOH B O      1 
HETATM 846 O O      . HOH G 4 .  ? 9.557   -7.797  3.660   1.00 15.80 ? 1237 HOH B O      1 
HETATM 847 O O      . HOH G 4 .  ? -3.048  -2.828  -13.736 1.00 14.50 ? 1238 HOH B O      1 
HETATM 848 O O      . HOH G 4 .  ? -6.093  -6.107  -6.410  1.00 14.45 ? 1239 HOH B O      1 
HETATM 849 O O      . HOH G 4 .  ? -5.548  4.375   -17.409 1.00 19.20 ? 1240 HOH B O      1 
HETATM 850 O O      . HOH G 4 .  ? -9.099  -2.310  2.004   1.00 15.95 ? 1241 HOH B O      1 
HETATM 851 O O      . HOH G 4 .  ? 1.366   -1.708  0.246   1.00 18.71 ? 1242 HOH B O      1 
HETATM 852 O O      . HOH G 4 .  ? -6.532  -3.024  -16.288 1.00 21.35 ? 1244 HOH B O      1 
HETATM 853 O O      . HOH G 4 .  ? -2.459  4.910   -19.134 1.00 12.41 ? 1252 HOH B O      1 
HETATM 854 O O      . HOH G 4 .  ? -5.466  -11.949 1.229   1.00 15.71 ? 1253 HOH B O      1 
HETATM 855 O O      . HOH G 4 .  ? -11.863 -0.704  -13.849 1.00 18.11 ? 1254 HOH B O      1 
HETATM 856 O O      . HOH G 4 .  ? -10.847 -8.041  -0.098  1.00 20.94 ? 1255 HOH B O      1 
HETATM 857 O O      . HOH G 4 .  ? -2.902  3.808   11.166  1.00 16.02 ? 1256 HOH B O      1 
HETATM 858 O O      . HOH G 4 .  ? 2.794   8.254   12.299  1.00 23.77 ? 1257 HOH B O      1 
HETATM 859 O O      . HOH G 4 .  ? -10.043 1.461   -4.075  1.00 17.10 ? 1258 HOH B O      1 
HETATM 860 O O      . HOH G 4 .  ? -9.708  -9.564  -6.540  1.00 17.43 ? 1259 HOH B O      1 
HETATM 861 O O      . HOH G 4 .  ? 5.176   0.910   1.086   1.00 16.02 ? 1261 HOH B O      1 
HETATM 862 O O      . HOH G 4 .  ? -8.486  -8.389  -8.583  1.00 18.20 ? 1266 HOH B O      1 
HETATM 863 O O      . HOH G 4 .  ? 4.963   9.448   7.205   1.00 21.86 ? 1267 HOH B O      1 
HETATM 864 O O      . HOH G 4 .  ? 8.616   -8.267  5.785   1.00 19.89 ? 1271 HOH B O      1 
HETATM 865 O O      . HOH G 4 .  ? 2.176   9.577   9.369   1.00 23.43 ? 1272 HOH B O      1 
HETATM 866 O O      . HOH G 4 .  ? 6.769   -1.429  1.195   1.00 17.39 ? 1273 HOH B O      1 
HETATM 867 O O      . HOH G 4 .  ? 7.823   2.722   2.186   1.00 25.56 ? 1274 HOH B O      1 
HETATM 868 O O      . HOH G 4 .  ? 1.017   -6.946  -12.997 1.00 28.40 ? 1276 HOH B O      1 
HETATM 869 O O      . HOH G 4 .  ? 13.011  -4.460  3.801   1.00 18.40 ? 1278 HOH B O      1 
HETATM 870 O O      . HOH G 4 .  ? -3.737  -2.180  -16.362 1.00 15.43 ? 1279 HOH B O      1 
HETATM 871 O O      . HOH G 4 .  ? 12.974  -0.109  -0.389  1.00 44.27 ? 1281 HOH B O      1 
HETATM 872 O O      . HOH G 4 .  ? 0.847   -10.989 -0.177  1.00 26.90 ? 1286 HOH B O      1 
HETATM 873 O O      . HOH G 4 .  ? 1.857   1.638   1.918   1.00 26.63 ? 1287 HOH B O      1 
HETATM 874 O O      . HOH G 4 .  ? 6.475   3.162   -0.618  1.00 29.08 ? 1288 HOH B O      1 
HETATM 875 O O      . HOH G 4 .  ? -0.136  8.117   9.265   1.00 23.12 ? 1291 HOH B O      1 
HETATM 876 O O      . HOH G 4 .  ? 2.804   3.388   4.089   1.00 19.88 ? 1293 HOH B O      1 
HETATM 877 O O      . HOH G 4 .  ? 7.917   6.652   1.462   1.00 20.85 ? 1294 HOH B O      1 
HETATM 878 O O      . HOH G 4 .  ? -11.870 -8.997  -3.833  1.00 30.43 ? 1295 HOH B O      1 
HETATM 879 O O      . HOH G 4 .  ? -8.487  -11.148 -2.712  1.00 21.47 ? 1297 HOH B O      1 
HETATM 880 O O      . HOH G 4 .  ? -9.760  -0.842  -0.923  1.00 24.93 ? 1298 HOH B O      1 
HETATM 881 O O      . HOH G 4 .  ? -5.579  -10.602 -2.734  1.00 21.92 ? 1299 HOH B O      1 
HETATM 882 O O      . HOH G 4 .  ? 11.774  6.405   -0.324  1.00 26.66 ? 1300 HOH B O      1 
HETATM 883 O O      . HOH G 4 .  ? 7.829   -4.444  -0.404  1.00 25.50 ? 1304 HOH B O      1 
HETATM 884 O O      . HOH G 4 .  ? 15.351  1.459   3.077   1.00 24.39 ? 1305 HOH B O      1 
HETATM 885 O O      . HOH G 4 .  ? 5.295   4.642   0.410   1.00 36.48 ? 1307 HOH B O      1 
HETATM 886 O O      . HOH G 4 .  ? 11.028  -3.887  0.142   1.00 34.28 ? 1308 HOH B O      1 
HETATM 887 O O      . HOH G 4 .  ? 4.001   -11.073 2.443   1.00 33.28 ? 1311 HOH B O      1 
HETATM 888 O O      . HOH G 4 .  ? 8.269   12.424  2.336   1.00 35.27 ? 1313 HOH B O      1 
HETATM 889 O O      . HOH G 4 .  ? -4.975  -0.679  -20.846 1.00 24.74 ? 1314 HOH B O      1 
HETATM 890 O O      . HOH G 4 .  ? -4.563  -0.843  -19.076 1.00 19.92 ? 1315 HOH B O      1 
HETATM 891 O O      . HOH G 4 .  ? 11.473  1.618   0.381   1.00 22.47 ? 1322 HOH B O      1 
HETATM 892 O O      . HOH G 4 .  ? 10.635  -7.049  1.834   1.00 24.43 ? 1323 HOH B O      1 
HETATM 893 O O      . HOH G 4 .  ? -7.244  -12.957 -2.364  1.00 36.47 ? 1325 HOH B O      1 
HETATM 894 O O      . HOH G 4 .  ? 4.785   -7.461  -0.154  1.00 26.39 ? 1327 HOH B O      1 
HETATM 895 O O      . HOH G 4 .  ? -13.460 -2.265  -6.047  1.00 35.36 ? 1332 HOH B O      1 
HETATM 896 O O      . HOH G 4 .  ? -12.706 -1.294  -11.060 1.00 35.63 ? 1334 HOH B O      1 
HETATM 897 O O      . HOH G 4 .  ? 8.909   14.355  3.105   1.00 23.08 ? 1335 HOH B O      1 
HETATM 898 O O      . HOH G 4 .  ? -12.073 -1.961  -2.107  1.00 29.01 ? 1342 HOH B O      1 
HETATM 899 O O      . HOH G 4 .  ? 7.275   10.703  4.828   1.00 48.70 ? 1343 HOH B O      1 
HETATM 900 O O      . HOH G 4 .  ? 8.886   -6.601  -1.832  1.00 37.54 ? 1348 HOH B O      1 
HETATM 901 O O      . HOH G 4 .  ? 12.012  9.235   1.021   1.00 30.37 ? 1359 HOH B O      1 
HETATM 902 O O      . HOH G 4 .  ? 14.133  3.194   1.213   1.00 32.54 ? 1367 HOH B O      1 
HETATM 903 O O      . HOH G 4 .  ? -2.043  -11.925 0.374   1.00 29.26 ? 1368 HOH B O      1 
HETATM 904 O O      . HOH G 4 .  ? -12.155 -0.164  -4.158  1.00 25.78 ? 1370 HOH B O      1 
HETATM 905 O O      . HOH G 4 .  ? -6.204  1.898   -21.213 1.00 35.14 ? 1372 HOH B O      1 
HETATM 906 O O      . HOH G 4 .  ? 0.599   9.341   7.529   1.00 33.35 ? 1373 HOH B O      1 
HETATM 907 O O      . HOH G 4 .  ? -10.638 -1.858  1.572   1.00 32.31 ? 1375 HOH B O      1 
HETATM 908 O O      . HOH G 4 .  ? 14.483  5.247   2.125   1.00 36.19 ? 1377 HOH B O      1 
HETATM 909 O O      . HOH G 4 .  ? 10.019  8.032   -0.256  1.00 33.32 ? 1378 HOH B O      1 
# 
loop_
_atom_site_anisotrop.id 
_atom_site_anisotrop.type_symbol 
_atom_site_anisotrop.pdbx_label_atom_id 
_atom_site_anisotrop.pdbx_label_alt_id 
_atom_site_anisotrop.pdbx_label_comp_id 
_atom_site_anisotrop.pdbx_label_asym_id 
_atom_site_anisotrop.pdbx_label_seq_id 
_atom_site_anisotrop.pdbx_PDB_ins_code 
_atom_site_anisotrop.U[1][1] 
_atom_site_anisotrop.U[2][2] 
_atom_site_anisotrop.U[3][3] 
_atom_site_anisotrop.U[1][2] 
_atom_site_anisotrop.U[1][3] 
_atom_site_anisotrop.U[2][3] 
_atom_site_anisotrop.pdbx_auth_seq_id 
_atom_site_anisotrop.pdbx_auth_comp_id 
_atom_site_anisotrop.pdbx_auth_asym_id 
_atom_site_anisotrop.pdbx_auth_atom_id 
1   O "O5'" A DG  A 1  ? 0.1956 0.1873 0.1721 0.0756  0.0196  0.0404  1    DG  A "O5'" 
2   O "O5'" B DG  A 1  ? 0.2508 0.1740 0.3362 0.0073  -0.0089 0.0887  1    DG  A "O5'" 
3   C "C5'" . DG  A 1  ? 0.2621 0.1858 0.1998 0.0142  -0.0548 0.0825  1    DG  A "C5'" 
4   C "C4'" . DG  A 1  ? 0.1805 0.1434 0.1355 0.0350  -0.0557 0.0237  1    DG  A "C4'" 
5   O "O4'" . DG  A 1  ? 0.1436 0.1148 0.1750 0.0352  -0.0557 -0.0011 1    DG  A "O4'" 
6   C "C3'" . DG  A 1  ? 0.1159 0.1270 0.1014 0.0047  -0.0268 0.0204  1    DG  A "C3'" 
7   O "O3'" . DG  A 1  ? 0.0929 0.1442 0.1031 0.0009  -0.0280 0.0214  1    DG  A "O3'" 
8   C "C2'" . DG  A 1  ? 0.1047 0.1177 0.1024 0.0104  -0.0056 0.0162  1    DG  A "C2'" 
9   C "C1'" . DG  A 1  ? 0.0992 0.1470 0.1141 0.0250  -0.0210 0.0053  1    DG  A "C1'" 
10  N N9    . DG  A 1  ? 0.1086 0.1084 0.0987 0.0179  -0.0158 0.0186  1    DG  A N9    
11  C C8    . DG  A 1  ? 0.1271 0.1033 0.1210 0.0220  -0.0089 0.0216  1    DG  A C8    
12  N N7    . DG  A 1  ? 0.1161 0.1005 0.1076 0.0160  -0.0095 0.0218  1    DG  A N7    
13  C C5    . DG  A 1  ? 0.1039 0.0911 0.1014 0.0075  -0.0068 0.0122  1    DG  A C5    
14  C C6    . DG  A 1  ? 0.1003 0.0910 0.0774 -0.0077 -0.0042 0.0086  1    DG  A C6    
15  O O6    . DG  A 1  ? 0.0967 0.1101 0.0878 -0.0022 -0.0038 0.0213  1    DG  A O6    
16  N N1    . DG  A 1  ? 0.0794 0.0873 0.0841 0.0071  -0.0054 0.0030  1    DG  A N1    
17  C C2    . DG  A 1  ? 0.0736 0.0814 0.0894 0.0135  -0.0080 -0.0075 1    DG  A C2    
18  N N2    . DG  A 1  ? 0.0674 0.0970 0.0963 0.0008  -0.0061 0.0051  1    DG  A N2    
19  N N3    . DG  A 1  ? 0.0897 0.0932 0.0919 0.0091  -0.0163 0.0024  1    DG  A N3    
20  C C4    . DG  A 1  ? 0.0907 0.1066 0.0877 0.0146  -0.0139 0.0158  1    DG  A C4    
36  P P     . GCK A 2  ? 0.0904 0.1528 0.0857 0.0009  -0.0185 0.0194  2    GCK A P     
37  O O1P   . GCK A 2  ? 0.0919 0.1822 0.0936 -0.0132 -0.0289 0.0091  2    GCK A O1P   
38  O O2P   . GCK A 2  ? 0.0916 0.1553 0.0990 -0.0152 -0.0117 0.0275  2    GCK A O2P   
39  O "O5'" . GCK A 2  ? 0.0809 0.1303 0.0976 -0.0053 -0.0164 0.0272  2    GCK A "O5'" 
40  N N1    . GCK A 2  ? 0.0680 0.0936 0.0788 -0.0075 -0.0039 0.0111  2    GCK A N1    
41  C C6    . GCK A 2  ? 0.0648 0.1148 0.0714 0.0032  -0.0023 0.0205  2    GCK A C6    
42  C C2    . GCK A 2  ? 0.0580 0.0890 0.0713 0.0051  -0.0001 0.0060  2    GCK A C2    
43  O O2    . GCK A 2  ? 0.0706 0.0822 0.0764 0.0006  -0.0066 0.0128  2    GCK A O2    
44  N N3    . GCK A 2  ? 0.0630 0.0838 0.0652 -0.0033 -0.0064 0.0094  2    GCK A N3    
45  C C4    . GCK A 2  ? 0.0755 0.0831 0.0620 0.0013  -0.0057 0.0088  2    GCK A C4    
46  N N4    . GCK A 2  ? 0.0804 0.0878 0.0979 0.0024  -0.0203 0.0210  2    GCK A N4    
47  C C5    . GCK A 2  ? 0.0839 0.0930 0.0703 0.0004  -0.0115 0.0160  2    GCK A C5    
48  O O8    . GCK A 2  ? 0.0909 0.1192 0.1032 -0.0111 -0.0261 0.0408  2    GCK A O8    
49  C C9    . GCK A 2  ? 0.1013 0.0909 0.0894 0.0067  -0.0100 0.0225  2    GCK A C9    
50  C C10   . GCK A 2  ? 0.1120 0.1158 0.0832 0.0115  -0.0140 0.0316  2    GCK A C10   
51  C C11   . GCK A 2  ? 0.1266 0.1023 0.0978 0.0163  -0.0052 0.0360  2    GCK A C11   
52  C C12   . GCK A 2  ? 0.1411 0.1016 0.1207 -0.0082 -0.0293 0.0480  2    GCK A C12   
53  C C13   . GCK A 2  ? 0.1247 0.0997 0.1119 -0.0169 -0.0261 0.0372  2    GCK A C13   
54  C C14   . GCK A 2  ? 0.1019 0.0877 0.0823 -0.0032 -0.0136 0.0200  2    GCK A C14   
55  O O15   . GCK A 2  ? 0.1206 0.0805 0.1382 -0.0163 -0.0341 0.0343  2    GCK A O15   
56  C C16   . GCK A 2  ? 0.1220 0.0929 0.1198 -0.0217 -0.0302 0.0182  2    GCK A C16   
57  C C17   . GCK A 2  ? 0.1070 0.0916 0.1031 0.0090  -0.0004 0.0220  2    GCK A C17   
58  N N18   . GCK A 2  ? 0.0900 0.0689 0.1157 -0.0090 -0.0012 0.0081  2    GCK A N18   
59  C C19   . GCK A 2  ? 0.1019 0.0705 0.1356 -0.0092 0.0037  0.0097  2    GCK A C19   
60  N N20   . GCK A 2  ? 0.0913 0.0840 0.1649 -0.0058 0.0078  -0.0018 2    GCK A N20   
61  N N21   . GCK A 2  ? 0.1214 0.0736 0.1897 -0.0249 0.0175  0.0017  2    GCK A N21   
62  C "C2'" . GCK A 2  ? 0.0646 0.0964 0.1235 -0.0166 -0.0166 0.0190  2    GCK A "C2'" 
63  C "C5'" . GCK A 2  ? 0.0644 0.1412 0.0955 -0.0124 -0.0234 0.0220  2    GCK A "C5'" 
64  C "C4'" . GCK A 2  ? 0.0778 0.1145 0.0846 -0.0067 -0.0175 0.0097  2    GCK A "C4'" 
65  O "O4'" . GCK A 2  ? 0.0642 0.1200 0.0862 -0.0008 -0.0095 0.0038  2    GCK A "O4'" 
66  C "C1'" . GCK A 2  ? 0.0996 0.1372 0.1214 -0.0373 -0.0544 0.0423  2    GCK A "C1'" 
67  C "C3'" . GCK A 2  ? 0.0854 0.1042 0.0831 -0.0150 -0.0028 0.0055  2    GCK A "C3'" 
68  O "O3'" . GCK A 2  ? 0.0785 0.1217 0.0997 -0.0196 -0.0146 -0.0162 2    GCK A "O3'" 
90  P P     . DG  A 3  ? 0.0927 0.1348 0.0942 -0.0169 -0.0101 -0.0202 3    DG  A P     
91  O OP1   . DG  A 3  ? 0.0977 0.1395 0.1480 -0.0258 -0.0146 -0.0471 3    DG  A OP1   
92  O OP2   . DG  A 3  ? 0.1163 0.1560 0.0900 -0.0065 -0.0183 -0.0111 3    DG  A OP2   
93  O "O5'" . DG  A 3  ? 0.0857 0.1199 0.0968 -0.0143 0.0000  -0.0133 3    DG  A "O5'" 
94  C "C5'" . DG  A 3  ? 0.0933 0.1169 0.0764 -0.0118 -0.0009 -0.0115 3    DG  A "C5'" 
95  C "C4'" . DG  A 3  ? 0.0874 0.0964 0.0846 -0.0165 -0.0051 -0.0119 3    DG  A "C4'" 
96  O "O4'" . DG  A 3  ? 0.0799 0.1077 0.0899 -0.0160 0.0039  -0.0171 3    DG  A "O4'" 
97  C "C3'" . DG  A 3  ? 0.0940 0.0933 0.0843 -0.0127 0.0019  0.0033  3    DG  A "C3'" 
98  O "O3'" . DG  A 3  ? 0.0865 0.0890 0.1189 -0.0231 -0.0070 -0.0017 3    DG  A "O3'" 
99  C "C2'" . DG  A 3  ? 0.0830 0.0971 0.0893 -0.0190 -0.0086 0.0057  3    DG  A "C2'" 
100 C "C1'" . DG  A 3  ? 0.0901 0.1097 0.0782 -0.0301 -0.0059 -0.0001 3    DG  A "C1'" 
101 N N9    . DG  A 3  ? 0.0702 0.0960 0.0664 -0.0069 0.0045  -0.0046 3    DG  A N9    
102 C C8    . DG  A 3  ? 0.0786 0.1141 0.0726 -0.0142 -0.0055 -0.0029 3    DG  A C8    
103 N N7    . DG  A 3  ? 0.0720 0.0887 0.0830 -0.0040 -0.0079 -0.0015 3    DG  A N7    
104 C C5    . DG  A 3  ? 0.0649 0.0952 0.0601 -0.0031 -0.0029 -0.0119 3    DG  A C5    
105 C C6    . DG  A 3  ? 0.0819 0.0795 0.0680 -0.0130 -0.0143 -0.0069 3    DG  A C6    
106 O O6    . DG  A 3  ? 0.0752 0.0737 0.0932 -0.0033 -0.0179 0.0028  3    DG  A O6    
107 N N1    . DG  A 3  ? 0.0743 0.0676 0.0641 -0.0077 -0.0064 -0.0029 3    DG  A N1    
108 C C2    . DG  A 3  ? 0.0704 0.0643 0.0692 -0.0018 -0.0058 -0.0087 3    DG  A C2    
109 N N2    . DG  A 3  ? 0.0688 0.0806 0.0736 -0.0213 -0.0045 0.0090  3    DG  A N2    
110 N N3    . DG  A 3  ? 0.0759 0.0863 0.0687 -0.0152 -0.0025 -0.0091 3    DG  A N3    
111 C C4    . DG  A 3  ? 0.0733 0.0855 0.0743 -0.0151 -0.0030 -0.0071 3    DG  A C4    
123 P P     . DT  A 4  ? 0.1013 0.0952 0.1234 -0.0196 -0.0040 -0.0172 4    DT  A P     
124 O OP1   . DT  A 4  ? 0.1172 0.0855 0.1840 -0.0221 -0.0123 -0.0346 4    DT  A OP1   
125 O OP2   . DT  A 4  ? 0.1162 0.1344 0.0938 0.0054  -0.0103 -0.0224 4    DT  A OP2   
126 O "O5'" . DT  A 4  ? 0.0850 0.0878 0.1117 -0.0139 0.0043  -0.0024 4    DT  A "O5'" 
127 C "C5'" . DT  A 4  ? 0.1125 0.0870 0.0951 -0.0318 0.0070  0.0026  4    DT  A "C5'" 
128 C "C4'" . DT  A 4  ? 0.0926 0.0695 0.1047 0.0015  0.0057  0.0155  4    DT  A "C4'" 
129 O "O4'" . DT  A 4  ? 0.0931 0.0861 0.0836 -0.0222 0.0048  0.0029  4    DT  A "O4'" 
130 C "C3'" . DT  A 4  ? 0.0942 0.0669 0.1064 -0.0090 0.0091  0.0101  4    DT  A "C3'" 
131 O "O3'" . DT  A 4  ? 0.0948 0.0792 0.1262 -0.0068 0.0088  -0.0018 4    DT  A "O3'" 
132 C "C2'" . DT  A 4  ? 0.0813 0.0741 0.1085 -0.0001 0.0065  0.0006  4    DT  A "C2'" 
133 C "C1'" . DT  A 4  ? 0.0868 0.0791 0.0778 -0.0113 0.0036  0.0131  4    DT  A "C1'" 
134 N N1    . DT  A 4  ? 0.0805 0.0696 0.0726 -0.0060 -0.0004 -0.0035 4    DT  A N1    
135 C C2    . DT  A 4  ? 0.0836 0.0797 0.0720 -0.0147 0.0047  -0.0014 4    DT  A C2    
136 O O2    . DT  A 4  ? 0.0864 0.0743 0.0901 -0.0065 -0.0041 0.0065  4    DT  A O2    
137 N N3    . DT  A 4  ? 0.0798 0.0768 0.0775 -0.0126 -0.0037 0.0038  4    DT  A N3    
138 C C4    . DT  A 4  ? 0.0781 0.0701 0.0680 -0.0017 0.0107  -0.0101 4    DT  A C4    
139 O O4    . DT  A 4  ? 0.0825 0.0762 0.0761 -0.0068 -0.0106 -0.0024 4    DT  A O4    
140 C C5    . DT  A 4  ? 0.0810 0.0701 0.0751 -0.0038 0.0040  -0.0109 4    DT  A C5    
141 C C7    . DT  A 4  ? 0.1014 0.0776 0.0883 -0.0228 -0.0210 0.0015  4    DT  A C7    
142 C C6    . DT  A 4  ? 0.0843 0.0776 0.0722 -0.0127 0.0025  -0.0013 4    DT  A C6    
155 P P     . DA  A 5  ? 0.1325 0.0851 0.1442 -0.0093 0.0145  -0.0201 5    DA  A P     
156 O OP1   . DA  A 5  ? 0.1794 0.0780 0.1765 -0.0038 0.0364  -0.0171 5    DA  A OP1   
157 O OP2   . DA  A 5  ? 0.1281 0.1429 0.1387 -0.0104 -0.0065 -0.0468 5    DA  A OP2   
158 O "O5'" . DA  A 5  ? 0.1351 0.0832 0.1129 -0.0110 -0.0012 -0.0005 5    DA  A "O5'" 
159 C "C5'" . DA  A 5  ? 0.1519 0.0828 0.0986 0.0061  -0.0143 -0.0043 5    DA  A "C5'" 
160 C "C4'" . DA  A 5  ? 0.1364 0.0786 0.1101 0.0221  0.0289  0.0058  5    DA  A "C4'" 
161 O "O4'" . DA  A 5  ? 0.1356 0.0720 0.0968 0.0037  0.0044  -0.0014 5    DA  A "O4'" 
162 C "C3'" . DA  A 5  ? 0.1367 0.0949 0.0875 0.0263  0.0041  -0.0046 5    DA  A "C3'" 
163 O "O3'" . DA  A 5  ? 0.1614 0.1021 0.1030 0.0396  0.0253  0.0050  5    DA  A "O3'" 
164 C "C2'" . DA  A 5  ? 0.1507 0.0829 0.0994 0.0191  0.0149  0.0151  5    DA  A "C2'" 
165 C "C1'" . DA  A 5  ? 0.1312 0.0794 0.0818 0.0180  -0.0024 0.0076  5    DA  A "C1'" 
166 N N9    . DA  A 5  ? 0.1116 0.0770 0.0809 0.0036  -0.0025 -0.0044 5    DA  A N9    
167 C C8    . DA  A 5  ? 0.1198 0.0688 0.0869 -0.0035 0.0101  -0.0099 5    DA  A C8    
168 N N7    . DA  A 5  ? 0.1113 0.0690 0.0868 -0.0052 0.0014  -0.0076 5    DA  A N7    
169 C C5    . DA  A 5  ? 0.1095 0.0731 0.0699 -0.0036 0.0056  0.0001  5    DA  A C5    
170 C C6    . DA  A 5  ? 0.1077 0.0789 0.0707 0.0033  0.0064  0.0038  5    DA  A C6    
171 N N6    . DA  A 5  ? 0.0994 0.0764 0.0947 -0.0075 -0.0057 0.0004  5    DA  A N6    
172 N N1    . DA  A 5  ? 0.0973 0.0757 0.0860 -0.0016 0.0051  0.0028  5    DA  A N1    
173 C C2    . DA  A 5  ? 0.1021 0.0770 0.0952 0.0043  0.0218  -0.0008 5    DA  A C2    
174 N N3    . DA  A 5  ? 0.1095 0.0811 0.0827 0.0078  0.0065  0.0018  5    DA  A N3    
175 C C4    . DA  A 5  ? 0.1118 0.0700 0.0756 0.0040  0.0160  -0.0048 5    DA  A C4    
187 P P     . DT  A 6  ? 0.1770 0.0910 0.0976 0.0208  0.0211  -0.0078 6    DT  A P     
188 O OP1   . DT  A 6  ? 0.2328 0.1075 0.1219 0.0544  0.0151  -0.0175 6    DT  A OP1   
189 O OP2   . DT  A 6  ? 0.1843 0.0983 0.1166 -0.0014 0.0067  -0.0189 6    DT  A OP2   
190 O "O5'" . DT  A 6  ? 0.1520 0.0867 0.1076 0.0208  0.0165  0.0028  6    DT  A "O5'" 
191 C "C5'" . DT  A 6  ? 0.1309 0.1188 0.1067 0.0428  0.0159  0.0055  6    DT  A "C5'" 
192 C "C4'" . DT  A 6  ? 0.1131 0.1201 0.1005 0.0327  0.0079  0.0131  6    DT  A "C4'" 
193 O "O4'" . DT  A 6  ? 0.1001 0.1088 0.0922 0.0208  -0.0047 0.0079  6    DT  A "O4'" 
194 C "C3'" . DT  A 6  ? 0.1019 0.1096 0.0942 0.0242  0.0063  0.0050  6    DT  A "C3'" 
195 O "O3'" . DT  A 6  ? 0.0979 0.1124 0.1015 0.0272  0.0112  0.0137  6    DT  A "O3'" 
196 C "C2'" . DT  A 6  ? 0.0860 0.1119 0.0978 0.0227  -0.0089 0.0039  6    DT  A "C2'" 
197 C "C1'" . DT  A 6  ? 0.0988 0.0981 0.0919 0.0138  -0.0084 0.0065  6    DT  A "C1'" 
198 N N1    . DT  A 6  ? 0.1029 0.0945 0.0907 0.0139  0.0091  0.0163  6    DT  A N1    
199 C C2    . DT  A 6  ? 0.0931 0.0948 0.0842 0.0118  -0.0020 -0.0042 6    DT  A C2    
200 O O2    . DT  A 6  ? 0.0980 0.0944 0.1086 0.0103  0.0065  0.0013  6    DT  A O2    
201 N N3    . DT  A 6  ? 0.0922 0.0784 0.0877 0.0109  0.0046  -0.0063 6    DT  A N3    
202 C C4    . DT  A 6  ? 0.0972 0.0748 0.0808 0.0111  0.0002  -0.0074 6    DT  A C4    
203 O O4    . DT  A 6  ? 0.1003 0.0882 0.1037 -0.0005 0.0026  -0.0038 6    DT  A O4    
204 C C5    . DT  A 6  ? 0.1081 0.0789 0.0767 0.0041  0.0059  0.0027  6    DT  A C5    
205 C C7    . DT  A 6  ? 0.1180 0.0874 0.1184 0.0075  0.0058  0.0135  6    DT  A C7    
206 C C6    . DT  A 6  ? 0.1014 0.0851 0.1009 0.0207  0.0006  -0.0110 6    DT  A C6    
218 P P     . DA  A 7  ? 0.1349 0.0916 0.1074 0.0193  0.0178  -0.0049 7    DA  A P     
219 O OP1   . DA  A 7  ? 0.1738 0.1313 0.1190 0.0538  0.0469  0.0016  7    DA  A OP1   
220 O OP2   . DA  A 7  ? 0.1453 0.1070 0.1238 0.0032  0.0040  0.0000  7    DA  A OP2   
221 O "O5'" . DA  A 7  ? 0.1130 0.1030 0.0992 0.0206  0.0067  0.0045  7    DA  A "O5'" 
222 C "C5'" . DA  A 7  ? 0.1173 0.0925 0.1074 0.0189  0.0093  0.0048  7    DA  A "C5'" 
223 C "C4'" . DA  A 7  ? 0.1142 0.0944 0.1034 0.0184  0.0113  0.0045  7    DA  A "C4'" 
224 O "O4'" . DA  A 7  ? 0.0888 0.0933 0.0965 0.0153  -0.0069 -0.0015 7    DA  A "O4'" 
225 C "C3'" . DA  A 7  ? 0.1505 0.0901 0.0942 0.0212  -0.0078 0.0027  7    DA  A "C3'" 
226 O "O3'" . DA  A 7  ? 0.1724 0.1166 0.0985 0.0330  -0.0011 -0.0119 7    DA  A "O3'" 
227 C "C2'" . DA  A 7  ? 0.1040 0.0937 0.0944 0.0047  -0.0023 -0.0029 7    DA  A "C2'" 
228 C "C1'" . DA  A 7  ? 0.0860 0.0860 0.0982 0.0045  -0.0020 0.0014  7    DA  A "C1'" 
229 N N9    . DA  A 7  ? 0.0862 0.0834 0.0872 0.0080  -0.0104 -0.0025 7    DA  A N9    
230 C C8    . DA  A 7  ? 0.0923 0.0816 0.1028 0.0158  0.0005  0.0016  7    DA  A C8    
231 N N7    . DA  A 7  ? 0.0925 0.0808 0.0871 0.0103  -0.0019 -0.0058 7    DA  A N7    
232 C C5    . DA  A 7  ? 0.0859 0.0814 0.0685 0.0103  -0.0153 -0.0104 7    DA  A C5    
233 C C6    . DA  A 7  ? 0.0918 0.0767 0.0740 0.0115  -0.0082 -0.0065 7    DA  A C6    
234 N N6    . DA  A 7  ? 0.1083 0.0853 0.0866 0.0198  0.0032  0.0012  7    DA  A N6    
235 N N1    . DA  A 7  ? 0.0832 0.0805 0.0912 0.0099  -0.0146 -0.0064 7    DA  A N1    
236 C C2    . DA  A 7  ? 0.0922 0.0849 0.0995 0.0001  -0.0082 -0.0067 7    DA  A C2    
237 N N3    . DA  A 7  ? 0.0894 0.0809 0.0850 0.0003  -0.0152 -0.0093 7    DA  A N3    
238 C C4    . DA  A 7  ? 0.0936 0.0841 0.0777 0.0056  -0.0069 -0.0090 7    DA  A C4    
250 P P     . DC  A 8  ? 0.1199 0.1312 0.1268 0.0124  0.0081  -0.0072 8    DC  A P     
251 O OP1   . DC  A 8  ? 0.1527 0.1670 0.1256 0.0290  0.0447  0.0176  8    DC  A OP1   
252 O OP2   . DC  A 8  ? 0.1244 0.2054 0.0976 -0.0531 -0.0171 0.0412  8    DC  A OP2   
253 O "O5'" . DC  A 8  ? 0.0969 0.1515 0.1238 0.0048  0.0093  -0.0161 8    DC  A "O5'" 
254 C "C5'" . DC  A 8  ? 0.0840 0.2603 0.1408 0.0597  0.0106  -0.0701 8    DC  A "C5'" 
255 C "C4'" . DC  A 8  ? 0.0639 0.1522 0.0843 -0.0154 0.0003  -0.0104 8    DC  A "C4'" 
256 O "O4'" . DC  A 8  ? 0.0597 0.1507 0.0864 0.0093  -0.0093 -0.0099 8    DC  A "O4'" 
257 C "C3'" . DC  A 8  ? 0.0644 0.0942 0.0741 -0.0019 0.0020  0.0034  8    DC  A "C3'" 
258 O "O3'" . DC  A 8  ? 0.0825 0.1175 0.0824 -0.0008 -0.0069 -0.0031 8    DC  A "O3'" 
259 C "C2'" . DC  A 8  ? 0.0706 0.0873 0.0945 -0.0063 -0.0107 -0.0137 8    DC  A "C2'" 
260 C "C1'" . DC  A 8  ? 0.0643 0.1206 0.0834 -0.0087 -0.0008 -0.0209 8    DC  A "C1'" 
261 N N1    . DC  A 8  ? 0.0691 0.1040 0.0866 -0.0001 -0.0036 -0.0157 8    DC  A N1    
262 C C2    . DC  A 8  ? 0.0711 0.1069 0.0854 0.0045  -0.0027 -0.0153 8    DC  A C2    
263 O O2    . DC  A 8  ? 0.0776 0.1023 0.1008 0.0057  0.0060  -0.0175 8    DC  A O2    
264 N N3    . DC  A 8  ? 0.0779 0.1078 0.0811 0.0056  -0.0032 -0.0084 8    DC  A N3    
265 C C4    . DC  A 8  ? 0.0752 0.1069 0.0876 0.0022  -0.0061 -0.0090 8    DC  A C4    
266 N N4    . DC  A 8  ? 0.0887 0.1119 0.1083 0.0100  0.0057  0.0027  8    DC  A N4    
267 C C5    . DC  A 8  ? 0.0833 0.1069 0.1059 0.0106  -0.0035 -0.0093 8    DC  A C5    
268 C C6    . DC  A 8  ? 0.0782 0.1125 0.0991 0.0067  0.0017  -0.0278 8    DC  A C6    
280 P P     . DG  A 9  ? 0.0902 0.1280 0.0837 0.0153  -0.0111 -0.0170 9    DG  A P     
281 O OP1   . DG  A 9  ? 0.1131 0.1855 0.0744 0.0266  -0.0006 -0.0068 9    DG  A OP1   
282 O OP2   . DG  A 9  ? 0.1132 0.1138 0.1196 0.0238  -0.0313 -0.0363 9    DG  A OP2   
283 O "O5'" . DG  A 9  ? 0.0729 0.0889 0.0989 -0.0064 -0.0045 -0.0084 9    DG  A "O5'" 
284 C "C5'" . DG  A 9  ? 0.0673 0.0915 0.0894 -0.0129 -0.0040 0.0075  9    DG  A "C5'" 
285 C "C4'" . DG  A 9  ? 0.0699 0.0777 0.0809 -0.0097 -0.0118 -0.0003 9    DG  A "C4'" 
286 O "O4'" . DG  A 9  ? 0.0746 0.0895 0.0783 -0.0193 -0.0062 -0.0078 9    DG  A "O4'" 
287 C "C3'" . DG  A 9  ? 0.0690 0.0834 0.0738 -0.0067 -0.0102 -0.0045 9    DG  A "C3'" 
288 O "O3'" . DG  A 9  ? 0.0714 0.1060 0.0805 -0.0243 -0.0069 -0.0013 9    DG  A "O3'" 
289 C "C2'" . DG  A 9  ? 0.0720 0.0861 0.0886 -0.0200 0.0001  -0.0077 9    DG  A "C2'" 
290 C "C1'" . DG  A 9  ? 0.0783 0.0796 0.0850 -0.0160 -0.0043 -0.0127 9    DG  A "C1'" 
291 N N9    . DG  A 9  ? 0.0726 0.0904 0.0805 -0.0121 -0.0081 -0.0040 9    DG  A N9    
292 C C8    . DG  A 9  ? 0.0854 0.0893 0.0849 -0.0074 -0.0153 -0.0046 9    DG  A C8    
293 N N7    . DG  A 9  ? 0.0810 0.0934 0.0822 0.0014  -0.0120 -0.0036 9    DG  A N7    
294 C C5    . DG  A 9  ? 0.0795 0.1017 0.0639 -0.0088 -0.0077 -0.0064 9    DG  A C5    
295 C C6    . DG  A 9  ? 0.0918 0.0903 0.0557 -0.0169 -0.0176 0.0004  9    DG  A C6    
296 O O6    . DG  A 9  ? 0.0894 0.0872 0.0845 -0.0066 -0.0132 -0.0040 9    DG  A O6    
297 N N1    . DG  A 9  ? 0.0756 0.0966 0.0757 -0.0142 -0.0060 -0.0021 9    DG  A N1    
298 C C2    . DG  A 9  ? 0.0856 0.1060 0.0731 -0.0091 -0.0049 0.0036  9    DG  A C2    
299 N N2    . DG  A 9  ? 0.0778 0.1080 0.1016 -0.0086 0.0057  0.0285  9    DG  A N2    
300 N N3    . DG  A 9  ? 0.0795 0.0959 0.0729 -0.0016 -0.0033 0.0036  9    DG  A N3    
301 C C4    . DG  A 9  ? 0.0783 0.1059 0.0693 -0.0081 -0.0067 0.0061  9    DG  A C4    
313 P P     . DC  A 10 ? 0.0792 0.1360 0.0900 -0.0227 0.0014  -0.0227 10   DC  A P     
314 O OP1   . DC  A 10 ? 0.0926 0.1890 0.0939 -0.0324 -0.0062 -0.0083 10   DC  A OP1   
315 O OP2   . DC  A 10 ? 0.0813 0.1190 0.1406 0.0016  0.0046  -0.0432 10   DC  A OP2   
316 O "O5'" . DC  A 10 ? 0.0640 0.1058 0.0912 -0.0134 -0.0113 -0.0041 10   DC  A "O5'" 
317 C "C5'" . DC  A 10 ? 0.0815 0.0900 0.0855 -0.0207 -0.0020 -0.0007 10   DC  A "C5'" 
318 C "C4'" . DC  A 10 ? 0.0673 0.0737 0.0830 -0.0029 -0.0055 0.0047  10   DC  A "C4'" 
319 O "O4'" . DC  A 10 ? 0.0778 0.0750 0.0827 -0.0127 0.0015  0.0011  10   DC  A "O4'" 
320 C "C3'" . DC  A 10 ? 0.0644 0.0818 0.0774 -0.0096 -0.0179 0.0141  10   DC  A "C3'" 
321 O "O3'" . DC  A 10 ? 0.0762 0.0900 0.0832 -0.0124 -0.0170 0.0054  10   DC  A "O3'" 
322 C "C2'" . DC  A 10 ? 0.0605 0.0810 0.0937 0.0006  -0.0056 0.0063  10   DC  A "C2'" 
323 C "C1'" . DC  A 10 ? 0.0760 0.0730 0.0852 -0.0144 -0.0012 0.0010  10   DC  A "C1'" 
324 N N1    . DC  A 10 ? 0.0751 0.0785 0.0773 -0.0092 -0.0063 -0.0005 10   DC  A N1    
325 C C2    . DC  A 10 ? 0.0879 0.0733 0.0743 -0.0121 -0.0039 -0.0001 10   DC  A C2    
326 O O2    . DC  A 10 ? 0.0798 0.0798 0.0856 -0.0081 0.0056  -0.0007 10   DC  A O2    
327 N N3    . DC  A 10 ? 0.0775 0.0766 0.0736 -0.0090 -0.0116 0.0003  10   DC  A N3    
328 C C4    . DC  A 10 ? 0.0854 0.0781 0.0782 -0.0049 -0.0082 -0.0037 10   DC  A C4    
329 N N4    . DC  A 10 ? 0.0949 0.1033 0.0948 0.0082  -0.0356 0.0144  10   DC  A N4    
330 C C5    . DC  A 10 ? 0.0744 0.0923 0.0828 -0.0006 -0.0055 0.0018  10   DC  A C5    
331 C C6    . DC  A 10 ? 0.0797 0.0797 0.0852 -0.0109 0.0014  -0.0082 10   DC  A C6    
344 O "O5'" A DG  B 1  ? 0.2279 0.2734 0.2889 -0.0442 -0.0650 0.0163  111  DG  B "O5'" 
345 O "O5'" B DG  B 1  ? 0.2101 0.1491 0.1436 0.0188  -0.0022 0.0347  111  DG  B "O5'" 
346 C "C5'" . DG  B 1  ? 0.2365 0.1664 0.2178 -0.0021 -0.0045 0.0535  111  DG  B "C5'" 
347 C "C4'" . DG  B 1  ? 0.2065 0.1694 0.1729 0.0374  0.0797  0.0697  111  DG  B "C4'" 
348 O "O4'" . DG  B 1  ? 0.1955 0.1446 0.1820 -0.0452 0.0159  -0.0008 111  DG  B "O4'" 
349 C "C3'" . DG  B 1  ? 0.2099 0.1736 0.1135 0.0189  0.0147  0.0219  111  DG  B "C3'" 
350 O "O3'" . DG  B 1  ? 0.1577 0.1842 0.1212 -0.0027 0.0326  0.0476  111  DG  B "O3'" 
351 C "C2'" . DG  B 1  ? 0.2306 0.1613 0.1163 0.0386  0.0385  0.0321  111  DG  B "C2'" 
352 C "C1'" . DG  B 1  ? 0.2086 0.1773 0.1216 0.0152  0.0519  0.0210  111  DG  B "C1'" 
353 N N9    . DG  B 1  ? 0.1682 0.0921 0.0938 -0.0026 -0.0072 0.0139  111  DG  B N9    
354 C C8    . DG  B 1  ? 0.1915 0.0967 0.0925 0.0043  -0.0147 0.0115  111  DG  B C8    
355 N N7    . DG  B 1  ? 0.1647 0.0889 0.1244 0.0063  -0.0258 0.0276  111  DG  B N7    
356 C C5    . DG  B 1  ? 0.1236 0.0896 0.0954 -0.0101 -0.0323 0.0191  111  DG  B C5    
357 C C6    . DG  B 1  ? 0.1053 0.0808 0.0972 -0.0068 -0.0249 0.0105  111  DG  B C6    
358 O O6    . DG  B 1  ? 0.1027 0.0902 0.1341 0.0015  -0.0225 0.0193  111  DG  B O6    
359 N N1    . DG  B 1  ? 0.0947 0.0839 0.0886 -0.0026 -0.0227 0.0072  111  DG  B N1    
360 C C2    . DG  B 1  ? 0.0902 0.0844 0.0735 -0.0157 -0.0057 -0.0009 111  DG  B C2    
361 N N2    . DG  B 1  ? 0.0810 0.0918 0.0790 -0.0116 -0.0143 0.0184  111  DG  B N2    
362 N N3    . DG  B 1  ? 0.1158 0.0903 0.0698 -0.0132 -0.0126 0.0097  111  DG  B N3    
363 C C4    . DG  B 1  ? 0.1291 0.0884 0.0732 -0.0108 -0.0163 0.0018  111  DG  B C4    
379 P P     . GCK B 2  ? 0.1621 0.1897 0.0988 0.0127  0.0280  0.0413  112  GCK B P     
380 O O1P   . GCK B 2  ? 0.2106 0.2656 0.1171 0.0135  0.0643  0.0241  112  GCK B O1P   
381 O O2P   . GCK B 2  ? 0.1832 0.2154 0.0872 0.0090  0.0089  0.0408  112  GCK B O2P   
382 O "O5'" . GCK B 2  ? 0.1365 0.1740 0.1099 0.0143  0.0149  0.0222  112  GCK B "O5'" 
383 N N1    . GCK B 2  ? 0.0854 0.1057 0.0814 -0.0199 -0.0082 0.0088  112  GCK B N1    
384 C C6    . GCK B 2  ? 0.1011 0.0968 0.0797 -0.0243 -0.0031 0.0039  112  GCK B C6    
385 C C2    . GCK B 2  ? 0.0785 0.0974 0.0716 -0.0191 -0.0099 -0.0007 112  GCK B C2    
386 O O2    . GCK B 2  ? 0.0828 0.1057 0.0844 -0.0172 0.0033  0.0084  112  GCK B O2    
387 N N3    . GCK B 2  ? 0.0833 0.0939 0.0716 -0.0164 -0.0111 0.0012  112  GCK B N3    
388 C C4    . GCK B 2  ? 0.0994 0.0923 0.0710 -0.0139 -0.0137 -0.0016 112  GCK B C4    
389 N N4    . GCK B 2  ? 0.0999 0.0814 0.0882 -0.0115 -0.0181 0.0123  112  GCK B N4    
390 C C5    . GCK B 2  ? 0.1062 0.1057 0.0799 -0.0166 -0.0172 0.0148  112  GCK B C5    
391 O O8    . GCK B 2  ? 0.1335 0.1328 0.0955 -0.0024 0.0005  0.0364  112  GCK B O8    
392 C C9    . GCK B 2  ? 0.1342 0.0948 0.0876 0.0001  -0.0112 0.0099  112  GCK B C9    
393 C C10   . GCK B 2  ? 0.1964 0.1154 0.0972 0.0252  0.0072  0.0225  112  GCK B C10   
394 C C11   . GCK B 2  ? 0.2363 0.1637 0.1129 0.0859  0.0323  0.0486  112  GCK B C11   
395 C C12   . GCK B 2  ? 0.1846 0.1630 0.1422 0.0495  0.0037  0.0599  112  GCK B C12   
396 C C13   . GCK B 2  ? 0.1559 0.1321 0.1145 0.0329  0.0051  0.0293  112  GCK B C13   
397 C C14   . GCK B 2  ? 0.1366 0.0932 0.0886 0.0055  -0.0062 0.0158  112  GCK B C14   
398 O O15   . GCK B 2  ? 0.1541 0.1643 0.1173 0.0591  0.0168  0.0400  112  GCK B O15   
399 C C16   . GCK B 2  ? 0.1241 0.1357 0.1137 0.0371  -0.0168 0.0166  112  GCK B C16   
400 C C17   . GCK B 2  ? 0.0892 0.1161 0.1188 0.0062  -0.0029 0.0144  112  GCK B C17   
401 N N18   . GCK B 2  ? 0.0983 0.0973 0.0992 0.0097  -0.0147 -0.0013 112  GCK B N18   
402 C C19   . GCK B 2  ? 0.1060 0.1136 0.1232 0.0054  -0.0074 -0.0037 112  GCK B C19   
403 N N20   . GCK B 2  ? 0.0891 0.1294 0.1269 -0.0034 -0.0162 0.0057  112  GCK B N20   
404 N N21   . GCK B 2  ? 0.1057 0.1294 0.1918 0.0104  -0.0006 0.0130  112  GCK B N21   
405 C "C2'" . GCK B 2  ? 0.1049 0.1219 0.1319 -0.0017 0.0098  0.0174  112  GCK B "C2'" 
406 C "C5'" . GCK B 2  ? 0.1360 0.1580 0.1255 0.0135  0.0370  0.0484  112  GCK B "C5'" 
407 C "C4'" . GCK B 2  ? 0.1228 0.1519 0.0980 -0.0084 0.0232  0.0284  112  GCK B "C4'" 
408 O "O4'" . GCK B 2  ? 0.0961 0.1396 0.0992 -0.0272 0.0016  0.0223  112  GCK B "O4'" 
409 C "C1'" . GCK B 2  ? 0.0888 0.1415 0.1084 -0.0140 0.0073  0.0304  112  GCK B "C1'" 
410 C "C3'" . GCK B 2  ? 0.1281 0.1392 0.1107 0.0016  0.0072  0.0144  112  GCK B "C3'" 
411 O "O3'" . GCK B 2  ? 0.1465 0.1374 0.1747 -0.0079 0.0329  0.0073  112  GCK B "O3'" 
433 P P     . DG  B 3  ? 0.2995 0.1661 0.1222 -0.0473 0.0558  -0.0155 113  DG  B P     
434 O OP1   . DG  B 3  ? 0.2589 0.2452 0.1669 -0.0691 0.1102  -0.0592 113  DG  B OP1   
435 O OP2   . DG  B 3  ? 0.3670 0.2283 0.1153 -0.0755 0.0020  0.0369  113  DG  B OP2   
436 O "O5'" . DG  B 3  ? 0.1407 0.1535 0.1281 -0.0136 0.0013  -0.0024 113  DG  B "O5'" 
437 C "C5'" . DG  B 3  ? 0.1008 0.1326 0.1877 -0.0009 0.0219  0.0001  113  DG  B "C5'" 
438 C "C4'" . DG  B 3  ? 0.0843 0.1240 0.1489 0.0113  0.0004  -0.0217 113  DG  B "C4'" 
439 O "O4'" . DG  B 3  ? 0.0759 0.1574 0.1341 0.0058  -0.0157 -0.0363 113  DG  B "O4'" 
440 C "C3'" . DG  B 3  ? 0.0836 0.0986 0.1356 0.0041  0.0114  -0.0174 113  DG  B "C3'" 
441 O "O3'" . DG  B 3  ? 0.0809 0.1261 0.1241 0.0032  0.0220  -0.0298 113  DG  B "O3'" 
442 C "C2'" . DG  B 3  ? 0.0925 0.1329 0.1375 0.0136  0.0153  -0.0379 113  DG  B "C2'" 
443 C "C1'" . DG  B 3  ? 0.0828 0.1422 0.1340 0.0116  0.0028  -0.0323 113  DG  B "C1'" 
444 N N9    . DG  B 3  ? 0.0725 0.1328 0.1057 0.0033  0.0093  -0.0325 113  DG  B N9    
445 C C8    . DG  B 3  ? 0.0766 0.1343 0.1029 -0.0142 0.0023  -0.0379 113  DG  B C8    
446 N N7    . DG  B 3  ? 0.0746 0.1236 0.0881 -0.0137 0.0037  -0.0306 113  DG  B N7    
447 C C5    . DG  B 3  ? 0.0734 0.1141 0.0731 -0.0131 -0.0114 -0.0288 113  DG  B C5    
448 C C6    . DG  B 3  ? 0.0763 0.1216 0.0648 0.0032  -0.0033 -0.0200 113  DG  B C6    
449 O O6    . DG  B 3  ? 0.0928 0.1282 0.0832 0.0059  0.0017  -0.0164 113  DG  B O6    
450 N N1    . DG  B 3  ? 0.0718 0.1177 0.0813 0.0033  -0.0001 -0.0310 113  DG  B N1    
451 C C2    . DG  B 3  ? 0.0789 0.1215 0.0702 0.0001  -0.0076 -0.0177 113  DG  B C2    
452 N N2    . DG  B 3  ? 0.0854 0.1163 0.0939 0.0050  -0.0058 -0.0191 113  DG  B N2    
453 N N3    . DG  B 3  ? 0.0834 0.1153 0.0867 0.0067  -0.0042 -0.0171 113  DG  B N3    
454 C C4    . DG  B 3  ? 0.0755 0.1176 0.1014 0.0017  0.0054  -0.0279 113  DG  B C4    
466 P P     . DT  B 4  ? 0.1069 0.1506 0.1080 -0.0168 0.0239  -0.0292 114  DT  B P     
467 O OP1   . DT  B 4  ? 0.1576 0.1695 0.1979 -0.0316 0.0770  -0.0893 114  DT  B OP1   
468 O OP2   . DT  B 4  ? 0.1513 0.2068 0.0998 -0.0549 0.0085  0.0203  114  DT  B OP2   
469 O "O5'" . DT  B 4  ? 0.0893 0.1187 0.1019 -0.0044 0.0144  -0.0023 114  DT  B "O5'" 
470 C "C5'" . DT  B 4  ? 0.0826 0.1039 0.1128 0.0068  0.0004  -0.0085 114  DT  B "C5'" 
471 C "C4'" . DT  B 4  ? 0.0799 0.0962 0.0878 0.0181  0.0017  0.0058  114  DT  B "C4'" 
472 O "O4'" . DT  B 4  ? 0.0777 0.0928 0.0914 0.0069  -0.0071 0.0022  114  DT  B "O4'" 
473 C "C3'" . DT  B 4  ? 0.0786 0.0913 0.0907 0.0052  -0.0059 -0.0075 114  DT  B "C3'" 
474 O "O3'" . DT  B 4  ? 0.1041 0.0879 0.1134 0.0264  -0.0181 -0.0133 114  DT  B "O3'" 
475 C "C2'" . DT  B 4  ? 0.0786 0.0829 0.0926 0.0040  -0.0059 0.0005  114  DT  B "C2'" 
476 C "C1'" . DT  B 4  ? 0.0787 0.0924 0.0687 0.0178  -0.0041 -0.0001 114  DT  B "C1'" 
477 N N1    . DT  B 4  ? 0.0766 0.0870 0.0726 0.0019  -0.0059 -0.0012 114  DT  B N1    
478 C C2    . DT  B 4  ? 0.0714 0.0766 0.0758 0.0058  -0.0045 -0.0065 114  DT  B C2    
479 O O2    . DT  B 4  ? 0.0820 0.0892 0.0884 0.0057  0.0031  -0.0082 114  DT  B O2    
480 N N3    . DT  B 4  ? 0.0747 0.0922 0.0762 0.0148  -0.0092 -0.0008 114  DT  B N3    
481 C C4    . DT  B 4  ? 0.0761 0.0887 0.0888 -0.0039 -0.0091 -0.0026 114  DT  B C4    
482 O O4    . DT  B 4  ? 0.1003 0.0862 0.0900 0.0107  -0.0079 -0.0053 114  DT  B O4    
483 C C5    . DT  B 4  ? 0.0848 0.0886 0.0733 -0.0042 0.0042  -0.0116 114  DT  B C5    
484 C C7    . DT  B 4  ? 0.0853 0.0917 0.1118 -0.0096 0.0002  0.0070  114  DT  B C7    
485 C C6    . DT  B 4  ? 0.0737 0.0932 0.0726 -0.0042 -0.0047 -0.0111 114  DT  B C6    
498 P P     . DA  B 5  ? 0.1214 0.1020 0.1138 0.0288  -0.0161 -0.0276 115  DA  B P     
499 O OP1   . DA  B 5  ? 0.1540 0.1151 0.1730 0.0452  -0.0429 -0.0631 115  DA  B OP1   
500 O OP2   . DA  B 5  ? 0.1522 0.1380 0.0935 0.0018  0.0062  -0.0143 115  DA  B OP2   
501 O "O5'" . DA  B 5  ? 0.1106 0.0844 0.1238 0.0171  -0.0214 -0.0121 115  DA  B "O5'" 
502 C "C5'" . DA  B 5  ? 0.1158 0.0915 0.1501 0.0162  -0.0305 0.0033  115  DA  B "C5'" 
503 C "C4'" . DA  B 5  ? 0.1133 0.0815 0.1131 -0.0044 -0.0250 0.0142  115  DA  B "C4'" 
504 O "O4'" . DA  B 5  ? 0.1006 0.0853 0.1107 0.0036  -0.0253 0.0055  115  DA  B "O4'" 
505 C "C3'" . DA  B 5  ? 0.1030 0.0776 0.1223 0.0038  -0.0272 -0.0019 115  DA  B "C3'" 
506 O "O3'" . DA  B 5  ? 0.1133 0.0774 0.1133 -0.0056 -0.0222 0.0048  115  DA  B "O3'" 
507 C "C2'" . DA  B 5  ? 0.0903 0.1014 0.0853 0.0051  -0.0132 0.0052  115  DA  B "C2'" 
508 C "C1'" . DA  B 5  ? 0.0989 0.0956 0.0841 0.0075  -0.0153 0.0114  115  DA  B "C1'" 
509 N N9    . DA  B 5  ? 0.0926 0.0948 0.0891 0.0103  -0.0014 0.0034  115  DA  B N9    
510 C C8    . DA  B 5  ? 0.0844 0.0987 0.0845 0.0093  -0.0112 -0.0022 115  DA  B C8    
511 N N7    . DA  B 5  ? 0.0814 0.0865 0.0787 0.0128  -0.0143 -0.0033 115  DA  B N7    
512 C C5    . DA  B 5  ? 0.0801 0.0781 0.0735 0.0046  -0.0080 -0.0080 115  DA  B C5    
513 C C6    . DA  B 5  ? 0.0766 0.0786 0.0752 0.0071  -0.0081 -0.0117 115  DA  B C6    
514 N N6    . DA  B 5  ? 0.0828 0.0728 0.0960 0.0083  -0.0044 -0.0125 115  DA  B N6    
515 N N1    . DA  B 5  ? 0.0838 0.0755 0.0951 0.0076  -0.0063 -0.0206 115  DA  B N1    
516 C C2    . DA  B 5  ? 0.0763 0.0814 0.0946 0.0030  -0.0002 -0.0119 115  DA  B C2    
517 N N3    . DA  B 5  ? 0.0843 0.0865 0.0729 -0.0012 -0.0110 -0.0119 115  DA  B N3    
518 C C4    . DA  B 5  ? 0.0915 0.0832 0.0648 0.0088  -0.0058 0.0014  115  DA  B C4    
530 P P     . DT  B 6  ? 0.1075 0.0776 0.1106 0.0019  -0.0130 -0.0050 116  DT  B P     
531 O OP1   . DT  B 6  ? 0.1335 0.0748 0.1338 -0.0031 -0.0122 -0.0140 116  DT  B OP1   
532 O OP2   . DT  B 6  ? 0.1075 0.0944 0.1211 0.0070  0.0127  -0.0125 116  DT  B OP2   
533 O "O5'" . DT  B 6  ? 0.0984 0.0837 0.0872 -0.0052 -0.0075 0.0031  116  DT  B "O5'" 
534 C "C5'" . DT  B 6  ? 0.1009 0.0900 0.0875 -0.0116 -0.0130 0.0188  116  DT  B "C5'" 
535 C "C4'" . DT  B 6  ? 0.0998 0.0790 0.0681 -0.0099 -0.0019 0.0050  116  DT  B "C4'" 
536 O "O4'" . DT  B 6  ? 0.1005 0.0861 0.0748 -0.0132 -0.0070 0.0143  116  DT  B "O4'" 
537 C "C3'" . DT  B 6  ? 0.0908 0.0829 0.0803 -0.0121 -0.0082 0.0098  116  DT  B "C3'" 
538 O "O3'" . DT  B 6  ? 0.0967 0.0922 0.0856 -0.0225 -0.0183 0.0092  116  DT  B "O3'" 
539 C "C2'" . DT  B 6  ? 0.0858 0.0895 0.0747 -0.0034 0.0055  0.0159  116  DT  B "C2'" 
540 C "C1'" . DT  B 6  ? 0.0860 0.0757 0.0805 0.0070  0.0034  0.0125  116  DT  B "C1'" 
541 N N1    . DT  B 6  ? 0.0934 0.0768 0.0658 0.0015  0.0001  0.0037  116  DT  B N1    
542 C C2    . DT  B 6  ? 0.0938 0.0757 0.0637 -0.0027 -0.0097 -0.0013 116  DT  B C2    
543 O O2    . DT  B 6  ? 0.0954 0.0849 0.1020 0.0117  0.0001  0.0007  116  DT  B O2    
544 N N3    . DT  B 6  ? 0.0982 0.0695 0.0697 0.0037  -0.0081 -0.0080 116  DT  B N3    
545 C C4    . DT  B 6  ? 0.0900 0.0742 0.0581 -0.0034 -0.0046 -0.0035 116  DT  B C4    
546 O O4    . DT  B 6  ? 0.0955 0.0782 0.0903 -0.0073 0.0023  -0.0036 116  DT  B O4    
547 C C5    . DT  B 6  ? 0.0892 0.0776 0.0639 -0.0009 0.0014  0.0003  116  DT  B C5    
548 C C7    . DT  B 6  ? 0.0895 0.0747 0.0912 -0.0002 -0.0052 -0.0007 116  DT  B C7    
549 C C6    . DT  B 6  ? 0.0787 0.0864 0.0784 -0.0108 -0.0180 -0.0025 116  DT  B C6    
561 P P     . DA  B 7  ? 0.1104 0.0937 0.0898 -0.0136 -0.0124 0.0000  117  DA  B P     
562 O OP1   . DA  B 7  ? 0.1524 0.0964 0.1018 -0.0281 -0.0256 0.0000  117  DA  B OP1   
563 O OP2   . DA  B 7  ? 0.1236 0.1089 0.0983 -0.0002 -0.0060 -0.0094 117  DA  B OP2   
564 O "O5'" . DA  B 7  ? 0.1010 0.0951 0.0882 -0.0156 -0.0048 0.0116  117  DA  B "O5'" 
565 C "C5'" . DA  B 7  ? 0.0997 0.1006 0.1015 -0.0198 -0.0151 0.0245  117  DA  B "C5'" 
566 C "C4'" . DA  B 7  ? 0.0890 0.1003 0.0953 -0.0263 -0.0182 0.0208  117  DA  B "C4'" 
567 O "O4'" . DA  B 7  ? 0.1099 0.0967 0.0928 -0.0195 0.0029  0.0120  117  DA  B "O4'" 
568 C "C3'" . DA  B 7  ? 0.0971 0.0913 0.0907 -0.0190 -0.0097 0.0119  117  DA  B "C3'" 
569 O "O3'" . DA  B 7  ? 0.0939 0.0916 0.0966 -0.0282 -0.0140 0.0116  117  DA  B "O3'" 
570 C "C2'" . DA  B 7  ? 0.1145 0.0915 0.1039 -0.0358 -0.0097 0.0147  117  DA  B "C2'" 
571 C "C1'" . DA  B 7  ? 0.0882 0.0940 0.0951 -0.0194 0.0094  0.0057  117  DA  B "C1'" 
572 N N9    . DA  B 7  ? 0.1035 0.0805 0.0761 -0.0097 -0.0031 0.0048  117  DA  B N9    
573 C C8    . DA  B 7  ? 0.0895 0.0826 0.0785 -0.0209 -0.0070 -0.0023 117  DA  B C8    
574 N N7    . DA  B 7  ? 0.0987 0.0869 0.0723 -0.0205 -0.0138 0.0173  117  DA  B N7    
575 C C5    . DA  B 7  ? 0.1000 0.0761 0.0683 -0.0150 -0.0086 -0.0005 117  DA  B C5    
576 C C6    . DA  B 7  ? 0.0919 0.0863 0.0653 -0.0165 0.0010  0.0013  117  DA  B C6    
577 N N6    . DA  B 7  ? 0.0964 0.0671 0.0998 -0.0073 -0.0107 0.0073  117  DA  B N6    
578 N N1    . DA  B 7  ? 0.0965 0.0799 0.0742 -0.0129 -0.0007 0.0109  117  DA  B N1    
579 C C2    . DA  B 7  ? 0.0944 0.0864 0.0856 -0.0172 0.0065  -0.0075 117  DA  B C2    
580 N N3    . DA  B 7  ? 0.0922 0.0826 0.1009 -0.0137 0.0005  0.0043  117  DA  B N3    
581 C C4    . DA  B 7  ? 0.0919 0.0793 0.0580 -0.0162 -0.0023 -0.0040 117  DA  B C4    
593 P P     . DC  B 8  ? 0.1148 0.0805 0.1010 -0.0234 -0.0171 0.0037  118  DC  B P     
594 O OP1   . DC  B 8  ? 0.1310 0.1132 0.1053 -0.0470 -0.0191 -0.0006 118  DC  B OP1   
595 O OP2   . DC  B 8  ? 0.1234 0.0808 0.1252 -0.0005 -0.0085 -0.0031 118  DC  B OP2   
596 O "O5'" . DC  B 8  ? 0.0910 0.0759 0.0953 -0.0160 -0.0093 0.0068  118  DC  B "O5'" 
597 C "C5'" . DC  B 8  ? 0.0870 0.0878 0.0823 -0.0118 -0.0134 0.0157  118  DC  B "C5'" 
598 C "C4'" . DC  B 8  ? 0.0768 0.0891 0.0823 -0.0036 -0.0091 0.0085  118  DC  B "C4'" 
599 O "O4'" . DC  B 8  ? 0.0721 0.0755 0.0868 -0.0149 -0.0010 0.0096  118  DC  B "O4'" 
600 C "C3'" . DC  B 8  ? 0.0907 0.0891 0.0851 -0.0084 -0.0137 0.0035  118  DC  B "C3'" 
601 O "O3'" . DC  B 8  ? 0.0812 0.1107 0.0827 -0.0131 -0.0115 0.0062  118  DC  B "O3'" 
602 C "C2'" . DC  B 8  ? 0.0787 0.0674 0.0819 -0.0044 -0.0046 0.0070  118  DC  B "C2'" 
603 C "C1'" . DC  B 8  ? 0.0718 0.0700 0.0808 -0.0083 -0.0044 0.0049  118  DC  B "C1'" 
604 N N1    . DC  B 8  ? 0.0800 0.0643 0.0659 -0.0014 -0.0071 -0.0023 118  DC  B N1    
605 C C2    . DC  B 8  ? 0.0823 0.0738 0.0575 -0.0083 -0.0085 0.0045  118  DC  B C2    
606 O O2    . DC  B 8  ? 0.0794 0.0734 0.0865 -0.0103 -0.0103 0.0046  118  DC  B O2    
607 N N3    . DC  B 8  ? 0.0746 0.0674 0.0697 -0.0057 -0.0093 -0.0067 118  DC  B N3    
608 C C4    . DC  B 8  ? 0.0828 0.0716 0.0711 0.0010  -0.0103 -0.0026 118  DC  B C4    
609 N N4    . DC  B 8  ? 0.0930 0.0725 0.1321 -0.0086 -0.0322 0.0095  118  DC  B N4    
610 C C5    . DC  B 8  ? 0.0798 0.0701 0.1030 -0.0038 -0.0083 0.0015  118  DC  B C5    
611 C C6    . DC  B 8  ? 0.0882 0.0622 0.0887 0.0005  -0.0070 -0.0053 118  DC  B C6    
623 P P     . DG  B 9  ? 0.0946 0.1150 0.0874 -0.0227 -0.0093 -0.0051 119  DG  B P     
624 O OP1   . DG  B 9  ? 0.0961 0.1711 0.0835 -0.0339 -0.0206 -0.0058 119  DG  B OP1   
625 O OP2   . DG  B 9  ? 0.1320 0.1059 0.1166 -0.0183 0.0071  -0.0078 119  DG  B OP2   
626 O "O5'" . DG  B 9  ? 0.0818 0.0992 0.0947 -0.0104 -0.0054 -0.0066 119  DG  B "O5'" 
627 C "C5'" . DG  B 9  ? 0.0812 0.0975 0.0808 -0.0055 -0.0088 -0.0078 119  DG  B "C5'" 
628 C "C4'" . DG  B 9  ? 0.0706 0.0831 0.0663 0.0039  -0.0106 -0.0052 119  DG  B "C4'" 
629 O "O4'" . DG  B 9  ? 0.0653 0.0973 0.0665 0.0044  -0.0080 -0.0039 119  DG  B "O4'" 
630 C "C3'" . DG  B 9  ? 0.0827 0.0749 0.0702 0.0002  -0.0018 0.0051  119  DG  B "C3'" 
631 O "O3'" . DG  B 9  ? 0.0720 0.1016 0.0710 0.0100  -0.0001 0.0048  119  DG  B "O3'" 
632 C "C2'" . DG  B 9  ? 0.0711 0.0791 0.0726 0.0052  -0.0035 -0.0020 119  DG  B "C2'" 
633 C "C1'" . DG  B 9  ? 0.0713 0.0709 0.0813 0.0019  -0.0101 -0.0053 119  DG  B "C1'" 
634 N N9    . DG  B 9  ? 0.0696 0.0710 0.0703 0.0011  -0.0043 -0.0038 119  DG  B N9    
635 C C8    . DG  B 9  ? 0.0816 0.0682 0.0706 -0.0044 -0.0064 -0.0026 119  DG  B C8    
636 N N7    . DG  B 9  ? 0.0759 0.0640 0.0737 -0.0095 -0.0016 -0.0033 119  DG  B N7    
637 C C5    . DG  B 9  ? 0.0668 0.0714 0.0674 -0.0019 -0.0027 -0.0105 119  DG  B C5    
638 C C6    . DG  B 9  ? 0.0690 0.0689 0.0532 0.0031  0.0024  -0.0031 119  DG  B C6    
639 O O6    . DG  B 9  ? 0.0787 0.0682 0.0715 -0.0062 -0.0103 0.0085  119  DG  B O6    
640 N N1    . DG  B 9  ? 0.0635 0.0688 0.0656 0.0013  -0.0022 -0.0019 119  DG  B N1    
641 C C2    . DG  B 9  ? 0.0651 0.0681 0.0608 -0.0007 0.0022  -0.0014 119  DG  B C2    
642 N N2    . DG  B 9  ? 0.0637 0.0780 0.0711 -0.0025 -0.0081 0.0116  119  DG  B N2    
643 N N3    . DG  B 9  ? 0.0626 0.0729 0.0611 0.0041  -0.0002 -0.0011 119  DG  B N3    
644 C C4    . DG  B 9  ? 0.0684 0.0623 0.0725 0.0095  -0.0032 -0.0122 119  DG  B C4    
656 P P     . DC  B 10 ? 0.0786 0.1242 0.0732 0.0014  -0.0021 -0.0099 120  DC  B P     
657 O OP1   . DC  B 10 ? 0.0908 0.1426 0.0688 0.0087  -0.0058 0.0116  120  DC  B OP1   
658 O OP2   . DC  B 10 ? 0.0958 0.1139 0.0964 -0.0095 -0.0053 -0.0127 120  DC  B OP2   
659 O "O5'" . DC  B 10 ? 0.0753 0.1044 0.0810 0.0058  -0.0047 -0.0034 120  DC  B "O5'" 
660 C "C5'" . DC  B 10 ? 0.0802 0.0997 0.0942 0.0060  -0.0029 -0.0002 120  DC  B "C5'" 
661 C "C4'" . DC  B 10 ? 0.0820 0.0857 0.0676 0.0034  -0.0057 0.0045  120  DC  B "C4'" 
662 O "O4'" . DC  B 10 ? 0.0803 0.0768 0.0731 -0.0018 0.0017  0.0041  120  DC  B "O4'" 
663 C "C3'" . DC  B 10 ? 0.0991 0.0814 0.0729 0.0026  0.0012  0.0040  120  DC  B "C3'" 
664 O "O3'" . DC  B 10 ? 0.1044 0.1024 0.0844 0.0125  0.0161  0.0176  120  DC  B "O3'" 
665 C "C2'" . DC  B 10 ? 0.0926 0.0893 0.0913 0.0204  0.0116  0.0149  120  DC  B "C2'" 
666 C "C1'" . DC  B 10 ? 0.0679 0.0788 0.0852 0.0052  0.0024  0.0104  120  DC  B "C1'" 
667 N N1    . DC  B 10 ? 0.0757 0.0835 0.0665 0.0009  -0.0008 -0.0020 120  DC  B N1    
668 C C2    . DC  B 10 ? 0.0721 0.0795 0.0683 0.0071  -0.0010 0.0018  120  DC  B C2    
669 O O2    . DC  B 10 ? 0.0757 0.0876 0.0802 -0.0022 -0.0005 0.0119  120  DC  B O2    
670 N N3    . DC  B 10 ? 0.0813 0.0865 0.0614 -0.0077 -0.0046 0.0041  120  DC  B N3    
671 C C4    . DC  B 10 ? 0.0868 0.0902 0.0584 -0.0078 -0.0108 -0.0027 120  DC  B C4    
672 N N4    . DC  B 10 ? 0.0933 0.0856 0.0847 -0.0071 -0.0085 0.0075  120  DC  B N4    
673 C C5    . DC  B 10 ? 0.0832 0.0856 0.0585 -0.0036 -0.0063 -0.0128 120  DC  B C5    
674 C C6    . DC  B 10 ? 0.0782 0.0878 0.0645 -0.0042 -0.0031 -0.0095 120  DC  B C6    
687 O "O2'" . MOE C .  ? 0.0889 0.1228 0.1284 0.0168  0.0083  0.0072  306  MOE A "O2'" 
688 C "CA'" . MOE C .  ? 0.1168 0.1316 0.1240 -0.0021 -0.0055 -0.0255 306  MOE A "CA'" 
689 C "CB'" . MOE C .  ? 0.1360 0.1826 0.2248 -0.0473 0.0110  -0.0205 306  MOE A "CB'" 
690 O "OC'" . MOE C .  ? 0.1492 0.3829 0.3692 0.0276  -0.0621 0.0270  306  MOE A "OC'" 
691 C "CD'" . MOE C .  ? 0.1570 0.4297 0.4930 0.0900  -0.0044 -0.0463 306  MOE A "CD'" 
699 N N1    . SPK D .  ? 0.2802 0.3142 0.3997 -0.0672 -0.0809 -0.0079 221  SPK A N1    
700 C C2    . SPK D .  ? 0.2103 0.2172 0.3445 -0.0316 0.0040  -0.0116 221  SPK A C2    
701 C C3    . SPK D .  ? 0.2616 0.2049 0.2103 -0.0792 0.0100  -0.0477 221  SPK A C3    
702 C C4    . SPK D .  ? 0.1962 0.1295 0.2783 -0.0257 0.0328  -0.0068 221  SPK A C4    
703 N N5    . SPK D .  ? 0.1809 0.1339 0.2067 -0.0117 0.0350  -0.0292 221  SPK A N5    
704 C C6    . SPK D .  ? 0.1802 0.1329 0.2599 -0.0292 0.0355  0.0042  221  SPK A C6    
705 C C7    . SPK D .  ? 0.1676 0.1363 0.1241 -0.0251 0.0069  -0.0224 221  SPK A C7    
706 C C8    . SPK D .  ? 0.1521 0.1271 0.1435 -0.0208 0.0035  0.0210  221  SPK A C8    
707 C C9    . SPK D .  ? 0.0886 0.1089 0.0616 0.0068  0.0121  0.0015  221  SPK A C9    
708 N N10   . SPK D .  ? 0.0878 0.0952 0.0494 0.0120  0.0041  0.0140  221  SPK A N10   
709 C C11   . SPK D .  ? 0.0903 0.0905 0.0429 0.0055  0.0071  0.0071  221  SPK A C11   
710 C C12   . SPK D .  ? 0.1124 0.1059 0.0592 -0.0065 -0.0257 0.0128  221  SPK A C12   
711 C C13   . SPK D .  ? 0.0853 0.1191 0.0559 -0.0274 0.0039  0.0096  221  SPK A C13   
712 N N14   . SPK D .  ? 0.0402 0.0972 0.0532 0.0047  -0.0006 0.0028  221  SPK A N14   
743 O "O2'" . MOE E .  ? 0.0835 0.1075 0.0966 -0.0024 -0.0015 0.0124  316  MOE B "O2'" 
744 C "CA'" . MOE E .  ? 0.1203 0.1103 0.1173 0.0214  0.0241  -0.0054 316  MOE B "CA'" 
745 C "CB'" . MOE E .  ? 0.1077 0.1721 0.1605 0.0245  0.0015  0.0092  316  MOE B "CB'" 
746 O "OC'" . MOE E .  ? 0.1543 0.2662 0.1835 -0.0118 -0.0274 -0.0115 316  MOE B "OC'" 
747 C "CD'" . MOE E .  ? 0.1441 0.3116 0.3882 -0.0059 -0.0468 -0.1078 316  MOE B "CD'" 
755 O O     . HOH F .  ? 0.0926 0.1141 0.0872 -0.0162 -0.0043 0.0025  1201 HOH A O     
756 O O     . HOH F .  ? 0.1038 0.1307 0.1000 -0.0301 -0.0244 0.0309  1203 HOH A O     
757 O O     . HOH F .  ? 0.0894 0.1225 0.1464 0.0006  -0.0147 0.0238  1204 HOH A O     
758 O O     . HOH F .  ? 0.1051 0.1487 0.1183 -0.0051 0.0002  0.0027  1206 HOH A O     
759 O O     . HOH F .  ? 0.1134 0.1152 0.1209 0.0053  -0.0042 0.0138  1208 HOH A O     
760 O O     . HOH F .  ? 0.1067 0.1012 0.0961 -0.0215 -0.0120 -0.0022 1209 HOH A O     
761 O O     . HOH F .  ? 0.1254 0.1604 0.1532 0.0278  0.0162  0.0135  1211 HOH A O     
762 O O     . HOH F .  ? 0.1263 0.1314 0.2166 0.0038  -0.0080 0.0015  1212 HOH A O     
763 O O     . HOH F .  ? 0.1463 0.1085 0.1297 0.0029  0.0335  -0.0140 1213 HOH A O     
764 O O     . HOH F .  ? 0.1283 0.1305 0.1685 -0.0053 0.0098  0.0003  1218 HOH A O     
765 O O     . HOH F .  ? 0.1611 0.1394 0.1910 -0.0187 -0.0485 0.0310  1222 HOH A O     
766 O O     . HOH F .  ? 0.1521 0.1111 0.2405 0.0024  0.0610  0.0157  1223 HOH A O     
767 O O     . HOH F .  ? 0.1653 0.1686 0.1548 0.0264  0.0049  0.0099  1224 HOH A O     
768 O O     . HOH F .  ? 0.2983 0.1356 0.1646 0.0235  0.0915  -0.0166 1227 HOH A O     
769 O O     . HOH F .  ? 0.1533 0.1463 0.1343 -0.0100 0.0155  -0.0220 1228 HOH A O     
770 O O     . HOH F .  ? 0.1779 0.1290 0.2233 0.0139  0.0301  -0.0055 1229 HOH A O     
771 O O     . HOH F .  ? 0.3376 0.1726 0.1765 -0.0112 0.0702  -0.0054 1230 HOH A O     
772 O O     . HOH F .  ? 0.2588 0.2649 0.3647 0.0429  -0.0140 0.0961  1231 HOH A O     
773 O O     . HOH F .  ? 0.2267 0.1467 0.1828 -0.0239 -0.0080 0.0079  1232 HOH A O     
774 O O     . HOH F .  ? 0.1576 0.1621 0.1690 -0.0202 -0.0313 0.0222  1233 HOH A O     
775 O O     . HOH F .  ? 0.1307 0.1900 0.1254 -0.0145 0.0205  -0.0050 1236 HOH A O     
776 O O     . HOH F .  ? 0.1689 0.2430 0.1749 -0.0156 -0.0118 -0.0136 1243 HOH A O     
777 O O     . HOH F .  ? 0.1500 0.2547 0.2379 -0.0148 -0.0333 -0.0532 1245 HOH A O     
778 O O     . HOH F .  ? 0.1773 0.1300 0.2370 -0.0168 -0.0197 -0.0090 1246 HOH A O     
779 O O     . HOH F .  ? 0.1668 0.1978 0.1682 0.0176  0.0112  -0.0527 1247 HOH A O     
780 O O     . HOH F .  ? 0.1419 0.1426 0.2849 0.0082  -0.0500 -0.0055 1249 HOH A O     
781 O O     . HOH F .  ? 0.1807 0.2373 0.1487 -0.0119 0.0042  -0.0029 1250 HOH A O     
782 O O     . HOH F .  ? 0.2792 0.1237 0.2882 -0.0208 -0.0948 0.0349  1251 HOH A O     
783 O O     . HOH F .  ? 0.2658 0.2687 0.2266 0.0689  -0.0523 -0.0344 1260 HOH A O     
784 O O     . HOH F .  ? 0.2236 0.2204 0.1919 0.0737  -0.0520 0.0103  1262 HOH A O     
785 O O     . HOH F .  ? 0.2629 0.1281 0.4223 -0.0260 -0.0174 0.0223  1263 HOH A O     
786 O O     . HOH F .  ? 0.3426 0.2908 0.2322 -0.0797 -0.0738 -0.0138 1264 HOH A O     
787 O O     . HOH F .  ? 0.4732 0.3890 0.2886 -0.1001 -0.0385 0.0061  1265 HOH A O     
788 O O     . HOH F .  ? 0.1712 0.4890 0.1564 0.0505  -0.0284 -0.0712 1268 HOH A O     
789 O O     . HOH F .  ? 0.3017 0.2089 0.3319 0.0095  0.0333  -0.1302 1269 HOH A O     
790 O O     . HOH F .  ? 0.2517 0.0963 0.4780 -0.0113 0.0007  0.0501  1270 HOH A O     
791 O O     . HOH F .  ? 0.4129 0.1286 0.1851 -0.0611 0.0209  -0.0103 1277 HOH A O     
792 O O     . HOH F .  ? 0.2601 0.3524 0.1423 0.0150  0.0281  0.0464  1280 HOH A O     
793 O O     . HOH F .  ? 0.3787 0.1923 0.3181 -0.0918 0.0155  0.0541  1282 HOH A O     
794 O O     . HOH F .  ? 0.1973 0.2772 0.2207 0.0069  -0.0009 -0.0041 1283 HOH A O     
795 O O     . HOH F .  ? 0.2980 0.2161 0.4225 -0.0798 -0.1165 0.0367  1284 HOH A O     
796 O O     . HOH F .  ? 0.2581 0.2136 0.4578 -0.0323 -0.0119 0.0131  1289 HOH A O     
797 O O     . HOH F .  ? 0.2862 0.2207 0.3142 -0.0341 -0.1294 0.0070  1290 HOH A O     
798 O O     . HOH F .  ? 0.3243 0.2926 0.4278 0.0068  -0.0038 0.0763  1292 HOH A O     
799 O O     . HOH F .  ? 0.3260 0.2508 0.5054 -0.0460 -0.0028 -0.0112 1296 HOH A O     
800 O O     . HOH F .  ? 0.4858 0.4478 0.4205 -0.0035 -0.0596 0.0336  1301 HOH A O     
801 O O     . HOH F .  ? 0.3349 0.2095 0.4871 -0.0925 -0.1316 -0.0490 1303 HOH A O     
802 O O     . HOH F .  ? 0.2658 0.3846 0.5957 0.0400  0.0534  -0.0185 1309 HOH A O     
803 O O     . HOH F .  ? 0.3729 0.2893 0.5272 0.0965  0.0201  0.0083  1310 HOH A O     
804 O O     . HOH F .  ? 0.4501 0.4292 0.5400 0.0467  0.0463  0.0038  1316 HOH A O     
805 O O     . HOH F .  ? 0.3823 0.2863 0.2894 -0.0777 -0.0607 0.0366  1317 HOH A O     
806 O O     . HOH F .  ? 0.2588 0.3796 0.2566 0.0328  -0.0743 0.0679  1318 HOH A O     
807 O O     . HOH F .  ? 0.3935 0.4666 0.4411 0.0225  -0.0573 -0.0622 1319 HOH A O     
808 O O     . HOH F .  ? 0.3842 0.3434 0.2406 0.0318  -0.0104 0.0159  1320 HOH A O     
809 O O     . HOH F .  ? 0.3385 0.2856 0.3944 -0.0924 0.0720  0.0586  1326 HOH A O     
810 O O     . HOH F .  ? 0.3559 0.3964 0.4179 0.1035  -0.0943 0.0494  1328 HOH A O     
811 O O     . HOH F .  ? 0.2678 0.3908 0.4188 -0.0721 -0.0743 -0.0446 1329 HOH A O     
812 O O     . HOH F .  ? 0.3767 0.4097 0.4954 0.0118  -0.0021 0.0110  1330 HOH A O     
813 O O     . HOH F .  ? 0.5662 0.5399 0.5500 -0.0423 -0.0210 0.0493  1333 HOH A O     
814 O O     . HOH F .  ? 0.3881 0.3198 0.4146 -0.0816 -0.0972 -0.0347 1336 HOH A O     
815 O O     . HOH F .  ? 0.5921 0.4611 0.4989 -0.0147 -0.0254 0.0030  1338 HOH A O     
816 O O     . HOH F .  ? 0.8537 0.8045 0.8433 -0.0408 -0.0090 -0.0032 1339 HOH A O     
817 O O     . HOH F .  ? 0.5771 0.5301 0.4637 0.0853  0.0346  0.0065  1340 HOH A O     
818 O O     . HOH F .  ? 0.5032 0.3796 0.3381 -0.0988 -0.0653 -0.0896 1346 HOH A O     
819 O O     . HOH F .  ? 0.4714 0.2517 0.4012 -0.0720 0.0432  0.0461  1349 HOH A O     
820 O O     . HOH F .  ? 0.2953 0.4706 0.4814 -0.1511 -0.0093 -0.0383 1350 HOH A O     
821 O O     . HOH F .  ? 0.4202 0.3875 0.3329 0.0173  0.0048  -0.0036 1351 HOH A O     
822 O O     . HOH F .  ? 0.4997 0.3847 0.4327 0.0968  -0.0235 -0.0248 1352 HOH A O     
823 O O     . HOH F .  ? 0.2892 0.3853 0.4633 0.1316  0.0310  0.1057  1353 HOH A O     
824 O O     . HOH F .  ? 0.3274 0.4135 0.3862 0.0220  0.0572  -0.1144 1354 HOH A O     
825 O O     . HOH F .  ? 0.4270 0.3537 0.3669 -0.0357 -0.0369 0.0130  1355 HOH A O     
826 O O     . HOH F .  ? 0.3119 0.4855 0.3815 0.0781  0.1132  0.0060  1356 HOH A O     
827 O O     . HOH F .  ? 0.5117 0.3872 0.4252 -0.0485 0.0218  -0.0756 1361 HOH A O     
828 O O     . HOH F .  ? 0.4955 0.3819 0.2947 -0.0347 -0.0422 -0.1114 1362 HOH A O     
829 O O     . HOH F .  ? 0.5745 0.6659 0.4557 -0.0264 -0.0302 -0.0309 1363 HOH A O     
830 O O     . HOH F .  ? 0.3761 0.2959 0.5292 0.0083  0.0228  0.0203  1366 HOH A O     
831 O O     . HOH F .  ? 0.2670 0.2338 0.6002 -0.0625 0.0009  0.0175  1374 HOH A O     
832 O O     . HOH F .  ? 0.4584 0.6040 0.5321 -0.0325 -0.0109 0.0252  1379 HOH A O     
833 O O     . HOH G .  ? 0.0948 0.0809 0.0809 0.0001  0.0032  -0.0022 1200 HOH B O     
834 O O     . HOH G .  ? 0.1394 0.1169 0.1581 -0.0110 -0.0125 -0.0213 1202 HOH B O     
835 O O     . HOH G .  ? 0.1067 0.1212 0.1428 -0.0079 0.0201  0.0129  1205 HOH B O     
836 O O     . HOH G .  ? 0.1130 0.1328 0.1367 -0.0212 -0.0041 -0.0131 1210 HOH B O     
837 O O     . HOH G .  ? 0.1354 0.1307 0.0975 -0.0107 -0.0034 0.0072  1214 HOH B O     
838 O O     . HOH G .  ? 0.1949 0.1820 0.1184 -0.0415 -0.0132 0.0019  1215 HOH B O     
839 O O     . HOH G .  ? 0.1507 0.2103 0.0886 0.0147  -0.0090 0.0089  1216 HOH B O     
840 O O     . HOH G .  ? 0.1058 0.1530 0.1334 0.0118  0.0068  0.0088  1217 HOH B O     
841 O O     . HOH G .  ? 0.1451 0.1558 0.1563 -0.0326 -0.0186 0.0037  1219 HOH B O     
842 O O     . HOH G .  ? 0.1196 0.1130 0.1213 -0.0149 0.0046  0.0073  1220 HOH B O     
843 O O     . HOH G .  ? 0.1491 0.1683 0.1421 -0.0677 -0.0085 -0.0269 1221 HOH B O     
844 O O     . HOH G .  ? 0.1553 0.1417 0.2259 -0.0093 -0.0348 0.0055  1225 HOH B O     
845 O O     . HOH G .  ? 0.1549 0.2938 0.1288 -0.0579 0.0088  0.0057  1235 HOH B O     
846 O O     . HOH G .  ? 0.1495 0.1961 0.2547 -0.0019 0.0116  0.0001  1237 HOH B O     
847 O O     . HOH G .  ? 0.1711 0.2070 0.1728 0.0018  -0.0057 -0.0536 1238 HOH B O     
848 O O     . HOH G .  ? 0.1309 0.2582 0.1599 -0.0068 0.0199  0.0421  1239 HOH B O     
849 O O     . HOH G .  ? 0.3045 0.3085 0.1165 0.1665  0.0158  -0.0198 1240 HOH B O     
850 O O     . HOH G .  ? 0.2104 0.2016 0.1939 -0.0445 0.0331  -0.0701 1241 HOH B O     
851 O O     . HOH G .  ? 0.1185 0.4402 0.1521 -0.0754 0.0266  -0.0898 1242 HOH B O     
852 O O     . HOH G .  ? 0.2257 0.3489 0.2365 -0.0065 0.0118  -0.1104 1244 HOH B O     
853 O O     . HOH G .  ? 0.1663 0.1620 0.1431 0.0067  0.0007  0.0012  1252 HOH B O     
854 O O     . HOH G .  ? 0.2216 0.1508 0.2245 0.0161  0.0491  0.0008  1253 HOH B O     
855 O O     . HOH G .  ? 0.1618 0.2869 0.2395 -0.0086 0.0060  -0.0861 1254 HOH B O     
856 O O     . HOH G .  ? 0.2396 0.1875 0.3684 -0.0183 0.0611  -0.0174 1255 HOH B O     
857 O O     . HOH G .  ? 0.1296 0.2068 0.2720 -0.0305 0.0228  -0.0247 1256 HOH B O     
858 O O     . HOH G .  ? 0.3135 0.1679 0.4217 0.0211  0.0815  -0.0442 1257 HOH B O     
859 O O     . HOH G .  ? 0.1900 0.1751 0.2845 0.0061  -0.0198 0.0418  1258 HOH B O     
860 O O     . HOH G .  ? 0.2519 0.2370 0.1735 -0.0624 -0.0171 -0.0266 1259 HOH B O     
861 O O     . HOH G .  ? 0.2239 0.2273 0.1573 -0.0589 0.0341  -0.0129 1261 HOH B O     
862 O O     . HOH G .  ? 0.3289 0.1290 0.2336 -0.0115 0.0518  -0.0049 1266 HOH B O     
863 O O     . HOH G .  ? 0.3085 0.1831 0.3391 0.0894  -0.0380 0.0397  1267 HOH B O     
864 O O     . HOH G .  ? 0.2290 0.2019 0.3249 -0.0017 -0.0667 0.0431  1271 HOH B O     
865 O O     . HOH G .  ? 0.2917 0.2809 0.3178 0.0823  -0.0948 -0.0416 1272 HOH B O     
866 O O     . HOH G .  ? 0.2069 0.2293 0.2247 -0.0344 -0.0060 0.0103  1273 HOH B O     
867 O O     . HOH G .  ? 0.2743 0.5276 0.1691 -0.1618 0.0248  -0.0596 1274 HOH B O     
868 O O     . HOH G .  ? 0.4684 0.3179 0.2927 -0.0154 -0.0339 -0.0511 1276 HOH B O     
869 O O     . HOH G .  ? 0.1937 0.2494 0.2560 -0.0534 0.0170  -0.0839 1278 HOH B O     
870 O O     . HOH G .  ? 0.2420 0.1840 0.1602 0.0521  0.0232  0.0025  1279 HOH B O     
871 O O     . HOH G .  ? 0.6332 0.5432 0.5055 0.0406  -0.0224 0.0711  1281 HOH B O     
872 O O     . HOH G .  ? 0.3930 0.3557 0.2735 -0.0180 -0.0087 -0.1098 1286 HOH B O     
873 O O     . HOH G .  ? 0.3328 0.3011 0.3777 -0.1236 -0.0706 0.1840  1287 HOH B O     
874 O O     . HOH G .  ? 0.2929 0.4108 0.4013 -0.0116 0.0242  -0.0413 1288 HOH B O     
875 O O     . HOH G .  ? 0.3076 0.2046 0.3662 0.1132  0.0148  0.0721  1291 HOH B O     
876 O O     . HOH G .  ? 0.3546 0.1985 0.2020 0.0115  -0.0057 0.0275  1293 HOH B O     
877 O O     . HOH G .  ? 0.1994 0.3477 0.2450 0.0299  -0.0428 0.0476  1294 HOH B O     
878 O O     . HOH G .  ? 0.3597 0.2691 0.5273 -0.1140 0.0746  0.0234  1295 HOH B O     
879 O O     . HOH G .  ? 0.3878 0.2334 0.1947 0.0106  0.0147  0.0003  1297 HOH B O     
880 O O     . HOH G .  ? 0.2916 0.2059 0.4495 0.0335  -0.0216 0.0109  1298 HOH B O     
881 O O     . HOH G .  ? 0.2393 0.3744 0.2190 -0.0130 -0.0006 -0.0743 1299 HOH B O     
882 O O     . HOH G .  ? 0.4007 0.3625 0.2499 0.0602  0.0473  0.0783  1300 HOH B O     
883 O O     . HOH G .  ? 0.3646 0.4171 0.1872 0.1038  0.1022  0.0672  1304 HOH B O     
884 O O     . HOH G .  ? 0.2338 0.4888 0.2041 0.0810  0.0154  -0.0643 1305 HOH B O     
885 O O     . HOH G .  ? 0.4608 0.5276 0.3976 -0.0426 -0.0443 0.0276  1307 HOH B O     
886 O O     . HOH G .  ? 0.3887 0.4379 0.4759 -0.0065 0.0431  -0.0592 1308 HOH B O     
887 O O     . HOH G .  ? 0.3759 0.3780 0.5108 0.0183  0.0597  0.0345  1311 HOH B O     
888 O O     . HOH G .  ? 0.4385 0.4885 0.4131 -0.0305 -0.0136 -0.0197 1313 HOH B O     
889 O O     . HOH G .  ? 0.2113 0.4441 0.2846 0.0096  -0.0059 -0.0005 1314 HOH B O     
890 O O     . HOH G .  ? 0.2088 0.2799 0.2682 -0.0648 0.0046  -0.0563 1315 HOH B O     
891 O O     . HOH G .  ? 0.3106 0.3193 0.2240 -0.0434 0.0274  0.0015  1322 HOH B O     
892 O O     . HOH G .  ? 0.2680 0.4107 0.2497 0.0822  -0.0224 -0.1058 1323 HOH B O     
893 O O     . HOH G .  ? 0.5049 0.4209 0.4601 -0.0664 -0.0246 -0.0394 1325 HOH B O     
894 O O     . HOH G .  ? 0.2630 0.3732 0.3666 0.0741  0.1071  0.0366  1327 HOH B O     
895 O O     . HOH G .  ? 0.4083 0.4272 0.5081 0.0405  -0.0613 0.0536  1332 HOH B O     
896 O O     . HOH G .  ? 0.4189 0.4408 0.4941 0.0327  0.0248  -0.0015 1334 HOH B O     
897 O O     . HOH G .  ? 0.3520 0.2979 0.2269 0.0367  0.0165  0.0257  1335 HOH B O     
898 O O     . HOH G .  ? 0.2297 0.4287 0.4438 0.0232  0.0142  -0.0151 1342 HOH B O     
899 O O     . HOH G .  ? 0.6316 0.5969 0.6220 0.0461  0.0086  0.0408  1343 HOH B O     
900 O O     . HOH G .  ? 0.4287 0.4708 0.5267 0.0226  -0.0075 -0.0217 1348 HOH B O     
901 O O     . HOH G .  ? 0.4222 0.3395 0.3923 0.0263  0.0366  0.0492  1359 HOH B O     
902 O O     . HOH G .  ? 0.3853 0.5159 0.3353 -0.0426 0.0570  0.0347  1367 HOH B O     
903 O O     . HOH G .  ? 0.3610 0.2452 0.5056 0.0333  -0.0315 0.0606  1368 HOH B O     
904 O O     . HOH G .  ? 0.3049 0.3459 0.3288 -0.0929 -0.0274 0.0638  1370 HOH B O     
905 O O     . HOH G .  ? 0.3565 0.5713 0.4073 -0.0175 -0.1004 -0.0320 1372 HOH B O     
906 O O     . HOH G .  ? 0.5000 0.3754 0.3917 0.0079  0.0039  -0.0264 1373 HOH B O     
907 O O     . HOH G .  ? 0.2602 0.4675 0.4999 0.0687  0.0252  -0.0194 1375 HOH B O     
908 O O     . HOH G .  ? 0.4442 0.4666 0.4642 0.0118  0.0223  0.0119  1377 HOH B O     
909 O O     . HOH G .  ? 0.3986 0.3915 0.4760 -0.0110 0.0422  0.0029  1378 HOH B O     
# 
